data_6C7D
#
_entry.id   6C7D
#
_cell.length_a   55.914
_cell.length_b   73.703
_cell.length_c   91.108
_cell.angle_alpha   109.560
_cell.angle_beta   91.240
_cell.angle_gamma   91.030
#
_symmetry.space_group_name_H-M   'P 1'
#
loop_
_entity.id
_entity.type
_entity.pdbx_description
1 polymer "cGMP-dependent 3',5'-cyclic phosphodiesterase"
2 non-polymer 1-(2-chlorophenyl)-4-methyl-N-[(3s,5s,7s)-tricyclo[3.3.1.1~3,7~]decan-1-yl][1,2,4]triazolo[4,3-a]quinoxaline-8-carboxamide
3 non-polymer 'ZINC ION'
4 non-polymer 'MAGNESIUM ION'
5 water water
#
_entity_poly.entity_id   1
_entity_poly.type   'polypeptide(L)'
_entity_poly.pdbx_seq_one_letter_code
;SAMDDEYTKLLHDGIQPVAAIDSNFASFTYTPRSLPEDDTSMAILSMLQDMNFINNYKIDCPTLARFCLMVKKGYRDPPY
HNWMHAFSVSHFCYLLYKNLELTNYLEDIEIFALFISCMCHDLDHRGTNNSFQVASKSVLAALYSSEGSVMERHHFAQAI
AILNTHGCNIFDHFSRKDYQRMLDLMRDIILATDLAHHLRIFKDLQKMAEVGYDRNNKQHHRLLLCLLMTSCDLSDQTKG
WKTTRKIAELIYKEFFSQGDLEKAMGNRPMEMMDREKAYIPELQISFMEHIAMPIYKLLQDLFPKAAELYERVASNREHW
TKVSHKFTIRGLPSNNSLDFLD
;
_entity_poly.pdbx_strand_id   A,B,C,D
#
loop_
_chem_comp.id
_chem_comp.type
_chem_comp.name
_chem_comp.formula
EOJ non-polymer 1-(2-chlorophenyl)-4-methyl-N-[(3s,5s,7s)-tricyclo[3.3.1.1~3,7~]decan-1-yl][1,2,4]triazolo[4,3-a]quinoxaline-8-carboxamide 'C27 H26 Cl N5 O'
MG non-polymer 'MAGNESIUM ION' 'Mg 2'
ZN non-polymer 'ZINC ION' 'Zn 2'
#
# COMPACT_ATOMS: atom_id res chain seq x y z
N SER A 1 14.88 10.87 -16.18
CA SER A 1 14.36 11.58 -15.02
C SER A 1 14.67 13.07 -15.09
N ALA A 2 13.65 13.88 -14.88
CA ALA A 2 13.79 15.32 -15.01
C ALA A 2 14.75 15.87 -13.97
N MET A 3 14.52 15.53 -12.71
CA MET A 3 15.25 16.15 -11.62
C MET A 3 16.76 15.91 -11.72
N ASP A 4 17.16 14.70 -12.07
CA ASP A 4 18.57 14.40 -12.15
C ASP A 4 19.24 15.25 -13.25
N ASP A 5 18.54 15.52 -14.34
CA ASP A 5 19.11 16.38 -15.38
C ASP A 5 19.10 17.83 -14.97
N GLU A 6 18.09 18.23 -14.22
CA GLU A 6 18.06 19.59 -13.70
C GLU A 6 19.21 19.76 -12.71
N TYR A 7 19.43 18.72 -11.91
CA TYR A 7 20.54 18.67 -10.95
C TYR A 7 21.91 18.77 -11.64
N THR A 8 22.08 17.98 -12.70
CA THR A 8 23.35 17.94 -13.41
C THR A 8 23.78 19.32 -13.93
N LYS A 9 22.83 20.05 -14.52
CA LYS A 9 23.13 21.41 -14.96
C LYS A 9 23.36 22.33 -13.77
N LEU A 10 22.47 22.27 -12.80
CA LEU A 10 22.53 23.17 -11.67
C LEU A 10 23.87 23.05 -10.93
N LEU A 11 24.40 21.82 -10.89
CA LEU A 11 25.68 21.53 -10.24
C LEU A 11 26.91 21.87 -11.09
N HIS A 12 26.90 21.44 -12.35
CA HIS A 12 28.11 21.50 -13.16
C HIS A 12 28.25 22.77 -14.00
N ASP A 13 27.16 23.48 -14.23
CA ASP A 13 27.19 24.62 -15.16
C ASP A 13 27.86 25.84 -14.54
N GLY A 14 27.59 26.05 -13.26
CA GLY A 14 28.07 27.23 -12.58
C GLY A 14 26.90 28.07 -12.10
N ILE A 15 27.18 28.94 -11.15
CA ILE A 15 26.14 29.79 -10.55
C ILE A 15 26.12 31.18 -11.20
N GLN A 16 24.96 31.55 -11.73
CA GLN A 16 24.78 32.84 -12.38
C GLN A 16 24.90 33.98 -11.38
N PRO A 17 25.61 35.05 -11.75
CA PRO A 17 25.69 36.22 -10.85
C PRO A 17 24.31 36.82 -10.66
N VAL A 18 23.98 37.24 -9.45
CA VAL A 18 22.65 37.79 -9.19
C VAL A 18 22.24 38.93 -10.12
N ALA A 19 23.18 39.80 -10.50
CA ALA A 19 22.84 40.91 -11.39
C ALA A 19 22.38 40.43 -12.75
N ALA A 20 22.81 39.23 -13.15
CA ALA A 20 22.43 38.72 -14.45
C ALA A 20 20.99 38.24 -14.40
N ILE A 21 20.50 37.94 -13.20
CA ILE A 21 19.10 37.53 -13.07
C ILE A 21 18.21 38.71 -13.38
N ASP A 22 18.49 39.83 -12.72
CA ASP A 22 17.80 41.09 -12.99
C ASP A 22 18.64 42.23 -12.42
N SER A 23 18.66 43.35 -13.12
CA SER A 23 19.47 44.49 -12.70
C SER A 23 18.96 45.06 -11.38
N ASN A 24 17.67 44.89 -11.10
CA ASN A 24 17.09 45.37 -9.87
C ASN A 24 16.77 44.24 -8.90
N PHE A 25 17.44 43.10 -9.07
CA PHE A 25 17.08 41.90 -8.33
C PHE A 25 17.19 42.13 -6.82
N ALA A 26 18.06 43.04 -6.41
CA ALA A 26 18.26 43.28 -4.98
C ALA A 26 17.49 44.50 -4.47
N SER A 27 16.51 44.96 -5.25
CA SER A 27 15.70 46.11 -4.83
C SER A 27 14.37 45.69 -4.24
N PHE A 28 13.92 46.43 -3.24
CA PHE A 28 12.57 46.29 -2.69
C PHE A 28 11.49 46.47 -3.77
N THR A 29 11.80 47.11 -4.88
CA THR A 29 10.79 47.28 -5.95
C THR A 29 10.70 46.08 -6.88
N TYR A 30 11.65 45.14 -6.79
CA TYR A 30 11.65 44.01 -7.70
C TYR A 30 10.57 42.99 -7.29
N THR A 31 9.93 42.39 -8.28
CA THR A 31 8.88 41.39 -8.05
C THR A 31 9.37 39.99 -8.45
N PRO A 32 9.79 39.18 -7.46
CA PRO A 32 10.40 37.88 -7.78
C PRO A 32 9.46 36.96 -8.54
N ARG A 33 8.16 37.16 -8.40
CA ARG A 33 7.19 36.37 -9.15
C ARG A 33 7.31 36.62 -10.67
N SER A 34 8.06 37.64 -11.07
CA SER A 34 8.33 37.90 -12.49
C SER A 34 9.32 36.90 -13.07
N LEU A 35 10.12 36.30 -12.19
CA LEU A 35 11.11 35.34 -12.63
C LEU A 35 10.42 34.05 -13.05
N PRO A 36 10.73 33.55 -14.24
CA PRO A 36 10.20 32.25 -14.68
C PRO A 36 10.54 31.16 -13.68
N GLU A 37 9.58 30.28 -13.41
CA GLU A 37 9.76 29.26 -12.39
C GLU A 37 10.96 28.36 -12.69
N ASP A 38 11.21 28.09 -13.96
CA ASP A 38 12.39 27.32 -14.37
C ASP A 38 13.74 27.97 -14.02
N ASP A 39 13.73 29.24 -13.65
CA ASP A 39 14.95 29.97 -13.28
C ASP A 39 15.13 30.12 -11.78
N THR A 40 14.15 29.64 -11.01
CA THR A 40 14.14 29.96 -9.60
C THR A 40 15.17 29.18 -8.81
N SER A 41 15.44 27.93 -9.18
CA SER A 41 16.43 27.16 -8.41
C SER A 41 17.82 27.76 -8.58
N MET A 42 18.13 28.17 -9.81
CA MET A 42 19.39 28.88 -10.06
C MET A 42 19.47 30.16 -9.23
N ALA A 43 18.37 30.91 -9.18
CA ALA A 43 18.34 32.15 -8.41
C ALA A 43 18.53 31.91 -6.91
N ILE A 44 17.94 30.83 -6.38
CA ILE A 44 18.22 30.44 -5.00
C ILE A 44 19.72 30.27 -4.78
N LEU A 45 20.36 29.49 -5.64
CA LEU A 45 21.81 29.32 -5.57
C LEU A 45 22.56 30.65 -5.65
N SER A 46 22.10 31.52 -6.54
CA SER A 46 22.74 32.83 -6.71
C SER A 46 22.66 33.65 -5.43
N MET A 47 21.50 33.64 -4.79
CA MET A 47 21.30 34.40 -3.56
C MET A 47 22.16 33.84 -2.41
N LEU A 48 22.20 32.53 -2.30
CA LEU A 48 23.01 31.85 -1.28
C LEU A 48 24.47 32.23 -1.46
N GLN A 49 24.93 32.18 -2.70
CA GLN A 49 26.28 32.65 -3.02
C GLN A 49 26.47 34.14 -2.66
N ASP A 50 25.56 34.99 -3.10
CA ASP A 50 25.76 36.44 -2.90
C ASP A 50 25.71 36.85 -1.43
N MET A 51 25.01 36.06 -0.61
CA MET A 51 24.93 36.30 0.82
C MET A 51 26.14 35.68 1.52
N ASN A 52 26.97 34.99 0.74
CA ASN A 52 28.20 34.34 1.19
C ASN A 52 28.01 33.14 2.11
N PHE A 53 26.82 32.55 2.11
CA PHE A 53 26.54 31.40 2.95
C PHE A 53 27.30 30.18 2.49
N ILE A 54 27.46 30.05 1.18
CA ILE A 54 28.11 28.87 0.61
C ILE A 54 29.57 28.81 1.02
N ASN A 55 30.21 29.97 0.99
CA ASN A 55 31.59 30.04 1.41
C ASN A 55 31.74 30.02 2.93
N ASN A 56 30.97 30.86 3.62
CA ASN A 56 31.12 30.94 5.08
C ASN A 56 30.92 29.59 5.74
N TYR A 57 29.90 28.86 5.30
CA TYR A 57 29.60 27.58 5.92
C TYR A 57 30.16 26.35 5.17
N LYS A 58 30.94 26.61 4.12
CA LYS A 58 31.61 25.55 3.35
C LYS A 58 30.58 24.51 2.90
N ILE A 59 29.50 24.97 2.28
CA ILE A 59 28.41 24.09 1.90
C ILE A 59 28.87 23.27 0.70
N ASP A 60 28.68 21.96 0.78
CA ASP A 60 28.96 21.09 -0.34
C ASP A 60 28.02 21.41 -1.51
N CYS A 61 28.60 21.64 -2.70
CA CYS A 61 27.79 22.13 -3.81
C CYS A 61 26.85 21.06 -4.40
N PRO A 62 27.32 19.80 -4.56
CA PRO A 62 26.38 18.76 -4.94
C PRO A 62 25.22 18.62 -3.95
N THR A 63 25.53 18.67 -2.66
CA THR A 63 24.52 18.55 -1.62
C THR A 63 23.51 19.71 -1.69
N LEU A 64 24.03 20.91 -1.91
CA LEU A 64 23.20 22.10 -1.95
C LEU A 64 22.27 22.08 -3.15
N ALA A 65 22.79 21.68 -4.31
CA ALA A 65 22.01 21.59 -5.54
C ALA A 65 20.89 20.58 -5.36
N ARG A 66 21.21 19.43 -4.79
CA ARG A 66 20.17 18.43 -4.51
C ARG A 66 19.16 18.98 -3.52
N PHE A 67 19.65 19.62 -2.46
CA PHE A 67 18.75 20.16 -1.43
C PHE A 67 17.75 21.17 -2.01
N CYS A 68 18.25 22.11 -2.79
CA CYS A 68 17.37 23.14 -3.36
C CYS A 68 16.28 22.55 -4.26
N LEU A 69 16.65 21.55 -5.06
CA LEU A 69 15.69 20.89 -5.93
C LEU A 69 14.69 20.06 -5.16
N MET A 70 15.19 19.38 -4.13
CA MET A 70 14.30 18.63 -3.25
C MET A 70 13.27 19.54 -2.56
N VAL A 71 13.71 20.73 -2.15
CA VAL A 71 12.81 21.69 -1.48
C VAL A 71 11.76 22.17 -2.50
N LYS A 72 12.20 22.52 -3.71
CA LYS A 72 11.27 22.96 -4.76
C LYS A 72 10.21 21.88 -5.05
N LYS A 73 10.67 20.64 -5.14
CA LYS A 73 9.84 19.49 -5.46
C LYS A 73 8.97 19.09 -4.26
N GLY A 74 9.26 19.67 -3.09
CA GLY A 74 8.48 19.38 -1.89
C GLY A 74 7.23 20.24 -1.75
N TYR A 75 7.01 21.13 -2.71
CA TYR A 75 5.78 21.93 -2.77
C TYR A 75 4.79 21.35 -3.77
N ARG A 76 3.52 21.33 -3.41
CA ARG A 76 2.47 20.98 -4.36
C ARG A 76 2.05 22.22 -5.12
N ASP A 77 0.93 22.13 -5.85
CA ASP A 77 0.52 23.22 -6.73
C ASP A 77 -0.86 23.83 -6.40
N PRO A 78 -1.13 24.15 -5.11
CA PRO A 78 -2.38 24.88 -4.87
C PRO A 78 -2.23 26.30 -5.38
N PRO A 79 -3.33 27.06 -5.47
CA PRO A 79 -3.19 28.38 -6.11
C PRO A 79 -2.14 29.30 -5.46
N TYR A 80 -2.03 29.29 -4.13
CA TYR A 80 -1.11 30.22 -3.48
C TYR A 80 0.11 29.55 -2.83
N HIS A 81 -0.11 28.47 -2.05
CA HIS A 81 0.99 27.90 -1.26
C HIS A 81 1.78 26.86 -2.04
N ASN A 82 2.49 27.36 -3.03
CA ASN A 82 3.26 26.55 -3.97
C ASN A 82 4.71 27.02 -3.95
N TRP A 83 5.56 26.46 -4.82
CA TRP A 83 6.98 26.81 -4.77
C TRP A 83 7.22 28.30 -5.07
N MET A 84 6.43 28.90 -5.95
CA MET A 84 6.68 30.30 -6.28
C MET A 84 6.43 31.20 -5.06
N HIS A 85 5.54 30.78 -4.17
CA HIS A 85 5.38 31.51 -2.93
C HIS A 85 6.64 31.39 -2.05
N ALA A 86 7.09 30.17 -1.85
CA ALA A 86 8.29 29.94 -1.05
C ALA A 86 9.49 30.66 -1.66
N PHE A 87 9.59 30.68 -3.00
CA PHE A 87 10.67 31.42 -3.66
C PHE A 87 10.57 32.92 -3.40
N SER A 88 9.37 33.52 -3.57
CA SER A 88 9.24 34.96 -3.33
C SER A 88 9.45 35.31 -1.86
N VAL A 89 9.08 34.42 -0.95
CA VAL A 89 9.35 34.63 0.47
C VAL A 89 10.86 34.65 0.73
N SER A 90 11.57 33.67 0.16
CA SER A 90 13.03 33.58 0.30
C SER A 90 13.70 34.82 -0.31
N HIS A 91 13.19 35.27 -1.45
CA HIS A 91 13.75 36.43 -2.11
C HIS A 91 13.63 37.65 -1.22
N PHE A 92 12.51 37.78 -0.51
CA PHE A 92 12.36 38.92 0.38
C PHE A 92 13.39 38.85 1.50
N CYS A 93 13.62 37.65 2.01
CA CYS A 93 14.68 37.46 3.00
C CYS A 93 16.01 38.01 2.47
N TYR A 94 16.33 37.63 1.24
CA TYR A 94 17.51 38.16 0.55
C TYR A 94 17.47 39.69 0.46
N LEU A 95 16.33 40.27 0.14
CA LEU A 95 16.20 41.73 0.13
C LEU A 95 16.53 42.36 1.49
N LEU A 96 15.98 41.77 2.56
CA LEU A 96 16.23 42.27 3.91
C LEU A 96 17.73 42.25 4.20
N TYR A 97 18.38 41.14 3.85
CA TYR A 97 19.84 41.04 3.95
C TYR A 97 20.56 42.16 3.18
N LYS A 98 20.17 42.36 1.91
CA LYS A 98 20.89 43.33 1.06
C LYS A 98 20.56 44.78 1.39
N ASN A 99 19.41 45.04 2.00
CA ASN A 99 19.01 46.41 2.27
C ASN A 99 19.05 46.90 3.71
N LEU A 100 19.10 45.99 4.69
CA LEU A 100 18.89 46.38 6.09
C LEU A 100 20.02 46.16 7.12
N GLU A 101 21.16 45.60 6.71
CA GLU A 101 22.27 45.30 7.65
C GLU A 101 21.84 44.38 8.80
N LEU A 102 21.34 43.20 8.46
CA LEU A 102 20.90 42.27 9.50
C LEU A 102 22.02 41.87 10.45
N THR A 103 23.26 41.94 9.97
CA THR A 103 24.42 41.52 10.75
C THR A 103 24.72 42.45 11.91
N ASN A 104 23.98 43.54 12.02
CA ASN A 104 24.06 44.40 13.19
C ASN A 104 23.09 43.95 14.29
N TYR A 105 22.19 43.03 13.95
CA TYR A 105 21.14 42.57 14.84
C TYR A 105 21.25 41.09 15.14
N LEU A 106 21.62 40.32 14.12
CA LEU A 106 21.53 38.87 14.20
C LEU A 106 22.87 38.19 13.98
N GLU A 107 23.03 37.02 14.55
CA GLU A 107 24.21 36.21 14.29
C GLU A 107 24.18 35.69 12.85
N ASP A 108 25.34 35.37 12.30
CA ASP A 108 25.39 34.82 10.95
C ASP A 108 24.49 33.60 10.82
N ILE A 109 24.55 32.71 11.81
CA ILE A 109 23.83 31.46 11.70
C ILE A 109 22.31 31.67 11.76
N GLU A 110 21.88 32.73 12.45
CA GLU A 110 20.46 33.06 12.51
C GLU A 110 19.97 33.58 11.16
N ILE A 111 20.80 34.37 10.50
CA ILE A 111 20.41 34.92 9.20
C ILE A 111 20.32 33.75 8.20
N PHE A 112 21.29 32.83 8.30
CA PHE A 112 21.32 31.64 7.46
C PHE A 112 20.08 30.79 7.71
N ALA A 113 19.75 30.56 8.97
CA ALA A 113 18.55 29.78 9.31
C ALA A 113 17.28 30.44 8.80
N LEU A 114 17.24 31.77 8.87
CA LEU A 114 16.05 32.50 8.40
C LEU A 114 15.80 32.19 6.93
N PHE A 115 16.84 32.27 6.13
CA PHE A 115 16.71 32.08 4.67
C PHE A 115 16.31 30.65 4.32
N ILE A 116 16.99 29.67 4.91
CA ILE A 116 16.63 28.28 4.68
C ILE A 116 15.20 28.02 5.16
N SER A 117 14.82 28.66 6.27
CA SER A 117 13.47 28.46 6.78
C SER A 117 12.45 29.02 5.80
N CYS A 118 12.76 30.16 5.19
CA CYS A 118 11.89 30.74 4.15
C CYS A 118 11.68 29.76 2.99
N MET A 119 12.76 29.14 2.50
CA MET A 119 12.62 28.14 1.44
C MET A 119 11.67 27.00 1.84
N CYS A 120 11.74 26.59 3.10
CA CYS A 120 11.06 25.36 3.57
C CYS A 120 9.70 25.59 4.27
N HIS A 121 9.36 26.84 4.52
CA HIS A 121 8.38 27.13 5.57
C HIS A 121 6.94 26.68 5.24
N ASP A 122 6.64 26.36 3.98
CA ASP A 122 5.28 25.93 3.64
C ASP A 122 5.30 24.57 2.94
N LEU A 123 6.39 23.83 3.13
CA LEU A 123 6.59 22.54 2.45
C LEU A 123 5.39 21.61 2.55
N ASP A 124 4.98 21.06 1.39
CA ASP A 124 3.89 20.08 1.28
C ASP A 124 2.53 20.65 1.69
N HIS A 125 2.37 21.95 1.57
CA HIS A 125 1.08 22.59 1.86
C HIS A 125 0.01 22.04 0.93
N ARG A 126 -1.18 21.74 1.45
CA ARG A 126 -2.20 21.13 0.60
C ARG A 126 -3.30 22.13 0.25
N GLY A 127 -3.06 23.40 0.55
CA GLY A 127 -4.04 24.43 0.30
C GLY A 127 -5.14 24.52 1.34
N THR A 128 -4.89 23.96 2.53
CA THR A 128 -5.87 24.07 3.60
C THR A 128 -5.19 24.52 4.88
N ASN A 129 -5.95 25.15 5.78
CA ASN A 129 -5.34 25.71 6.99
C ASN A 129 -5.37 24.73 8.16
N ASN A 130 -5.00 25.21 9.34
CA ASN A 130 -4.90 24.33 10.50
C ASN A 130 -6.24 23.82 10.97
N SER A 131 -7.26 24.68 10.98
CA SER A 131 -8.56 24.26 11.48
C SER A 131 -9.10 23.12 10.62
N PHE A 132 -8.87 23.22 9.31
CA PHE A 132 -9.30 22.17 8.39
C PHE A 132 -8.65 20.84 8.69
N GLN A 133 -7.39 20.87 9.12
CA GLN A 133 -6.71 19.61 9.47
C GLN A 133 -7.47 18.89 10.56
N VAL A 134 -7.80 19.60 11.63
CA VAL A 134 -8.57 19.03 12.70
C VAL A 134 -10.00 18.66 12.27
N ALA A 135 -10.65 19.56 11.55
CA ALA A 135 -12.04 19.35 11.16
C ALA A 135 -12.18 18.10 10.28
N SER A 136 -11.22 17.90 9.39
CA SER A 136 -11.26 16.79 8.46
C SER A 136 -10.57 15.56 9.04
N LYS A 137 -10.06 15.69 10.27
CA LYS A 137 -9.31 14.60 10.92
C LYS A 137 -8.23 14.01 10.00
N SER A 138 -7.38 14.90 9.49
CA SER A 138 -6.32 14.46 8.62
C SER A 138 -5.23 13.77 9.42
N VAL A 139 -4.35 13.09 8.70
CA VAL A 139 -3.17 12.49 9.29
C VAL A 139 -2.33 13.53 10.02
N LEU A 140 -2.24 14.74 9.46
CA LEU A 140 -1.41 15.78 10.07
C LEU A 140 -1.98 16.18 11.44
N ALA A 141 -3.30 16.26 11.55
CA ALA A 141 -3.92 16.58 12.83
C ALA A 141 -3.70 15.45 13.82
N ALA A 142 -3.73 14.22 13.30
CA ALA A 142 -3.53 13.06 14.15
C ALA A 142 -2.13 13.10 14.79
N LEU A 143 -1.18 13.62 14.03
CA LEU A 143 0.20 13.77 14.51
C LEU A 143 0.35 14.93 15.48
N TYR A 144 -0.21 16.09 15.14
CA TYR A 144 0.22 17.35 15.74
C TYR A 144 -0.86 18.20 16.44
N SER A 145 -2.13 17.82 16.35
CA SER A 145 -3.20 18.68 16.86
C SER A 145 -3.10 18.95 18.38
N SER A 146 -2.44 18.06 19.11
CA SER A 146 -2.31 18.23 20.55
C SER A 146 -1.28 19.32 20.88
N GLU A 147 -0.49 19.69 19.89
CA GLU A 147 0.53 20.73 20.05
C GLU A 147 0.09 22.05 19.42
N GLY A 148 -0.76 21.97 18.40
CA GLY A 148 -1.15 23.16 17.67
C GLY A 148 -0.21 23.43 16.51
N SER A 149 -0.49 24.49 15.75
CA SER A 149 0.27 24.79 14.54
C SER A 149 0.53 23.55 13.69
N VAL A 150 -0.51 22.80 13.45
CA VAL A 150 -0.41 21.56 12.69
C VAL A 150 0.35 21.66 11.38
N MET A 151 -0.08 22.55 10.47
CA MET A 151 0.60 22.65 9.19
C MET A 151 2.08 23.04 9.34
N GLU A 152 2.36 23.96 10.26
CA GLU A 152 3.72 24.47 10.40
C GLU A 152 4.62 23.38 11.03
N ARG A 153 4.06 22.57 11.93
CA ARG A 153 4.83 21.43 12.41
C ARG A 153 5.15 20.50 11.26
N HIS A 154 4.17 20.26 10.40
CA HIS A 154 4.39 19.45 9.20
C HIS A 154 5.46 20.03 8.25
N HIS A 155 5.46 21.35 8.07
CA HIS A 155 6.42 21.97 7.16
C HIS A 155 7.83 21.73 7.67
N PHE A 156 7.98 21.94 8.96
CA PHE A 156 9.24 21.69 9.65
C PHE A 156 9.68 20.23 9.52
N ALA A 157 8.75 19.30 9.79
CA ALA A 157 9.07 17.88 9.68
C ALA A 157 9.50 17.51 8.27
N GLN A 158 8.89 18.16 7.28
CA GLN A 158 9.23 17.91 5.89
C GLN A 158 10.63 18.45 5.58
N ALA A 159 10.97 19.60 6.14
CA ALA A 159 12.32 20.17 5.97
C ALA A 159 13.34 19.17 6.52
N ILE A 160 13.04 18.66 7.70
CA ILE A 160 13.92 17.67 8.34
C ILE A 160 14.04 16.39 7.50
N ALA A 161 12.91 15.93 6.97
CA ALA A 161 12.90 14.75 6.10
C ALA A 161 13.79 14.97 4.87
N ILE A 162 13.78 16.17 4.32
CA ILE A 162 14.66 16.46 3.19
C ILE A 162 16.12 16.39 3.63
N LEU A 163 16.44 17.02 4.78
CA LEU A 163 17.82 16.97 5.29
C LEU A 163 18.25 15.54 5.58
N ASN A 164 17.32 14.71 6.04
CA ASN A 164 17.63 13.32 6.35
C ASN A 164 17.66 12.43 5.13
N THR A 165 17.44 13.02 3.95
CA THR A 165 17.52 12.26 2.70
C THR A 165 18.97 12.23 2.23
N HIS A 166 19.46 11.04 1.87
CA HIS A 166 20.88 10.87 1.56
C HIS A 166 21.31 11.81 0.45
N GLY A 167 22.40 12.53 0.70
CA GLY A 167 22.95 13.46 -0.27
C GLY A 167 22.32 14.83 -0.17
N CYS A 168 21.45 15.04 0.83
CA CYS A 168 20.73 16.33 0.91
C CYS A 168 21.01 17.15 2.16
N ASN A 169 21.81 16.63 3.09
CA ASN A 169 21.98 17.36 4.32
C ASN A 169 23.08 18.40 4.22
N ILE A 170 22.69 19.62 3.85
CA ILE A 170 23.63 20.72 3.65
C ILE A 170 24.33 21.14 4.96
N PHE A 171 23.89 20.59 6.09
CA PHE A 171 24.50 20.90 7.39
C PHE A 171 25.31 19.77 8.00
N ASP A 172 25.54 18.68 7.28
CA ASP A 172 25.99 17.48 7.99
C ASP A 172 27.46 17.56 8.43
N HIS A 173 28.18 18.57 7.96
CA HIS A 173 29.55 18.77 8.37
C HIS A 173 29.62 19.76 9.54
N PHE A 174 28.49 20.35 9.90
CA PHE A 174 28.45 21.30 11.01
C PHE A 174 28.93 20.66 12.29
N SER A 175 29.52 21.45 13.18
CA SER A 175 29.80 20.96 14.54
C SER A 175 28.48 20.60 15.19
N ARG A 176 28.51 19.85 16.28
CA ARG A 176 27.25 19.33 16.80
C ARG A 176 26.46 20.45 17.45
N LYS A 177 27.16 21.39 18.08
CA LYS A 177 26.51 22.59 18.60
C LYS A 177 25.80 23.38 17.48
N ASP A 178 26.45 23.52 16.32
CA ASP A 178 25.90 24.33 15.25
C ASP A 178 24.78 23.60 14.55
N TYR A 179 24.88 22.28 14.45
CA TYR A 179 23.84 21.47 13.80
C TYR A 179 22.55 21.57 14.61
N GLN A 180 22.71 21.34 15.91
CA GLN A 180 21.61 21.43 16.86
C GLN A 180 21.00 22.83 16.83
N ARG A 181 21.87 23.84 16.76
CA ARG A 181 21.42 25.22 16.74
C ARG A 181 20.58 25.54 15.49
N MET A 182 21.05 25.13 14.31
CA MET A 182 20.38 25.38 13.04
C MET A 182 18.99 24.75 13.02
N LEU A 183 18.89 23.53 13.55
CA LEU A 183 17.63 22.82 13.52
C LEU A 183 16.65 23.42 14.52
N ASP A 184 17.18 23.91 15.63
CA ASP A 184 16.35 24.59 16.61
C ASP A 184 15.82 25.90 16.04
N LEU A 185 16.70 26.64 15.37
CA LEU A 185 16.28 27.88 14.70
C LEU A 185 15.23 27.60 13.63
N MET A 186 15.44 26.57 12.81
CA MET A 186 14.46 26.27 11.78
C MET A 186 13.11 25.95 12.41
N ARG A 187 13.12 25.24 13.52
CA ARG A 187 11.88 24.95 14.24
C ARG A 187 11.18 26.23 14.64
N ASP A 188 11.92 27.11 15.34
CA ASP A 188 11.31 28.33 15.87
C ASP A 188 10.77 29.21 14.75
N ILE A 189 11.56 29.36 13.68
CA ILE A 189 11.18 30.27 12.62
C ILE A 189 10.00 29.77 11.81
N ILE A 190 10.03 28.49 11.47
CA ILE A 190 8.91 27.92 10.74
C ILE A 190 7.63 27.92 11.59
N LEU A 191 7.74 27.58 12.88
CA LEU A 191 6.57 27.68 13.77
C LEU A 191 6.05 29.10 13.88
N ALA A 192 6.93 30.09 13.73
CA ALA A 192 6.51 31.47 13.81
C ALA A 192 5.62 31.88 12.61
N THR A 193 5.61 31.10 11.53
CA THR A 193 4.77 31.46 10.36
C THR A 193 3.28 31.21 10.58
N ASP A 194 2.94 30.57 11.71
CA ASP A 194 1.54 30.45 12.14
C ASP A 194 1.10 31.83 12.60
N LEU A 195 0.13 32.44 11.92
CA LEU A 195 -0.29 33.78 12.29
C LEU A 195 -0.86 33.84 13.73
N ALA A 196 -1.42 32.74 14.22
CA ALA A 196 -1.89 32.66 15.60
C ALA A 196 -0.75 33.01 16.53
N HIS A 197 0.43 32.51 16.18
CA HIS A 197 1.64 32.75 16.93
C HIS A 197 2.08 34.21 16.82
N HIS A 198 2.08 34.77 15.61
CA HIS A 198 2.39 36.19 15.46
C HIS A 198 1.46 37.05 16.32
N LEU A 199 0.18 36.75 16.30
CA LEU A 199 -0.81 37.53 17.03
C LEU A 199 -0.60 37.39 18.53
N ARG A 200 -0.15 36.21 18.97
CA ARG A 200 0.18 35.97 20.38
C ARG A 200 1.38 36.81 20.84
N ILE A 201 2.38 36.97 19.99
CA ILE A 201 3.63 37.65 20.39
C ILE A 201 3.72 39.11 19.94
N PHE A 202 2.68 39.59 19.27
CA PHE A 202 2.66 40.96 18.73
C PHE A 202 3.00 42.01 19.79
N LYS A 203 2.44 41.87 20.98
CA LYS A 203 2.71 42.81 22.08
C LYS A 203 4.19 42.77 22.52
N ASP A 204 4.79 41.59 22.48
CA ASP A 204 6.21 41.45 22.80
C ASP A 204 7.05 42.12 21.73
N LEU A 205 6.55 42.07 20.50
CA LEU A 205 7.20 42.70 19.37
C LEU A 205 7.13 44.21 19.54
N GLN A 206 5.96 44.71 19.93
CA GLN A 206 5.82 46.13 20.21
C GLN A 206 6.76 46.59 21.32
N LYS A 207 6.77 45.86 22.43
CA LYS A 207 7.58 46.22 23.58
C LYS A 207 9.03 46.32 23.16
N MET A 208 9.47 45.34 22.38
CA MET A 208 10.84 45.32 21.87
C MET A 208 11.14 46.55 21.00
N ALA A 209 10.24 46.89 20.09
CA ALA A 209 10.44 48.04 19.22
C ALA A 209 10.47 49.32 20.06
N GLU A 210 9.68 49.35 21.12
CA GLU A 210 9.53 50.56 21.92
C GLU A 210 10.73 50.82 22.83
N VAL A 211 11.29 49.76 23.41
CA VAL A 211 12.43 49.92 24.30
C VAL A 211 13.71 50.00 23.48
N GLY A 212 13.67 49.46 22.27
CA GLY A 212 14.81 49.47 21.37
C GLY A 212 15.54 48.13 21.34
N TYR A 213 15.95 47.71 20.14
CA TYR A 213 16.58 46.41 19.97
C TYR A 213 17.89 46.27 20.75
N ASP A 214 17.97 45.21 21.56
CA ASP A 214 19.16 44.89 22.34
C ASP A 214 19.85 43.64 21.78
N ARG A 215 20.95 43.84 21.05
CA ARG A 215 21.60 42.71 20.39
C ARG A 215 22.19 41.70 21.42
N ASN A 216 22.31 42.12 22.67
CA ASN A 216 22.75 41.21 23.72
C ASN A 216 21.59 40.45 24.36
N ASN A 217 20.38 40.76 23.92
CA ASN A 217 19.19 40.13 24.48
C ASN A 217 18.74 38.96 23.60
N LYS A 218 18.91 37.74 24.13
CA LYS A 218 18.55 36.56 23.36
C LYS A 218 17.08 36.53 22.99
N GLN A 219 16.21 37.06 23.86
CA GLN A 219 14.79 37.11 23.52
C GLN A 219 14.58 38.07 22.36
N HIS A 220 15.39 39.12 22.28
CA HIS A 220 15.21 40.06 21.18
C HIS A 220 15.59 39.40 19.86
N HIS A 221 16.60 38.54 19.87
CA HIS A 221 16.97 37.79 18.67
C HIS A 221 15.81 36.92 18.22
N ARG A 222 15.25 36.16 19.16
CA ARG A 222 14.11 35.28 18.85
C ARG A 222 12.95 36.07 18.28
N LEU A 223 12.58 37.14 18.99
CA LEU A 223 11.45 37.94 18.55
C LEU A 223 11.68 38.52 17.17
N LEU A 224 12.89 38.99 16.93
CA LEU A 224 13.18 39.64 15.65
C LEU A 224 13.10 38.63 14.52
N LEU A 225 13.60 37.43 14.76
CA LEU A 225 13.52 36.39 13.73
C LEU A 225 12.06 36.11 13.37
N CYS A 226 11.19 36.07 14.38
CA CYS A 226 9.76 35.86 14.13
C CYS A 226 9.20 36.97 13.24
N LEU A 227 9.44 38.22 13.62
CA LEU A 227 8.95 39.37 12.88
C LEU A 227 9.49 39.38 11.45
N LEU A 228 10.78 39.07 11.28
CA LEU A 228 11.38 39.05 9.95
C LEU A 228 10.74 37.96 9.09
N MET A 229 10.57 36.77 9.68
CA MET A 229 9.95 35.67 8.97
C MET A 229 8.54 36.08 8.48
N THR A 230 7.75 36.64 9.39
CA THR A 230 6.39 37.03 9.04
C THR A 230 6.45 38.10 7.94
N SER A 231 7.45 38.97 8.02
CA SER A 231 7.62 40.02 7.03
C SER A 231 7.89 39.44 5.65
N CYS A 232 8.67 38.37 5.61
CA CYS A 232 8.90 37.65 4.36
C CYS A 232 7.62 36.96 3.85
N ASP A 233 6.88 36.35 4.78
CA ASP A 233 5.70 35.57 4.43
C ASP A 233 4.65 36.44 3.74
N LEU A 234 4.53 37.69 4.20
CA LEU A 234 3.48 38.60 3.71
C LEU A 234 4.01 39.60 2.69
N SER A 235 5.21 39.34 2.19
CA SER A 235 5.92 40.36 1.41
C SER A 235 5.28 40.64 0.04
N ASP A 236 4.33 39.81 -0.37
CA ASP A 236 3.57 40.18 -1.59
C ASP A 236 2.81 41.48 -1.43
N GLN A 237 2.56 41.90 -0.18
CA GLN A 237 1.81 43.12 0.06
C GLN A 237 2.67 44.38 -0.10
N THR A 238 3.97 44.20 -0.28
CA THR A 238 4.92 45.32 -0.30
C THR A 238 5.30 45.69 -1.70
N LYS A 239 4.68 45.05 -2.68
CA LYS A 239 4.99 45.34 -4.07
C LYS A 239 3.92 46.30 -4.62
N GLY A 240 3.67 46.25 -5.92
CA GLY A 240 2.68 47.12 -6.53
C GLY A 240 1.25 46.58 -6.38
N TRP A 241 0.28 47.40 -6.80
CA TRP A 241 -1.12 46.99 -6.75
C TRP A 241 -1.37 45.69 -7.48
N LYS A 242 -0.71 45.52 -8.62
CA LYS A 242 -0.94 44.34 -9.44
C LYS A 242 -0.57 43.07 -8.67
N THR A 243 0.48 43.15 -7.86
CA THR A 243 0.90 41.99 -7.11
C THR A 243 -0.14 41.66 -6.05
N THR A 244 -0.57 42.68 -5.31
CA THR A 244 -1.61 42.48 -4.30
C THR A 244 -2.92 41.94 -4.89
N ARG A 245 -3.31 42.45 -6.06
CA ARG A 245 -4.54 41.99 -6.72
C ARG A 245 -4.46 40.51 -7.07
N LYS A 246 -3.36 40.11 -7.71
CA LYS A 246 -3.18 38.73 -8.15
C LYS A 246 -3.10 37.78 -6.96
N ILE A 247 -2.38 38.19 -5.94
CA ILE A 247 -2.19 37.33 -4.77
C ILE A 247 -3.50 37.22 -4.00
N ALA A 248 -4.32 38.27 -4.01
CA ALA A 248 -5.63 38.15 -3.38
C ALA A 248 -6.43 37.11 -4.14
N GLU A 249 -6.32 37.13 -5.46
CA GLU A 249 -7.03 36.14 -6.27
C GLU A 249 -6.60 34.70 -5.95
N LEU A 250 -5.30 34.51 -5.82
CA LEU A 250 -4.77 33.17 -5.56
C LEU A 250 -5.18 32.72 -4.17
N ILE A 251 -5.07 33.62 -3.21
CA ILE A 251 -5.46 33.33 -1.85
C ILE A 251 -6.93 32.91 -1.76
N TYR A 252 -7.82 33.69 -2.34
CA TYR A 252 -9.24 33.38 -2.18
C TYR A 252 -9.63 32.16 -3.02
N LYS A 253 -8.95 31.92 -4.14
CA LYS A 253 -9.16 30.65 -4.85
C LYS A 253 -8.93 29.47 -3.90
N GLU A 254 -7.81 29.56 -3.20
CA GLU A 254 -7.43 28.53 -2.24
C GLU A 254 -8.44 28.48 -1.09
N PHE A 255 -8.76 29.63 -0.48
CA PHE A 255 -9.72 29.68 0.63
C PHE A 255 -11.10 29.10 0.26
N PHE A 256 -11.65 29.55 -0.85
CA PHE A 256 -12.98 29.11 -1.27
C PHE A 256 -12.97 27.63 -1.62
N SER A 257 -11.84 27.11 -2.11
CA SER A 257 -11.76 25.68 -2.39
C SER A 257 -11.87 24.90 -1.09
N GLN A 258 -11.17 25.35 -0.06
CA GLN A 258 -11.31 24.75 1.25
C GLN A 258 -12.74 24.87 1.76
N GLY A 259 -13.33 26.05 1.60
CA GLY A 259 -14.70 26.27 2.05
C GLY A 259 -15.69 25.34 1.40
N ASP A 260 -15.49 25.05 0.12
CA ASP A 260 -16.35 24.12 -0.61
C ASP A 260 -16.26 22.72 0.00
N LEU A 261 -15.04 22.33 0.37
CA LEU A 261 -14.83 21.05 1.03
C LEU A 261 -15.49 21.03 2.40
N GLU A 262 -15.40 22.13 3.12
CA GLU A 262 -16.03 22.21 4.44
C GLU A 262 -17.54 22.01 4.32
N LYS A 263 -18.16 22.68 3.34
CA LYS A 263 -19.60 22.53 3.12
C LYS A 263 -19.98 21.08 2.78
N ALA A 264 -19.14 20.42 1.98
CA ALA A 264 -19.37 19.02 1.66
C ALA A 264 -19.27 18.14 2.91
N MET A 265 -18.51 18.59 3.90
CA MET A 265 -18.37 17.87 5.17
C MET A 265 -19.50 18.23 6.14
N GLY A 266 -20.39 19.13 5.72
CA GLY A 266 -21.51 19.54 6.54
C GLY A 266 -21.18 20.58 7.60
N ASN A 267 -20.00 21.20 7.48
CA ASN A 267 -19.60 22.27 8.39
C ASN A 267 -19.79 23.64 7.76
N ARG A 268 -19.94 24.66 8.60
CA ARG A 268 -20.00 26.05 8.13
C ARG A 268 -18.60 26.65 8.09
N PRO A 269 -18.09 26.92 6.88
CA PRO A 269 -16.78 27.57 6.73
C PRO A 269 -16.77 28.94 7.40
N MET A 270 -15.58 29.45 7.72
CA MET A 270 -15.46 30.84 8.11
C MET A 270 -15.97 31.68 6.95
N GLU A 271 -16.49 32.86 7.27
CA GLU A 271 -16.92 33.82 6.26
C GLU A 271 -15.89 33.98 5.12
N MET A 272 -14.63 34.18 5.48
CA MET A 272 -13.62 34.44 4.47
C MET A 272 -13.33 33.22 3.60
N MET A 273 -13.85 32.06 4.01
CA MET A 273 -13.68 30.80 3.27
C MET A 273 -14.90 30.43 2.43
N ASP A 274 -15.97 31.20 2.60
CA ASP A 274 -17.24 30.91 1.96
C ASP A 274 -17.43 31.80 0.74
N ARG A 275 -17.40 31.21 -0.45
CA ARG A 275 -17.48 31.98 -1.67
C ARG A 275 -18.85 32.65 -1.85
N GLU A 276 -19.84 32.20 -1.08
CA GLU A 276 -21.17 32.81 -1.15
C GLU A 276 -21.33 33.96 -0.16
N LYS A 277 -20.37 34.17 0.72
CA LYS A 277 -20.50 35.23 1.73
C LYS A 277 -19.32 36.20 1.75
N ALA A 278 -18.13 35.72 1.35
CA ALA A 278 -16.91 36.52 1.44
C ALA A 278 -16.97 37.73 0.50
N TYR A 279 -16.72 38.90 1.08
CA TYR A 279 -16.65 40.15 0.33
C TYR A 279 -15.19 40.55 0.32
N ILE A 280 -14.51 40.20 -0.75
CA ILE A 280 -13.06 40.29 -0.82
C ILE A 280 -12.49 41.67 -0.44
N PRO A 281 -13.07 42.79 -0.95
CA PRO A 281 -12.44 44.07 -0.60
C PRO A 281 -12.35 44.35 0.92
N GLU A 282 -13.41 44.08 1.68
CA GLU A 282 -13.37 44.39 3.10
C GLU A 282 -12.49 43.37 3.82
N LEU A 283 -12.46 42.14 3.31
CA LEU A 283 -11.62 41.11 3.91
C LEU A 283 -10.17 41.45 3.74
N GLN A 284 -9.81 41.94 2.56
CA GLN A 284 -8.41 42.28 2.28
C GLN A 284 -7.99 43.53 3.05
N ILE A 285 -8.92 44.46 3.16
CA ILE A 285 -8.67 45.67 3.93
C ILE A 285 -8.47 45.29 5.40
N SER A 286 -9.29 44.37 5.90
CA SER A 286 -9.15 43.92 7.29
C SER A 286 -7.78 43.28 7.52
N PHE A 287 -7.40 42.40 6.61
CA PHE A 287 -6.11 41.74 6.69
C PHE A 287 -4.95 42.75 6.69
N MET A 288 -5.06 43.76 5.84
CA MET A 288 -3.98 44.72 5.75
C MET A 288 -3.95 45.62 6.97
N GLU A 289 -5.11 46.06 7.45
CA GLU A 289 -5.18 46.91 8.63
C GLU A 289 -4.79 46.18 9.92
N HIS A 290 -5.29 44.96 10.08
CA HIS A 290 -5.16 44.27 11.37
C HIS A 290 -3.92 43.42 11.46
N ILE A 291 -3.40 43.02 10.30
CA ILE A 291 -2.25 42.13 10.29
C ILE A 291 -1.04 42.67 9.51
N ALA A 292 -1.20 42.99 8.22
CA ALA A 292 -0.03 43.33 7.42
C ALA A 292 0.58 44.70 7.77
N MET A 293 -0.25 45.73 7.89
CA MET A 293 0.30 47.06 8.17
C MET A 293 1.02 47.17 9.53
N PRO A 294 0.46 46.60 10.61
CA PRO A 294 1.21 46.65 11.88
C PRO A 294 2.57 45.94 11.81
N ILE A 295 2.65 44.84 11.07
CA ILE A 295 3.90 44.13 10.95
C ILE A 295 4.99 45.00 10.31
N TYR A 296 4.64 45.71 9.23
CA TYR A 296 5.63 46.55 8.55
C TYR A 296 5.83 47.86 9.28
N LYS A 297 4.87 48.24 10.11
CA LYS A 297 5.07 49.38 10.95
C LYS A 297 6.17 49.05 11.96
N LEU A 298 6.09 47.86 12.55
CA LEU A 298 7.11 47.39 13.48
C LEU A 298 8.48 47.27 12.80
N LEU A 299 8.48 46.78 11.56
CA LEU A 299 9.71 46.63 10.79
C LEU A 299 10.39 48.00 10.58
N GLN A 300 9.59 48.98 10.16
CA GLN A 300 10.04 50.35 10.03
C GLN A 300 10.56 50.92 11.35
N ASP A 301 9.88 50.59 12.43
CA ASP A 301 10.25 51.10 13.75
C ASP A 301 11.62 50.58 14.14
N LEU A 302 11.91 49.33 13.80
CA LEU A 302 13.19 48.74 14.11
C LEU A 302 14.25 49.10 13.05
N PHE A 303 13.86 49.09 11.79
CA PHE A 303 14.75 49.40 10.68
C PHE A 303 14.20 50.59 9.90
N PRO A 304 14.78 51.77 10.11
CA PRO A 304 14.28 52.98 9.44
C PRO A 304 14.34 52.86 7.93
N LYS A 305 15.26 52.05 7.40
CA LYS A 305 15.30 51.83 5.96
C LYS A 305 14.12 50.97 5.45
N ALA A 306 13.32 50.42 6.36
CA ALA A 306 12.15 49.63 5.93
C ALA A 306 10.90 50.50 5.75
N ALA A 307 11.06 51.81 5.96
CA ALA A 307 9.94 52.75 5.86
C ALA A 307 9.16 52.57 4.56
N GLU A 308 9.87 52.47 3.45
CA GLU A 308 9.18 52.37 2.16
C GLU A 308 8.28 51.14 2.09
N LEU A 309 8.62 50.07 2.80
CA LEU A 309 7.79 48.87 2.76
C LEU A 309 6.42 49.13 3.37
N TYR A 310 6.39 49.75 4.54
CA TYR A 310 5.15 50.12 5.20
C TYR A 310 4.27 51.04 4.34
N GLU A 311 4.88 52.10 3.81
CA GLU A 311 4.12 53.06 2.97
C GLU A 311 3.56 52.36 1.73
N ARG A 312 4.27 51.37 1.22
CA ARG A 312 3.75 50.58 0.11
C ARG A 312 2.52 49.76 0.54
N VAL A 313 2.60 49.10 1.71
CA VAL A 313 1.45 48.32 2.15
C VAL A 313 0.29 49.27 2.40
N ALA A 314 0.55 50.38 3.10
CA ALA A 314 -0.48 51.37 3.36
C ALA A 314 -1.14 51.88 2.06
N SER A 315 -0.32 52.09 1.03
CA SER A 315 -0.82 52.58 -0.25
C SER A 315 -1.69 51.54 -0.93
N ASN A 316 -1.25 50.28 -0.89
CA ASN A 316 -2.01 49.18 -1.45
C ASN A 316 -3.37 49.01 -0.74
N ARG A 317 -3.41 49.25 0.57
CA ARG A 317 -4.67 49.19 1.32
C ARG A 317 -5.61 50.29 0.82
N GLU A 318 -5.03 51.46 0.54
CA GLU A 318 -5.81 52.56 -0.03
C GLU A 318 -6.41 52.17 -1.38
N HIS A 319 -5.65 51.42 -2.19
CA HIS A 319 -6.15 51.02 -3.51
C HIS A 319 -7.34 50.08 -3.41
N TRP A 320 -7.32 49.19 -2.43
CA TRP A 320 -8.46 48.30 -2.20
C TRP A 320 -9.71 49.10 -1.94
N THR A 321 -9.59 50.12 -1.11
CA THR A 321 -10.70 51.03 -0.85
C THR A 321 -11.21 51.67 -2.13
N LYS A 322 -10.30 52.08 -2.99
CA LYS A 322 -10.65 52.82 -4.20
C LYS A 322 -11.32 51.95 -5.27
N VAL A 323 -11.04 50.65 -5.26
CA VAL A 323 -11.59 49.75 -6.26
C VAL A 323 -12.78 48.96 -5.74
N SER A 324 -13.13 49.15 -4.47
CA SER A 324 -14.18 48.36 -3.83
C SER A 324 -15.52 48.53 -4.51
N HIS A 325 -15.78 49.72 -5.04
CA HIS A 325 -17.05 50.00 -5.69
C HIS A 325 -17.26 49.10 -6.90
N LYS A 326 -16.16 48.65 -7.52
CA LYS A 326 -16.25 47.80 -8.70
C LYS A 326 -16.85 46.43 -8.41
N PHE A 327 -16.93 46.07 -7.13
CA PHE A 327 -17.56 44.81 -6.73
C PHE A 327 -19.08 44.92 -6.68
N THR A 328 -19.60 46.13 -6.84
CA THR A 328 -21.04 46.33 -6.95
C THR A 328 -21.39 46.43 -8.42
N ILE A 329 -22.36 45.62 -8.86
CA ILE A 329 -22.76 45.62 -10.26
C ILE A 329 -23.69 46.77 -10.56
N ARG A 330 -23.21 47.69 -11.38
CA ARG A 330 -24.02 48.82 -11.81
C ARG A 330 -24.36 48.64 -13.28
N GLY A 331 -25.50 49.21 -13.67
CA GLY A 331 -26.06 48.93 -14.97
C GLY A 331 -26.41 47.45 -15.05
N LEU A 332 -26.29 46.88 -16.24
CA LEU A 332 -26.45 45.46 -16.44
C LEU A 332 -25.07 44.83 -16.43
N PRO A 333 -25.00 43.51 -16.16
CA PRO A 333 -23.71 42.83 -16.33
C PRO A 333 -23.30 42.85 -17.81
N SER A 334 -22.06 42.45 -18.10
CA SER A 334 -21.52 42.54 -19.45
C SER A 334 -22.38 41.90 -20.52
N ASN A 335 -23.10 40.84 -20.16
CA ASN A 335 -23.92 40.10 -21.12
C ASN A 335 -25.32 40.67 -21.30
N ASN A 336 -25.58 41.83 -20.69
CA ASN A 336 -26.88 42.47 -20.76
C ASN A 336 -28.03 41.63 -20.22
N SER A 337 -27.70 40.62 -19.43
CA SER A 337 -28.71 39.69 -18.96
C SER A 337 -28.85 39.72 -17.45
N LEU A 338 -30.08 39.58 -16.98
CA LEU A 338 -30.36 39.48 -15.55
C LEU A 338 -30.60 38.02 -15.17
N ASP A 339 -30.31 37.11 -16.10
CA ASP A 339 -30.49 35.67 -15.88
C ASP A 339 -29.84 35.16 -14.60
N PHE A 340 -28.72 35.75 -14.22
CA PHE A 340 -27.98 35.31 -13.04
C PHE A 340 -28.78 35.48 -11.74
N LEU A 341 -29.84 36.29 -11.78
CA LEU A 341 -30.70 36.44 -10.62
C LEU A 341 -31.51 35.18 -10.36
N ASP A 342 -31.62 34.33 -11.38
CA ASP A 342 -32.31 33.06 -11.26
C ASP A 342 -31.36 31.96 -10.80
N MET B 3 15.05 -9.64 0.64
CA MET B 3 13.94 -9.10 1.40
C MET B 3 12.64 -9.19 0.61
N ASP B 4 12.70 -8.91 -0.69
CA ASP B 4 11.52 -9.13 -1.53
C ASP B 4 11.24 -10.62 -1.60
N ASP B 5 12.27 -11.39 -1.26
CA ASP B 5 12.21 -12.84 -1.19
C ASP B 5 11.34 -13.28 -0.03
N GLU B 6 11.54 -12.68 1.15
CA GLU B 6 10.69 -13.02 2.28
C GLU B 6 9.28 -12.53 2.03
N TYR B 7 9.15 -11.40 1.33
CA TYR B 7 7.81 -10.93 0.98
C TYR B 7 7.06 -11.99 0.16
N THR B 8 7.74 -12.53 -0.85
CA THR B 8 7.19 -13.57 -1.72
C THR B 8 6.80 -14.81 -0.93
N LYS B 9 7.70 -15.22 -0.04
CA LYS B 9 7.47 -16.31 0.91
C LYS B 9 6.22 -16.06 1.76
N LEU B 10 6.24 -14.91 2.43
CA LEU B 10 5.21 -14.51 3.38
C LEU B 10 3.81 -14.47 2.75
N LEU B 11 3.74 -13.98 1.52
CA LEU B 11 2.46 -13.77 0.85
C LEU B 11 1.93 -15.05 0.19
N HIS B 12 2.81 -15.84 -0.39
CA HIS B 12 2.35 -16.95 -1.24
C HIS B 12 2.39 -18.32 -0.59
N ASP B 13 3.22 -18.49 0.42
CA ASP B 13 3.17 -19.71 1.23
C ASP B 13 2.00 -19.61 2.19
N GLY B 14 1.42 -20.75 2.55
CA GLY B 14 0.42 -20.73 3.59
C GLY B 14 0.98 -20.21 4.90
N ILE B 15 0.11 -19.80 5.80
CA ILE B 15 0.53 -19.37 7.12
C ILE B 15 0.64 -20.59 8.02
N GLN B 16 1.84 -20.88 8.50
CA GLN B 16 2.11 -22.01 9.38
C GLN B 16 1.25 -22.00 10.64
N PRO B 17 0.63 -23.15 10.98
CA PRO B 17 -0.11 -23.16 12.26
C PRO B 17 0.84 -22.91 13.41
N VAL B 18 0.37 -22.23 14.46
CA VAL B 18 1.25 -21.79 15.55
C VAL B 18 1.97 -22.95 16.23
N ALA B 19 1.29 -24.09 16.37
CA ALA B 19 1.88 -25.21 17.09
C ALA B 19 2.96 -25.88 16.25
N ALA B 20 3.01 -25.57 14.96
CA ALA B 20 4.08 -26.09 14.11
C ALA B 20 5.36 -25.26 14.27
N ILE B 21 5.24 -24.00 14.71
CA ILE B 21 6.41 -23.19 15.02
C ILE B 21 7.15 -23.77 16.21
N ASP B 22 6.40 -24.06 17.26
CA ASP B 22 6.89 -24.72 18.46
C ASP B 22 5.67 -25.30 19.16
N SER B 23 5.77 -26.52 19.68
CA SER B 23 4.65 -27.12 20.39
C SER B 23 4.23 -26.26 21.59
N ASN B 24 5.19 -25.51 22.13
CA ASN B 24 4.95 -24.72 23.33
C ASN B 24 4.75 -23.24 23.01
N PHE B 25 4.37 -22.93 21.78
CA PHE B 25 4.36 -21.54 21.31
C PHE B 25 3.35 -20.67 22.06
N ALA B 26 2.28 -21.29 22.55
CA ALA B 26 1.18 -20.53 23.16
C ALA B 26 1.27 -20.57 24.68
N SER B 27 2.42 -20.98 25.21
CA SER B 27 2.62 -21.08 26.65
C SER B 27 3.44 -19.92 27.21
N PHE B 28 3.09 -19.48 28.42
CA PHE B 28 3.89 -18.50 29.16
C PHE B 28 5.37 -18.91 29.33
N THR B 29 5.68 -20.19 29.16
CA THR B 29 7.08 -20.63 29.32
C THR B 29 7.89 -20.46 28.02
N TYR B 30 7.20 -20.27 26.90
CA TYR B 30 7.89 -20.09 25.64
C TYR B 30 8.69 -18.78 25.60
N THR B 31 9.92 -18.87 25.07
CA THR B 31 10.74 -17.68 24.91
C THR B 31 10.79 -17.28 23.42
N PRO B 32 10.03 -16.23 23.05
CA PRO B 32 9.94 -15.87 21.62
C PRO B 32 11.28 -15.44 21.04
N ARG B 33 12.18 -14.94 21.88
CA ARG B 33 13.49 -14.54 21.39
C ARG B 33 14.34 -15.74 20.96
N SER B 34 13.85 -16.97 21.22
CA SER B 34 14.51 -18.18 20.74
C SER B 34 14.29 -18.35 19.24
N LEU B 35 13.26 -17.71 18.72
CA LEU B 35 12.89 -17.86 17.32
C LEU B 35 13.84 -17.08 16.46
N PRO B 36 14.37 -17.70 15.38
CA PRO B 36 15.24 -17.00 14.44
C PRO B 36 14.57 -15.75 13.87
N GLU B 37 15.30 -14.64 13.78
CA GLU B 37 14.68 -13.39 13.37
C GLU B 37 14.06 -13.54 11.99
N ASP B 38 14.67 -14.38 11.15
CA ASP B 38 14.14 -14.64 9.82
C ASP B 38 12.74 -15.27 9.87
N ASP B 39 12.37 -15.84 11.01
CA ASP B 39 11.05 -16.49 11.11
C ASP B 39 9.98 -15.65 11.80
N THR B 40 10.35 -14.45 12.26
CA THR B 40 9.44 -13.67 13.11
C THR B 40 8.25 -13.06 12.37
N SER B 41 8.44 -12.63 11.11
CA SER B 41 7.30 -12.07 10.36
C SER B 41 6.23 -13.13 10.09
N MET B 42 6.67 -14.32 9.70
CA MET B 42 5.77 -15.48 9.55
C MET B 42 5.03 -15.79 10.85
N ALA B 43 5.76 -15.70 11.97
CA ALA B 43 5.18 -15.95 13.28
C ALA B 43 4.12 -14.90 13.66
N ILE B 44 4.35 -13.64 13.31
CA ILE B 44 3.34 -12.61 13.44
C ILE B 44 2.06 -12.99 12.68
N LEU B 45 2.19 -13.42 11.43
CA LEU B 45 1.06 -13.86 10.63
C LEU B 45 0.39 -15.10 11.23
N SER B 46 1.19 -16.02 11.77
CA SER B 46 0.61 -17.21 12.45
C SER B 46 -0.26 -16.82 13.63
N MET B 47 0.23 -15.87 14.41
CA MET B 47 -0.50 -15.43 15.60
C MET B 47 -1.78 -14.70 15.23
N LEU B 48 -1.70 -13.84 14.22
CA LEU B 48 -2.90 -13.13 13.75
C LEU B 48 -3.94 -14.10 13.20
N GLN B 49 -3.48 -15.10 12.46
CA GLN B 49 -4.38 -16.14 11.98
C GLN B 49 -5.01 -16.92 13.14
N ASP B 50 -4.20 -17.31 14.13
CA ASP B 50 -4.71 -18.08 15.26
C ASP B 50 -5.69 -17.25 16.09
N MET B 51 -5.51 -15.93 16.12
CA MET B 51 -6.48 -15.09 16.81
C MET B 51 -7.67 -14.75 15.91
N ASN B 52 -7.63 -15.29 14.69
CA ASN B 52 -8.68 -15.12 13.69
C ASN B 52 -8.93 -13.67 13.25
N PHE B 53 -7.97 -12.78 13.50
CA PHE B 53 -8.15 -11.37 13.12
C PHE B 53 -8.16 -11.13 11.62
N ILE B 54 -7.42 -11.96 10.88
CA ILE B 54 -7.33 -11.81 9.44
C ILE B 54 -8.72 -11.95 8.83
N ASN B 55 -9.46 -12.95 9.28
CA ASN B 55 -10.80 -13.17 8.80
C ASN B 55 -11.83 -12.21 9.39
N ASN B 56 -11.80 -12.00 10.69
CA ASN B 56 -12.79 -11.14 11.33
C ASN B 56 -12.75 -9.70 10.81
N TYR B 57 -11.56 -9.24 10.41
CA TYR B 57 -11.41 -7.86 9.91
C TYR B 57 -11.12 -7.80 8.43
N LYS B 58 -11.35 -8.92 7.74
CA LYS B 58 -11.16 -9.00 6.29
C LYS B 58 -9.84 -8.42 5.83
N ILE B 59 -8.74 -8.80 6.46
CA ILE B 59 -7.46 -8.23 6.13
C ILE B 59 -6.91 -8.83 4.84
N ASP B 60 -6.81 -7.99 3.82
CA ASP B 60 -6.13 -8.36 2.58
C ASP B 60 -4.74 -8.90 2.89
N CYS B 61 -4.47 -10.13 2.48
CA CYS B 61 -3.21 -10.79 2.83
C CYS B 61 -1.95 -10.13 2.25
N PRO B 62 -2.01 -9.62 1.01
CA PRO B 62 -0.81 -8.90 0.57
C PRO B 62 -0.53 -7.67 1.43
N THR B 63 -1.60 -6.96 1.80
CA THR B 63 -1.48 -5.76 2.62
C THR B 63 -0.89 -6.08 3.99
N LEU B 64 -1.33 -7.17 4.58
CA LEU B 64 -0.84 -7.57 5.89
C LEU B 64 0.64 -7.97 5.83
N ALA B 65 1.04 -8.67 4.78
CA ALA B 65 2.44 -9.08 4.64
C ALA B 65 3.31 -7.84 4.46
N ARG B 66 2.85 -6.92 3.63
CA ARG B 66 3.56 -5.65 3.42
C ARG B 66 3.64 -4.86 4.73
N PHE B 67 2.54 -4.80 5.48
CA PHE B 67 2.53 -4.08 6.76
C PHE B 67 3.52 -4.68 7.75
N CYS B 68 3.47 -6.00 7.90
CA CYS B 68 4.38 -6.68 8.81
C CYS B 68 5.87 -6.40 8.47
N LEU B 69 6.20 -6.45 7.18
CA LEU B 69 7.57 -6.21 6.77
C LEU B 69 8.00 -4.75 6.92
N MET B 70 7.07 -3.81 6.76
CA MET B 70 7.38 -2.39 6.95
C MET B 70 7.52 -2.06 8.41
N VAL B 71 6.75 -2.74 9.26
CA VAL B 71 6.90 -2.56 10.68
C VAL B 71 8.28 -3.04 11.09
N LYS B 72 8.66 -4.23 10.66
CA LYS B 72 9.95 -4.80 11.05
C LYS B 72 11.10 -3.89 10.60
N LYS B 73 11.02 -3.42 9.36
CA LYS B 73 12.05 -2.60 8.72
C LYS B 73 12.08 -1.19 9.34
N GLY B 74 11.04 -0.87 10.10
CA GLY B 74 10.93 0.42 10.77
C GLY B 74 11.59 0.50 12.13
N TYR B 75 12.19 -0.60 12.58
CA TYR B 75 13.06 -0.61 13.76
C TYR B 75 14.52 -0.49 13.36
N ARG B 76 15.27 0.30 14.11
CA ARG B 76 16.71 0.35 13.96
C ARG B 76 17.27 -0.81 14.76
N ASP B 77 18.57 -0.78 15.01
CA ASP B 77 19.21 -1.90 15.72
C ASP B 77 20.01 -1.48 16.96
N PRO B 78 19.41 -0.68 17.87
CA PRO B 78 20.09 -0.51 19.15
C PRO B 78 20.11 -1.84 19.89
N PRO B 79 20.91 -1.96 20.95
CA PRO B 79 21.00 -3.25 21.64
C PRO B 79 19.65 -3.82 22.10
N TYR B 80 18.76 -2.98 22.63
CA TYR B 80 17.51 -3.52 23.15
C TYR B 80 16.31 -3.17 22.29
N HIS B 81 16.17 -1.89 21.96
CA HIS B 81 14.91 -1.42 21.39
C HIS B 81 14.88 -1.64 19.88
N ASN B 82 14.89 -2.91 19.52
CA ASN B 82 14.97 -3.35 18.13
C ASN B 82 13.76 -4.22 17.77
N TRP B 83 13.71 -4.77 16.57
CA TRP B 83 12.54 -5.56 16.15
C TRP B 83 12.29 -6.80 17.01
N MET B 84 13.34 -7.49 17.42
CA MET B 84 13.13 -8.64 18.29
C MET B 84 12.45 -8.25 19.59
N HIS B 85 12.67 -7.04 20.07
CA HIS B 85 11.89 -6.56 21.19
C HIS B 85 10.40 -6.43 20.85
N ALA B 86 10.10 -5.72 19.77
CA ALA B 86 8.71 -5.56 19.34
C ALA B 86 8.05 -6.92 19.11
N PHE B 87 8.76 -7.85 18.49
CA PHE B 87 8.24 -9.19 18.26
C PHE B 87 7.85 -9.89 19.56
N SER B 88 8.76 -9.85 20.53
CA SER B 88 8.56 -10.61 21.76
C SER B 88 7.46 -9.96 22.58
N VAL B 89 7.34 -8.63 22.47
CA VAL B 89 6.23 -7.92 23.10
C VAL B 89 4.90 -8.34 22.44
N SER B 90 4.88 -8.38 21.11
CA SER B 90 3.70 -8.86 20.36
C SER B 90 3.34 -10.32 20.69
N HIS B 91 4.37 -11.16 20.80
CA HIS B 91 4.12 -12.56 21.16
C HIS B 91 3.50 -12.64 22.55
N PHE B 92 3.93 -11.80 23.48
CA PHE B 92 3.32 -11.84 24.82
C PHE B 92 1.85 -11.41 24.77
N CYS B 93 1.54 -10.45 23.91
CA CYS B 93 0.14 -10.07 23.71
C CYS B 93 -0.70 -11.27 23.28
N TYR B 94 -0.16 -12.04 22.34
CA TYR B 94 -0.79 -13.27 21.91
C TYR B 94 -0.96 -14.25 23.07
N LEU B 95 0.04 -14.33 23.94
CA LEU B 95 -0.05 -15.22 25.10
C LEU B 95 -1.21 -14.82 26.02
N LEU B 96 -1.35 -13.53 26.27
CA LEU B 96 -2.46 -13.02 27.07
C LEU B 96 -3.79 -13.38 26.41
N TYR B 97 -3.88 -13.16 25.11
CA TYR B 97 -5.06 -13.55 24.36
C TYR B 97 -5.38 -15.03 24.61
N LYS B 98 -4.36 -15.87 24.51
CA LYS B 98 -4.57 -17.33 24.52
C LYS B 98 -4.75 -17.89 25.92
N ASN B 99 -4.10 -17.27 26.91
CA ASN B 99 -4.14 -17.81 28.27
C ASN B 99 -5.16 -17.12 29.18
N LEU B 100 -5.44 -15.85 28.93
CA LEU B 100 -6.29 -15.09 29.86
C LEU B 100 -7.71 -14.91 29.34
N GLU B 101 -7.98 -15.42 28.13
CA GLU B 101 -9.30 -15.29 27.49
C GLU B 101 -9.79 -13.83 27.43
N LEU B 102 -9.12 -13.03 26.62
CA LEU B 102 -9.37 -11.59 26.61
C LEU B 102 -10.69 -11.19 25.98
N THR B 103 -11.26 -12.07 25.16
CA THR B 103 -12.53 -11.74 24.50
C THR B 103 -13.67 -11.67 25.50
N ASN B 104 -13.40 -12.13 26.72
CA ASN B 104 -14.37 -11.97 27.81
C ASN B 104 -14.22 -10.67 28.60
N TYR B 105 -13.23 -9.86 28.24
CA TYR B 105 -12.97 -8.62 28.96
C TYR B 105 -12.95 -7.43 28.00
N LEU B 106 -12.43 -7.66 26.81
CA LEU B 106 -12.21 -6.60 25.85
C LEU B 106 -12.98 -6.85 24.58
N GLU B 107 -13.39 -5.77 23.93
CA GLU B 107 -13.94 -5.86 22.59
C GLU B 107 -12.88 -6.37 21.63
N ASP B 108 -13.33 -6.98 20.54
CA ASP B 108 -12.39 -7.61 19.63
C ASP B 108 -11.51 -6.55 18.97
N ILE B 109 -12.10 -5.39 18.67
CA ILE B 109 -11.35 -4.29 18.10
C ILE B 109 -10.29 -3.76 19.08
N GLU B 110 -10.53 -3.89 20.38
CA GLU B 110 -9.56 -3.43 21.36
C GLU B 110 -8.36 -4.37 21.39
N ILE B 111 -8.62 -5.67 21.28
CA ILE B 111 -7.55 -6.68 21.31
C ILE B 111 -6.68 -6.55 20.07
N PHE B 112 -7.34 -6.39 18.91
CA PHE B 112 -6.67 -6.12 17.64
C PHE B 112 -5.77 -4.89 17.76
N ALA B 113 -6.31 -3.78 18.28
CA ALA B 113 -5.52 -2.57 18.47
C ALA B 113 -4.31 -2.83 19.38
N LEU B 114 -4.54 -3.58 20.46
CA LEU B 114 -3.46 -3.88 21.39
C LEU B 114 -2.31 -4.59 20.69
N PHE B 115 -2.66 -5.60 19.89
CA PHE B 115 -1.64 -6.44 19.26
C PHE B 115 -0.87 -5.64 18.21
N ILE B 116 -1.59 -4.86 17.41
CA ILE B 116 -0.92 -4.04 16.43
C ILE B 116 -0.05 -2.98 17.11
N SER B 117 -0.57 -2.40 18.20
CA SER B 117 0.19 -1.43 18.96
C SER B 117 1.48 -2.08 19.48
N CYS B 118 1.40 -3.32 19.94
CA CYS B 118 2.61 -4.01 20.40
C CYS B 118 3.66 -4.07 19.29
N MET B 119 3.24 -4.40 18.07
CA MET B 119 4.16 -4.45 16.94
C MET B 119 4.85 -3.11 16.70
N CYS B 120 4.08 -2.03 16.81
CA CYS B 120 4.54 -0.71 16.39
C CYS B 120 5.11 0.15 17.52
N HIS B 121 5.00 -0.31 18.77
CA HIS B 121 5.07 0.62 19.89
C HIS B 121 6.43 1.26 20.15
N ASP B 122 7.49 0.75 19.50
CA ASP B 122 8.83 1.34 19.66
C ASP B 122 9.44 1.68 18.31
N LEU B 123 8.60 1.85 17.29
CA LEU B 123 9.10 2.14 15.95
C LEU B 123 10.11 3.29 15.92
N ASP B 124 11.21 3.03 15.21
CA ASP B 124 12.25 4.03 14.94
C ASP B 124 12.93 4.46 16.24
N HIS B 125 12.92 3.60 17.25
CA HIS B 125 13.64 3.89 18.49
C HIS B 125 15.13 4.03 18.14
N ARG B 126 15.78 5.02 18.72
CA ARG B 126 17.17 5.27 18.38
C ARG B 126 18.11 4.86 19.52
N GLY B 127 17.56 4.17 20.52
CA GLY B 127 18.33 3.81 21.68
C GLY B 127 18.48 4.92 22.70
N THR B 128 17.68 5.98 22.59
CA THR B 128 17.69 7.01 23.62
C THR B 128 16.29 7.26 24.17
N ASN B 129 16.23 7.75 25.41
CA ASN B 129 14.96 7.92 26.13
C ASN B 129 14.36 9.31 25.98
N ASN B 130 13.28 9.58 26.69
CA ASN B 130 12.58 10.85 26.52
C ASN B 130 13.38 12.03 27.05
N SER B 131 14.01 11.87 28.22
CA SER B 131 14.77 12.96 28.79
C SER B 131 15.93 13.36 27.87
N PHE B 132 16.49 12.39 27.15
CA PHE B 132 17.55 12.73 26.18
C PHE B 132 16.99 13.64 25.08
N GLN B 133 15.81 13.29 24.55
CA GLN B 133 15.15 14.06 23.50
C GLN B 133 15.02 15.50 23.92
N VAL B 134 14.56 15.70 25.15
CA VAL B 134 14.37 17.04 25.68
C VAL B 134 15.68 17.78 25.90
N ALA B 135 16.60 17.18 26.65
CA ALA B 135 17.86 17.84 26.99
C ALA B 135 18.73 18.12 25.76
N SER B 136 18.60 17.31 24.72
CA SER B 136 19.42 17.49 23.54
C SER B 136 18.71 18.37 22.50
N LYS B 137 17.49 18.78 22.83
CA LYS B 137 16.59 19.46 21.91
C LYS B 137 16.56 18.80 20.53
N SER B 138 16.22 17.52 20.52
CA SER B 138 16.04 16.77 19.29
C SER B 138 14.87 17.33 18.47
N VAL B 139 14.77 16.90 17.22
CA VAL B 139 13.64 17.31 16.38
C VAL B 139 12.33 16.70 16.90
N LEU B 140 12.41 15.52 17.52
CA LEU B 140 11.24 14.88 18.10
C LEU B 140 10.68 15.72 19.26
N ALA B 141 11.58 16.19 20.13
CA ALA B 141 11.22 17.11 21.21
C ALA B 141 10.70 18.44 20.68
N ALA B 142 11.30 18.88 19.57
CA ALA B 142 10.91 20.13 18.91
C ALA B 142 9.48 20.06 18.42
N LEU B 143 9.07 18.88 17.96
CA LEU B 143 7.73 18.68 17.41
C LEU B 143 6.74 18.46 18.55
N TYR B 144 7.10 17.57 19.47
CA TYR B 144 6.22 17.26 20.59
C TYR B 144 6.71 18.05 21.81
N SER B 145 6.47 19.37 21.73
CA SER B 145 6.97 20.38 22.65
C SER B 145 6.29 20.40 24.02
N SER B 146 5.05 19.89 24.07
CA SER B 146 4.36 19.74 25.34
C SER B 146 4.90 18.51 26.04
N GLU B 147 5.80 17.83 25.33
CA GLU B 147 6.68 16.79 25.83
C GLU B 147 6.04 15.77 26.74
N GLY B 148 6.88 15.25 27.63
CA GLY B 148 6.60 14.01 28.32
C GLY B 148 6.98 12.89 27.38
N SER B 149 5.96 12.27 26.80
CA SER B 149 6.11 11.05 26.02
C SER B 149 6.50 11.36 24.58
N VAL B 150 7.64 12.02 24.41
CA VAL B 150 8.12 12.39 23.09
C VAL B 150 8.35 11.17 22.19
N MET B 151 9.07 10.17 22.67
CA MET B 151 9.38 9.00 21.84
C MET B 151 8.11 8.23 21.49
N GLU B 152 7.20 8.16 22.44
CA GLU B 152 5.95 7.43 22.20
C GLU B 152 5.06 8.14 21.18
N ARG B 153 5.04 9.47 21.21
CA ARG B 153 4.32 10.23 20.18
C ARG B 153 4.90 9.90 18.81
N HIS B 154 6.23 9.76 18.76
CA HIS B 154 6.89 9.45 17.51
C HIS B 154 6.60 8.02 17.05
N HIS B 155 6.64 7.05 17.97
CA HIS B 155 6.35 5.68 17.59
C HIS B 155 4.99 5.58 16.94
N PHE B 156 3.99 6.23 17.56
CA PHE B 156 2.65 6.32 16.99
C PHE B 156 2.69 6.96 15.62
N ALA B 157 3.46 8.04 15.50
CA ALA B 157 3.54 8.75 14.22
C ALA B 157 4.09 7.82 13.15
N GLN B 158 5.07 7.00 13.52
CA GLN B 158 5.66 6.07 12.56
C GLN B 158 4.64 5.01 12.17
N ALA B 159 3.85 4.56 13.14
CA ALA B 159 2.78 3.60 12.87
C ALA B 159 1.80 4.16 11.83
N ILE B 160 1.40 5.42 12.02
CA ILE B 160 0.51 6.09 11.07
C ILE B 160 1.08 6.21 9.66
N ALA B 161 2.36 6.57 9.59
CA ALA B 161 3.05 6.70 8.31
C ALA B 161 3.08 5.37 7.56
N ILE B 162 3.22 4.26 8.29
CA ILE B 162 3.19 2.96 7.65
C ILE B 162 1.79 2.65 7.11
N LEU B 163 0.79 2.88 7.96
CA LEU B 163 -0.60 2.65 7.61
C LEU B 163 -1.00 3.48 6.39
N ASN B 164 -0.42 4.68 6.28
CA ASN B 164 -0.73 5.57 5.18
C ASN B 164 0.17 5.37 3.98
N THR B 165 1.00 4.34 4.05
CA THR B 165 1.81 3.98 2.89
C THR B 165 0.99 3.08 2.01
N HIS B 166 0.98 3.40 0.72
CA HIS B 166 0.26 2.59 -0.24
C HIS B 166 0.52 1.09 -0.06
N GLY B 167 -0.55 0.33 0.11
CA GLY B 167 -0.43 -1.12 0.19
C GLY B 167 -0.23 -1.68 1.57
N CYS B 168 -0.24 -0.80 2.59
CA CYS B 168 0.04 -1.22 3.96
C CYS B 168 -1.11 -0.96 4.92
N ASN B 169 -2.22 -0.43 4.44
CA ASN B 169 -3.28 -0.08 5.37
C ASN B 169 -4.14 -1.29 5.69
N ILE B 170 -3.77 -1.99 6.76
CA ILE B 170 -4.49 -3.18 7.20
C ILE B 170 -5.85 -2.83 7.80
N PHE B 171 -6.16 -1.55 7.96
CA PHE B 171 -7.44 -1.14 8.52
C PHE B 171 -8.37 -0.65 7.43
N ASP B 172 -8.01 -0.94 6.17
CA ASP B 172 -8.80 -0.52 5.02
C ASP B 172 -10.26 -0.99 5.12
N HIS B 173 -10.47 -2.11 5.79
CA HIS B 173 -11.81 -2.70 5.94
C HIS B 173 -12.73 -1.87 6.83
N PHE B 174 -12.14 -1.04 7.68
CA PHE B 174 -12.90 -0.32 8.71
C PHE B 174 -13.71 0.82 8.13
N SER B 175 -14.90 1.04 8.68
CA SER B 175 -15.67 2.25 8.38
C SER B 175 -14.83 3.43 8.85
N ARG B 176 -15.13 4.63 8.36
CA ARG B 176 -14.37 5.79 8.79
C ARG B 176 -14.48 5.95 10.31
N LYS B 177 -15.64 5.63 10.87
CA LYS B 177 -15.80 5.70 12.32
C LYS B 177 -14.88 4.71 13.05
N ASP B 178 -14.89 3.44 12.64
CA ASP B 178 -14.04 2.45 13.29
C ASP B 178 -12.56 2.73 13.00
N TYR B 179 -12.29 3.31 11.83
CA TYR B 179 -10.92 3.67 11.47
C TYR B 179 -10.36 4.67 12.50
N GLN B 180 -11.08 5.76 12.74
CA GLN B 180 -10.70 6.73 13.75
C GLN B 180 -10.59 6.09 15.13
N ARG B 181 -11.54 5.22 15.47
CA ARG B 181 -11.47 4.58 16.78
C ARG B 181 -10.18 3.76 16.94
N MET B 182 -9.79 3.06 15.88
CA MET B 182 -8.56 2.26 15.87
C MET B 182 -7.32 3.14 16.04
N LEU B 183 -7.30 4.27 15.33
CA LEU B 183 -6.17 5.19 15.42
C LEU B 183 -6.03 5.77 16.81
N ASP B 184 -7.17 6.10 17.42
CA ASP B 184 -7.17 6.66 18.76
C ASP B 184 -6.84 5.60 19.81
N LEU B 185 -7.32 4.37 19.60
CA LEU B 185 -6.88 3.24 20.41
C LEU B 185 -5.36 3.07 20.34
N MET B 186 -4.81 3.06 19.14
CA MET B 186 -3.36 2.87 18.97
C MET B 186 -2.57 3.99 19.63
N ARG B 187 -3.07 5.23 19.56
CA ARG B 187 -2.33 6.31 20.20
C ARG B 187 -2.34 6.14 21.71
N ASP B 188 -3.51 5.81 22.24
CA ASP B 188 -3.68 5.61 23.67
C ASP B 188 -2.76 4.52 24.18
N ILE B 189 -2.75 3.40 23.46
CA ILE B 189 -2.00 2.23 23.91
C ILE B 189 -0.51 2.49 23.79
N ILE B 190 -0.10 3.07 22.67
CA ILE B 190 1.32 3.36 22.49
C ILE B 190 1.79 4.41 23.50
N LEU B 191 0.96 5.40 23.78
CA LEU B 191 1.32 6.42 24.77
C LEU B 191 1.49 5.80 26.15
N ALA B 192 0.69 4.78 26.42
CA ALA B 192 0.73 4.12 27.70
C ALA B 192 2.03 3.35 27.92
N THR B 193 2.84 3.16 26.86
CA THR B 193 4.14 2.48 27.05
C THR B 193 5.22 3.40 27.68
N ASP B 194 4.92 4.68 27.85
CA ASP B 194 5.79 5.57 28.63
C ASP B 194 5.62 5.21 30.11
N LEU B 195 6.69 4.74 30.78
CA LEU B 195 6.56 4.32 32.17
C LEU B 195 6.10 5.46 33.07
N ALA B 196 6.40 6.71 32.67
CA ALA B 196 5.92 7.86 33.42
C ALA B 196 4.39 7.87 33.42
N HIS B 197 3.81 7.46 32.30
CA HIS B 197 2.35 7.37 32.19
C HIS B 197 1.82 6.26 33.11
N HIS B 198 2.47 5.10 33.05
CA HIS B 198 2.12 4.00 33.93
C HIS B 198 2.12 4.41 35.40
N LEU B 199 3.18 5.10 35.82
CA LEU B 199 3.27 5.47 37.21
C LEU B 199 2.19 6.50 37.56
N ARG B 200 1.82 7.36 36.62
CA ARG B 200 0.71 8.29 36.86
C ARG B 200 -0.65 7.58 37.09
N ILE B 201 -0.89 6.49 36.37
CA ILE B 201 -2.18 5.79 36.46
C ILE B 201 -2.15 4.59 37.40
N PHE B 202 -1.01 4.35 38.05
CA PHE B 202 -0.87 3.18 38.90
C PHE B 202 -2.01 3.03 39.92
N LYS B 203 -2.34 4.11 40.62
CA LYS B 203 -3.37 4.05 41.67
C LYS B 203 -4.75 3.77 41.08
N ASP B 204 -5.02 4.34 39.91
CA ASP B 204 -6.21 4.00 39.15
C ASP B 204 -6.23 2.51 38.84
N LEU B 205 -5.08 1.98 38.42
CA LEU B 205 -4.97 0.54 38.21
C LEU B 205 -5.22 -0.23 39.52
N GLN B 206 -4.56 0.17 40.60
CA GLN B 206 -4.78 -0.48 41.90
C GLN B 206 -6.25 -0.46 42.31
N LYS B 207 -6.91 0.67 42.05
CA LYS B 207 -8.32 0.80 42.38
C LYS B 207 -9.18 -0.19 41.61
N MET B 208 -8.93 -0.28 40.31
CA MET B 208 -9.66 -1.20 39.44
C MET B 208 -9.49 -2.66 39.89
N ALA B 209 -8.28 -3.03 40.27
CA ALA B 209 -8.00 -4.39 40.71
C ALA B 209 -8.70 -4.68 42.03
N GLU B 210 -8.80 -3.65 42.86
CA GLU B 210 -9.47 -3.79 44.16
C GLU B 210 -10.97 -3.99 44.00
N VAL B 211 -11.62 -3.16 43.19
CA VAL B 211 -13.06 -3.22 43.05
C VAL B 211 -13.48 -4.37 42.15
N GLY B 212 -12.58 -4.75 41.25
CA GLY B 212 -12.89 -5.78 40.26
C GLY B 212 -13.23 -5.17 38.91
N TYR B 213 -12.68 -5.77 37.86
CA TYR B 213 -12.89 -5.30 36.49
C TYR B 213 -14.35 -5.35 36.08
N ASP B 214 -14.81 -4.27 35.47
CA ASP B 214 -16.18 -4.16 35.01
C ASP B 214 -16.20 -3.93 33.51
N ARG B 215 -16.64 -4.92 32.75
CA ARG B 215 -16.60 -4.84 31.29
C ARG B 215 -17.50 -3.72 30.76
N ASN B 216 -18.49 -3.31 31.54
CA ASN B 216 -19.39 -2.24 31.10
C ASN B 216 -18.89 -0.87 31.50
N ASN B 217 -17.71 -0.84 32.11
CA ASN B 217 -17.05 0.41 32.48
C ASN B 217 -16.02 0.78 31.41
N LYS B 218 -16.27 1.83 30.65
CA LYS B 218 -15.35 2.17 29.57
C LYS B 218 -14.00 2.64 30.12
N GLN B 219 -13.99 3.28 31.28
CA GLN B 219 -12.72 3.64 31.90
C GLN B 219 -11.89 2.38 32.25
N HIS B 220 -12.55 1.33 32.68
CA HIS B 220 -11.85 0.06 32.97
C HIS B 220 -11.23 -0.52 31.71
N HIS B 221 -11.93 -0.42 30.58
CA HIS B 221 -11.36 -0.89 29.32
C HIS B 221 -10.04 -0.18 29.04
N ARG B 222 -10.05 1.15 29.18
CA ARG B 222 -8.87 1.97 28.94
C ARG B 222 -7.73 1.61 29.91
N LEU B 223 -8.06 1.45 31.19
CA LEU B 223 -7.05 1.08 32.17
C LEU B 223 -6.49 -0.32 31.89
N LEU B 224 -7.38 -1.27 31.57
CA LEU B 224 -6.95 -2.62 31.26
C LEU B 224 -5.98 -2.63 30.08
N LEU B 225 -6.34 -1.93 29.01
CA LEU B 225 -5.45 -1.82 27.84
C LEU B 225 -4.07 -1.30 28.20
N CYS B 226 -3.99 -0.29 29.07
CA CYS B 226 -2.71 0.23 29.53
C CYS B 226 -1.93 -0.83 30.29
N LEU B 227 -2.59 -1.48 31.22
CA LEU B 227 -1.90 -2.48 32.03
C LEU B 227 -1.40 -3.65 31.18
N LEU B 228 -2.25 -4.13 30.28
CA LEU B 228 -1.89 -5.22 29.37
C LEU B 228 -0.69 -4.85 28.47
N MET B 229 -0.71 -3.62 27.95
CA MET B 229 0.40 -3.13 27.11
C MET B 229 1.71 -3.10 27.90
N THR B 230 1.69 -2.54 29.09
CA THR B 230 2.86 -2.51 29.96
C THR B 230 3.33 -3.93 30.27
N SER B 231 2.37 -4.84 30.46
CA SER B 231 2.72 -6.22 30.76
C SER B 231 3.46 -6.86 29.60
N CYS B 232 3.07 -6.51 28.39
CA CYS B 232 3.73 -7.04 27.20
C CYS B 232 5.13 -6.45 27.07
N ASP B 233 5.21 -5.14 27.31
CA ASP B 233 6.47 -4.40 27.21
C ASP B 233 7.55 -4.91 28.18
N LEU B 234 7.14 -5.30 29.40
CA LEU B 234 8.10 -5.78 30.39
C LEU B 234 8.21 -7.30 30.42
N SER B 235 7.64 -7.97 29.43
CA SER B 235 7.45 -9.44 29.54
C SER B 235 8.74 -10.29 29.55
N ASP B 236 9.87 -9.69 29.19
CA ASP B 236 11.15 -10.38 29.34
C ASP B 236 11.44 -10.73 30.79
N GLN B 237 10.75 -10.07 31.71
CA GLN B 237 11.00 -10.34 33.13
C GLN B 237 10.25 -11.59 33.58
N THR B 238 9.40 -12.13 32.73
CA THR B 238 8.51 -13.23 33.11
C THR B 238 9.03 -14.57 32.63
N LYS B 239 10.16 -14.57 31.94
CA LYS B 239 10.71 -15.82 31.42
C LYS B 239 11.68 -16.41 32.45
N GLY B 240 12.71 -17.10 31.99
CA GLY B 240 13.66 -17.72 32.89
C GLY B 240 14.76 -16.73 33.25
N TRP B 241 15.71 -17.17 34.07
CA TRP B 241 16.80 -16.31 34.49
C TRP B 241 17.66 -15.84 33.31
N LYS B 242 17.93 -16.74 32.37
CA LYS B 242 18.83 -16.41 31.27
C LYS B 242 18.28 -15.25 30.46
N THR B 243 16.95 -15.17 30.34
CA THR B 243 16.33 -14.09 29.59
C THR B 243 16.51 -12.72 30.28
N THR B 244 16.28 -12.67 31.58
CA THR B 244 16.43 -11.41 32.32
C THR B 244 17.90 -10.95 32.34
N ARG B 245 18.82 -11.91 32.44
CA ARG B 245 20.23 -11.56 32.48
C ARG B 245 20.62 -10.94 31.15
N LYS B 246 20.23 -11.59 30.07
CA LYS B 246 20.62 -11.15 28.75
C LYS B 246 19.93 -9.82 28.40
N ILE B 247 18.68 -9.66 28.82
CA ILE B 247 18.00 -8.42 28.49
C ILE B 247 18.59 -7.27 29.34
N ALA B 248 19.09 -7.60 30.53
CA ALA B 248 19.80 -6.62 31.35
C ALA B 248 21.04 -6.10 30.60
N GLU B 249 21.82 -7.01 30.05
CA GLU B 249 22.98 -6.68 29.21
C GLU B 249 22.63 -5.71 28.08
N LEU B 250 21.57 -6.03 27.32
CA LEU B 250 21.14 -5.21 26.18
C LEU B 250 20.67 -3.82 26.64
N ILE B 251 19.81 -3.83 27.66
CA ILE B 251 19.29 -2.59 28.25
C ILE B 251 20.41 -1.66 28.69
N TYR B 252 21.37 -2.15 29.47
CA TYR B 252 22.40 -1.27 30.00
C TYR B 252 23.43 -0.91 28.93
N LYS B 253 23.65 -1.77 27.95
CA LYS B 253 24.51 -1.41 26.83
C LYS B 253 23.92 -0.18 26.11
N GLU B 254 22.61 -0.23 25.89
CA GLU B 254 21.88 0.90 25.34
C GLU B 254 21.99 2.13 26.25
N PHE B 255 21.68 1.97 27.54
CA PHE B 255 21.69 3.12 28.47
C PHE B 255 23.06 3.79 28.50
N PHE B 256 24.11 2.98 28.60
CA PHE B 256 25.45 3.56 28.74
C PHE B 256 25.89 4.30 27.47
N SER B 257 25.43 3.84 26.31
CA SER B 257 25.73 4.56 25.08
C SER B 257 25.09 5.95 25.11
N GLN B 258 23.87 6.03 25.63
CA GLN B 258 23.25 7.33 25.87
C GLN B 258 24.09 8.17 26.83
N GLY B 259 24.45 7.59 27.96
CA GLY B 259 25.24 8.30 28.95
C GLY B 259 26.54 8.86 28.36
N ASP B 260 27.22 8.05 27.55
CA ASP B 260 28.45 8.46 26.90
C ASP B 260 28.21 9.68 26.02
N LEU B 261 27.14 9.61 25.23
CA LEU B 261 26.76 10.75 24.41
C LEU B 261 26.52 11.98 25.28
N GLU B 262 25.63 11.87 26.26
CA GLU B 262 25.36 12.96 27.19
C GLU B 262 26.62 13.57 27.84
N LYS B 263 27.59 12.73 28.22
CA LYS B 263 28.84 13.28 28.77
C LYS B 263 29.57 14.14 27.74
N ALA B 264 29.64 13.64 26.51
CA ALA B 264 30.27 14.35 25.40
C ALA B 264 29.64 15.72 25.19
N MET B 265 28.30 15.77 25.22
CA MET B 265 27.56 17.01 25.04
C MET B 265 27.67 17.93 26.25
N GLY B 266 28.37 17.47 27.28
CA GLY B 266 28.55 18.24 28.48
C GLY B 266 27.31 18.26 29.35
N ASN B 267 26.62 17.13 29.41
CA ASN B 267 25.42 17.03 30.24
C ASN B 267 25.57 15.95 31.31
N ARG B 268 24.74 16.06 32.34
CA ARG B 268 24.75 15.17 33.50
C ARG B 268 23.90 13.95 33.22
N PRO B 269 24.52 12.80 32.92
CA PRO B 269 23.65 11.64 32.69
C PRO B 269 23.07 11.12 33.99
N MET B 270 21.90 10.50 33.93
CA MET B 270 21.39 9.77 35.09
C MET B 270 22.43 8.74 35.50
N GLU B 271 22.48 8.41 36.78
CA GLU B 271 23.42 7.42 37.27
C GLU B 271 23.26 6.09 36.54
N MET B 272 22.01 5.70 36.26
CA MET B 272 21.77 4.40 35.64
C MET B 272 22.25 4.36 34.18
N MET B 273 22.54 5.53 33.62
CA MET B 273 23.05 5.63 32.27
C MET B 273 24.56 5.91 32.24
N ASP B 274 25.17 5.99 33.42
CA ASP B 274 26.59 6.28 33.52
C ASP B 274 27.37 5.00 33.82
N ARG B 275 28.11 4.50 32.83
CA ARG B 275 28.82 3.22 32.99
C ARG B 275 29.89 3.28 34.08
N GLU B 276 30.29 4.48 34.49
CA GLU B 276 31.27 4.63 35.55
C GLU B 276 30.63 4.59 36.94
N LYS B 277 29.31 4.78 36.99
CA LYS B 277 28.60 4.86 38.26
C LYS B 277 27.64 3.69 38.44
N ALA B 278 26.97 3.30 37.35
CA ALA B 278 25.92 2.28 37.40
C ALA B 278 26.36 0.99 38.07
N TYR B 279 25.61 0.57 39.09
CA TYR B 279 25.78 -0.73 39.71
C TYR B 279 24.57 -1.58 39.33
N ILE B 280 24.74 -2.35 38.28
CA ILE B 280 23.65 -3.03 37.59
C ILE B 280 22.72 -3.89 38.47
N PRO B 281 23.28 -4.74 39.37
CA PRO B 281 22.35 -5.61 40.13
C PRO B 281 21.30 -4.84 40.90
N GLU B 282 21.69 -3.79 41.62
CA GLU B 282 20.72 -3.06 42.43
C GLU B 282 19.79 -2.22 41.56
N LEU B 283 20.28 -1.75 40.43
CA LEU B 283 19.44 -1.04 39.47
C LEU B 283 18.36 -1.99 38.94
N GLN B 284 18.79 -3.20 38.59
CA GLN B 284 17.89 -4.20 38.04
C GLN B 284 16.91 -4.66 39.11
N ILE B 285 17.40 -4.85 40.33
CA ILE B 285 16.57 -5.29 41.45
C ILE B 285 15.53 -4.22 41.78
N SER B 286 15.97 -2.96 41.80
CA SER B 286 15.05 -1.84 42.00
C SER B 286 13.98 -1.79 40.91
N PHE B 287 14.39 -1.87 39.65
CA PHE B 287 13.43 -1.88 38.55
C PHE B 287 12.39 -2.97 38.75
N MET B 288 12.85 -4.14 39.17
CA MET B 288 11.94 -5.27 39.37
C MET B 288 11.05 -5.06 40.58
N GLU B 289 11.64 -4.55 41.66
CA GLU B 289 10.90 -4.29 42.88
C GLU B 289 9.82 -3.22 42.70
N HIS B 290 10.23 -2.10 42.13
CA HIS B 290 9.41 -0.90 42.17
C HIS B 290 8.49 -0.77 40.96
N ILE B 291 8.79 -1.50 39.89
CA ILE B 291 8.05 -1.34 38.66
C ILE B 291 7.50 -2.65 38.09
N ALA B 292 8.37 -3.62 37.81
CA ALA B 292 7.90 -4.85 37.16
C ALA B 292 7.00 -5.71 38.07
N MET B 293 7.41 -5.93 39.31
CA MET B 293 6.62 -6.78 40.18
C MET B 293 5.21 -6.20 40.48
N PRO B 294 5.12 -4.90 40.83
CA PRO B 294 3.75 -4.40 41.00
C PRO B 294 2.86 -4.53 39.76
N ILE B 295 3.44 -4.44 38.57
CA ILE B 295 2.67 -4.61 37.35
C ILE B 295 2.06 -6.01 37.25
N TYR B 296 2.86 -7.04 37.52
CA TYR B 296 2.37 -8.41 37.35
C TYR B 296 1.51 -8.82 38.55
N LYS B 297 1.69 -8.14 39.68
CA LYS B 297 0.79 -8.34 40.82
C LYS B 297 -0.60 -7.83 40.47
N LEU B 298 -0.67 -6.66 39.84
CA LEU B 298 -1.95 -6.14 39.34
C LEU B 298 -2.58 -7.12 38.37
N LEU B 299 -1.80 -7.61 37.42
CA LEU B 299 -2.32 -8.53 36.40
C LEU B 299 -2.85 -9.79 37.07
N GLN B 300 -2.10 -10.29 38.05
CA GLN B 300 -2.53 -11.42 38.85
C GLN B 300 -3.81 -11.14 39.64
N ASP B 301 -3.88 -9.95 40.23
CA ASP B 301 -5.06 -9.52 40.99
C ASP B 301 -6.30 -9.53 40.09
N LEU B 302 -6.09 -9.21 38.83
CA LEU B 302 -7.19 -9.13 37.87
C LEU B 302 -7.47 -10.47 37.18
N PHE B 303 -6.42 -11.23 36.94
CA PHE B 303 -6.53 -12.52 36.27
C PHE B 303 -5.76 -13.57 37.06
N PRO B 304 -6.46 -14.42 37.80
CA PRO B 304 -5.77 -15.46 38.57
C PRO B 304 -4.82 -16.32 37.72
N LYS B 305 -5.12 -16.47 36.43
CA LYS B 305 -4.28 -17.29 35.54
C LYS B 305 -2.95 -16.61 35.24
N ALA B 306 -2.79 -15.36 35.67
CA ALA B 306 -1.54 -14.65 35.47
C ALA B 306 -0.64 -14.75 36.70
N ALA B 307 -1.08 -15.50 37.71
CA ALA B 307 -0.29 -15.67 38.93
C ALA B 307 1.13 -16.16 38.64
N GLU B 308 1.26 -17.11 37.73
CA GLU B 308 2.57 -17.66 37.44
C GLU B 308 3.51 -16.60 36.87
N LEU B 309 2.95 -15.60 36.18
CA LEU B 309 3.77 -14.51 35.67
C LEU B 309 4.39 -13.74 36.83
N TYR B 310 3.57 -13.39 37.81
CA TYR B 310 4.05 -12.64 38.97
C TYR B 310 5.09 -13.45 39.73
N GLU B 311 4.81 -14.74 39.93
CA GLU B 311 5.74 -15.63 40.61
C GLU B 311 7.13 -15.69 39.95
N ARG B 312 7.18 -15.73 38.62
CA ARG B 312 8.45 -15.82 37.90
C ARG B 312 9.23 -14.53 38.02
N VAL B 313 8.56 -13.40 37.86
CA VAL B 313 9.23 -12.11 38.06
C VAL B 313 9.83 -12.02 39.46
N ALA B 314 9.06 -12.41 40.48
CA ALA B 314 9.55 -12.42 41.85
C ALA B 314 10.74 -13.34 41.99
N SER B 315 10.68 -14.50 41.32
CA SER B 315 11.74 -15.48 41.41
C SER B 315 13.02 -14.98 40.74
N ASN B 316 12.87 -14.26 39.62
CA ASN B 316 14.02 -13.72 38.90
C ASN B 316 14.67 -12.59 39.70
N ARG B 317 13.83 -11.84 40.39
CA ARG B 317 14.30 -10.82 41.31
C ARG B 317 15.18 -11.46 42.38
N GLU B 318 14.70 -12.56 42.95
CA GLU B 318 15.46 -13.22 44.00
C GLU B 318 16.78 -13.76 43.47
N HIS B 319 16.77 -14.24 42.24
CA HIS B 319 17.98 -14.71 41.57
C HIS B 319 19.02 -13.59 41.43
N TRP B 320 18.56 -12.39 41.07
CA TRP B 320 19.47 -11.25 40.95
C TRP B 320 20.12 -10.93 42.30
N THR B 321 19.34 -11.04 43.36
CA THR B 321 19.83 -10.82 44.70
C THR B 321 20.91 -11.87 45.02
N LYS B 322 20.80 -13.03 44.39
CA LYS B 322 21.71 -14.15 44.64
C LYS B 322 23.06 -13.96 43.94
N VAL B 323 23.04 -13.40 42.74
CA VAL B 323 24.27 -13.23 41.96
C VAL B 323 24.84 -11.83 42.05
N SER B 324 24.17 -10.98 42.83
CA SER B 324 24.57 -9.58 42.96
C SER B 324 26.04 -9.45 43.40
N HIS B 325 26.42 -10.29 44.36
CA HIS B 325 27.75 -10.29 44.94
C HIS B 325 28.86 -10.46 43.89
N LYS B 326 28.51 -11.05 42.76
CA LYS B 326 29.48 -11.32 41.70
C LYS B 326 29.98 -10.07 41.02
N PHE B 327 29.26 -8.97 41.17
CA PHE B 327 29.70 -7.71 40.57
C PHE B 327 30.83 -7.08 41.38
N THR B 328 31.14 -7.69 42.52
CA THR B 328 32.29 -7.32 43.31
C THR B 328 33.30 -8.46 43.20
N ILE B 329 34.45 -8.17 42.59
CA ILE B 329 35.41 -9.21 42.25
C ILE B 329 36.10 -9.78 43.47
N ARG B 330 35.76 -11.03 43.79
CA ARG B 330 36.49 -11.80 44.77
C ARG B 330 37.39 -12.81 44.06
N GLY B 331 38.48 -13.18 44.72
CA GLY B 331 39.50 -13.95 44.05
C GLY B 331 40.19 -13.08 43.02
N LEU B 332 40.80 -13.74 42.03
CA LEU B 332 41.40 -13.06 40.91
C LEU B 332 40.36 -13.05 39.81
N PRO B 333 40.49 -12.11 38.87
CA PRO B 333 39.71 -12.20 37.63
C PRO B 333 40.06 -13.50 36.89
N SER B 334 39.26 -13.90 35.90
CA SER B 334 39.42 -15.20 35.27
C SER B 334 40.81 -15.43 34.66
N ASN B 335 41.48 -14.34 34.30
CA ASN B 335 42.83 -14.44 33.73
C ASN B 335 43.97 -14.49 34.74
N ASN B 336 43.62 -14.56 36.02
CA ASN B 336 44.61 -14.59 37.11
C ASN B 336 45.52 -13.38 37.12
N SER B 337 45.02 -12.28 36.57
CA SER B 337 45.77 -11.05 36.46
C SER B 337 45.10 -9.89 37.16
N LEU B 338 45.89 -9.04 37.79
CA LEU B 338 45.41 -7.79 38.34
C LEU B 338 45.75 -6.64 37.39
N ASP B 339 45.86 -6.98 36.11
CA ASP B 339 46.19 -6.02 35.06
C ASP B 339 45.22 -4.85 35.02
N PHE B 340 43.94 -5.15 35.19
CA PHE B 340 42.89 -4.16 35.12
C PHE B 340 43.10 -3.01 36.10
N LEU B 341 43.91 -3.23 37.13
CA LEU B 341 44.25 -2.13 38.05
C LEU B 341 45.06 -1.09 37.32
N ILE C 15 -19.19 -50.30 -19.04
CA ILE C 15 -18.48 -49.86 -17.84
C ILE C 15 -18.50 -50.93 -16.75
N GLN C 16 -17.32 -51.24 -16.22
CA GLN C 16 -17.14 -52.24 -15.18
C GLN C 16 -17.70 -51.80 -13.83
N PRO C 17 -18.37 -52.72 -13.11
CA PRO C 17 -18.81 -52.44 -11.73
C PRO C 17 -17.61 -52.30 -10.79
N VAL C 18 -17.80 -51.61 -9.66
CA VAL C 18 -16.68 -51.34 -8.75
C VAL C 18 -16.22 -52.57 -7.97
N ALA C 19 -17.16 -53.34 -7.43
CA ALA C 19 -16.80 -54.53 -6.67
C ALA C 19 -16.15 -55.55 -7.60
N ALA C 20 -16.40 -55.39 -8.90
CA ALA C 20 -15.75 -56.20 -9.93
C ALA C 20 -14.32 -55.73 -10.18
N ILE C 21 -14.08 -54.43 -10.00
CA ILE C 21 -12.72 -53.90 -10.08
C ILE C 21 -11.88 -54.49 -8.94
N ASP C 22 -12.47 -54.49 -7.75
CA ASP C 22 -11.81 -55.03 -6.58
C ASP C 22 -12.80 -55.26 -5.46
N SER C 23 -12.61 -56.37 -4.74
CA SER C 23 -13.38 -56.74 -3.57
C SER C 23 -13.67 -55.53 -2.69
N ASN C 24 -12.59 -54.88 -2.26
CA ASN C 24 -12.63 -53.81 -1.26
C ASN C 24 -12.59 -52.39 -1.85
N PHE C 25 -12.99 -52.24 -3.11
CA PHE C 25 -12.82 -50.98 -3.84
C PHE C 25 -13.48 -49.79 -3.16
N ALA C 26 -14.55 -50.04 -2.40
CA ALA C 26 -15.28 -48.96 -1.74
C ALA C 26 -14.97 -48.85 -0.24
N SER C 27 -13.93 -49.55 0.21
CA SER C 27 -13.50 -49.47 1.61
C SER C 27 -12.40 -48.45 1.80
N PHE C 28 -12.35 -47.86 3.00
CA PHE C 28 -11.26 -46.99 3.39
C PHE C 28 -9.93 -47.74 3.43
N THR C 29 -9.99 -49.07 3.47
CA THR C 29 -8.76 -49.87 3.53
C THR C 29 -8.10 -49.97 2.14
N TYR C 30 -8.88 -49.76 1.09
CA TYR C 30 -8.39 -49.88 -0.27
C TYR C 30 -7.36 -48.81 -0.62
N THR C 31 -6.25 -49.22 -1.25
CA THR C 31 -5.25 -48.27 -1.74
C THR C 31 -5.35 -48.13 -3.25
N PRO C 32 -5.99 -47.06 -3.72
CA PRO C 32 -6.22 -46.86 -5.14
C PRO C 32 -4.92 -46.80 -5.97
N ARG C 33 -3.81 -46.41 -5.34
CA ARG C 33 -2.54 -46.34 -6.04
C ARG C 33 -2.05 -47.72 -6.48
N SER C 34 -2.64 -48.77 -5.90
CA SER C 34 -2.31 -50.14 -6.29
C SER C 34 -2.88 -50.45 -7.67
N LEU C 35 -3.89 -49.69 -8.10
CA LEU C 35 -4.49 -49.89 -9.41
C LEU C 35 -3.50 -49.51 -10.50
N PRO C 36 -3.31 -50.39 -11.50
CA PRO C 36 -2.41 -50.05 -12.60
C PRO C 36 -2.88 -48.78 -13.29
N GLU C 37 -1.96 -47.86 -13.56
CA GLU C 37 -2.32 -46.56 -14.13
C GLU C 37 -3.17 -46.69 -15.41
N ASP C 38 -2.95 -47.77 -16.16
CA ASP C 38 -3.71 -48.01 -17.40
C ASP C 38 -5.19 -48.28 -17.14
N ASP C 39 -5.53 -48.60 -15.90
CA ASP C 39 -6.91 -48.95 -15.54
C ASP C 39 -7.65 -47.81 -14.85
N THR C 40 -6.96 -46.71 -14.59
CA THR C 40 -7.51 -45.64 -13.77
C THR C 40 -8.67 -44.87 -14.43
N SER C 41 -8.67 -44.77 -15.75
CA SER C 41 -9.74 -44.04 -16.44
C SER C 41 -11.05 -44.82 -16.36
N MET C 42 -10.99 -46.13 -16.61
CA MET C 42 -12.15 -46.98 -16.46
C MET C 42 -12.72 -46.91 -15.04
N ALA C 43 -11.83 -46.91 -14.05
CA ALA C 43 -12.25 -46.83 -12.66
C ALA C 43 -12.94 -45.50 -12.35
N ILE C 44 -12.50 -44.43 -13.00
CA ILE C 44 -13.19 -43.14 -12.91
C ILE C 44 -14.64 -43.29 -13.40
N LEU C 45 -14.80 -43.90 -14.56
CA LEU C 45 -16.11 -44.14 -15.14
C LEU C 45 -16.96 -45.02 -14.23
N SER C 46 -16.32 -46.03 -13.66
CA SER C 46 -16.98 -46.96 -12.76
C SER C 46 -17.50 -46.24 -11.52
N MET C 47 -16.72 -45.31 -11.02
CA MET C 47 -17.10 -44.56 -9.82
C MET C 47 -18.28 -43.61 -10.05
N LEU C 48 -18.23 -42.86 -11.15
CA LEU C 48 -19.33 -41.97 -11.53
C LEU C 48 -20.62 -42.75 -11.73
N GLN C 49 -20.50 -43.95 -12.29
CA GLN C 49 -21.65 -44.80 -12.54
C GLN C 49 -22.19 -45.37 -11.22
N ASP C 50 -21.28 -45.78 -10.34
CA ASP C 50 -21.65 -46.30 -9.03
C ASP C 50 -22.38 -45.22 -8.21
N MET C 51 -21.98 -43.96 -8.37
CA MET C 51 -22.67 -42.88 -7.69
C MET C 51 -23.88 -42.45 -8.52
N ASN C 52 -24.06 -43.09 -9.67
CA ASN C 52 -25.07 -42.77 -10.68
C ASN C 52 -25.23 -41.28 -11.01
N PHE C 53 -24.12 -40.63 -11.35
CA PHE C 53 -24.14 -39.26 -11.87
C PHE C 53 -24.37 -39.26 -13.38
N ILE C 54 -23.82 -40.26 -14.05
CA ILE C 54 -23.95 -40.42 -15.50
C ILE C 54 -25.43 -40.51 -15.93
N ASN C 55 -26.17 -41.41 -15.28
CA ASN C 55 -27.57 -41.58 -15.62
C ASN C 55 -28.41 -40.40 -15.15
N ASN C 56 -28.12 -39.89 -13.96
CA ASN C 56 -28.96 -38.86 -13.37
C ASN C 56 -28.78 -37.51 -14.06
N TYR C 57 -27.54 -37.19 -14.39
CA TYR C 57 -27.27 -35.94 -15.10
C TYR C 57 -27.23 -36.12 -16.61
N LYS C 58 -27.56 -37.33 -17.07
CA LYS C 58 -27.60 -37.66 -18.50
C LYS C 58 -26.27 -37.33 -19.18
N ILE C 59 -25.17 -37.70 -18.53
CA ILE C 59 -23.83 -37.50 -19.11
C ILE C 59 -23.67 -38.38 -20.35
N ASP C 60 -23.10 -37.82 -21.40
CA ASP C 60 -22.77 -38.59 -22.59
C ASP C 60 -21.48 -39.35 -22.31
N CYS C 61 -21.52 -40.67 -22.49
CA CYS C 61 -20.37 -41.49 -22.12
C CYS C 61 -19.15 -41.28 -23.01
N PRO C 62 -19.33 -41.12 -24.34
CA PRO C 62 -18.11 -40.83 -25.10
C PRO C 62 -17.48 -39.50 -24.70
N THR C 63 -18.30 -38.47 -24.49
CA THR C 63 -17.78 -37.18 -24.05
C THR C 63 -17.02 -37.34 -22.73
N LEU C 64 -17.57 -38.14 -21.83
CA LEU C 64 -16.97 -38.34 -20.52
C LEU C 64 -15.68 -39.16 -20.62
N ALA C 65 -15.65 -40.12 -21.52
CA ALA C 65 -14.43 -40.88 -21.79
C ALA C 65 -13.32 -39.95 -22.28
N ARG C 66 -13.65 -39.08 -23.22
CA ARG C 66 -12.66 -38.14 -23.76
C ARG C 66 -12.19 -37.18 -22.68
N PHE C 67 -13.14 -36.61 -21.93
CA PHE C 67 -12.83 -35.73 -20.82
C PHE C 67 -11.82 -36.36 -19.87
N CYS C 68 -12.09 -37.60 -19.48
CA CYS C 68 -11.23 -38.30 -18.53
C CYS C 68 -9.84 -38.49 -19.10
N LEU C 69 -9.77 -38.88 -20.36
CA LEU C 69 -8.46 -39.07 -21.01
C LEU C 69 -7.69 -37.75 -21.10
N MET C 70 -8.38 -36.67 -21.45
CA MET C 70 -7.78 -35.35 -21.51
C MET C 70 -7.28 -34.89 -20.17
N VAL C 71 -8.05 -35.17 -19.12
CA VAL C 71 -7.66 -34.79 -17.78
C VAL C 71 -6.42 -35.59 -17.37
N LYS C 72 -6.45 -36.90 -17.62
CA LYS C 72 -5.29 -37.74 -17.32
C LYS C 72 -4.03 -37.24 -18.04
N LYS C 73 -4.18 -36.96 -19.34
CA LYS C 73 -3.10 -36.46 -20.18
C LYS C 73 -2.63 -35.07 -19.75
N GLY C 74 -3.49 -34.35 -19.03
CA GLY C 74 -3.19 -33.01 -18.57
C GLY C 74 -2.28 -32.92 -17.35
N TYR C 75 -1.90 -34.07 -16.79
CA TYR C 75 -0.92 -34.11 -15.71
C TYR C 75 0.47 -34.41 -16.24
N ARG C 76 1.45 -33.72 -15.65
CA ARG C 76 2.85 -34.00 -15.96
C ARG C 76 3.37 -35.12 -15.06
N ASP C 77 4.68 -35.30 -15.04
CA ASP C 77 5.21 -36.37 -14.20
C ASP C 77 6.26 -35.94 -13.18
N PRO C 78 5.92 -34.98 -12.29
CA PRO C 78 6.81 -34.86 -11.14
C PRO C 78 6.57 -36.06 -10.23
N PRO C 79 7.47 -36.31 -9.26
CA PRO C 79 7.36 -37.50 -8.40
C PRO C 79 6.01 -37.64 -7.69
N TYR C 80 5.41 -36.54 -7.25
CA TYR C 80 4.15 -36.64 -6.51
C TYR C 80 2.94 -36.06 -7.27
N HIS C 81 3.04 -34.82 -7.72
CA HIS C 81 1.87 -34.15 -8.30
C HIS C 81 1.60 -34.57 -9.75
N ASN C 82 1.24 -35.84 -9.91
CA ASN C 82 1.01 -36.49 -11.20
C ASN C 82 -0.42 -37.06 -11.27
N TRP C 83 -0.76 -37.78 -12.34
CA TRP C 83 -2.14 -38.26 -12.49
C TRP C 83 -2.56 -39.24 -11.38
N MET C 84 -1.63 -40.08 -10.94
CA MET C 84 -1.94 -41.08 -9.92
C MET C 84 -2.33 -40.41 -8.61
N HIS C 85 -1.76 -39.23 -8.34
CA HIS C 85 -2.23 -38.41 -7.24
C HIS C 85 -3.68 -37.98 -7.45
N ALA C 86 -3.97 -37.40 -8.61
CA ALA C 86 -5.32 -36.93 -8.89
C ALA C 86 -6.34 -38.08 -8.79
N PHE C 87 -5.97 -39.26 -9.31
CA PHE C 87 -6.84 -40.43 -9.26
C PHE C 87 -7.11 -40.90 -7.83
N SER C 88 -6.07 -40.97 -7.00
CA SER C 88 -6.27 -41.45 -5.64
C SER C 88 -7.09 -40.44 -4.85
N VAL C 89 -6.90 -39.17 -5.14
CA VAL C 89 -7.70 -38.13 -4.50
C VAL C 89 -9.18 -38.27 -4.92
N SER C 90 -9.40 -38.49 -6.21
CA SER C 90 -10.75 -38.69 -6.72
C SER C 90 -11.35 -39.95 -6.12
N HIS C 91 -10.55 -40.99 -6.02
CA HIS C 91 -11.04 -42.24 -5.45
C HIS C 91 -11.52 -42.03 -4.00
N PHE C 92 -10.83 -41.15 -3.28
CA PHE C 92 -11.17 -40.89 -1.88
C PHE C 92 -12.48 -40.13 -1.78
N CYS C 93 -12.72 -39.23 -2.73
CA CYS C 93 -14.00 -38.52 -2.78
C CYS C 93 -15.12 -39.55 -2.89
N TYR C 94 -14.93 -40.50 -3.79
CA TYR C 94 -15.83 -41.62 -3.95
C TYR C 94 -16.05 -42.38 -2.63
N LEU C 95 -14.95 -42.64 -1.90
CA LEU C 95 -15.03 -43.29 -0.60
C LEU C 95 -15.89 -42.51 0.39
N LEU C 96 -15.70 -41.20 0.43
CA LEU C 96 -16.49 -40.36 1.31
C LEU C 96 -17.96 -40.51 0.96
N TYR C 97 -18.26 -40.51 -0.34
CA TYR C 97 -19.61 -40.72 -0.82
C TYR C 97 -20.18 -42.06 -0.35
N LYS C 98 -19.42 -43.13 -0.58
CA LYS C 98 -19.87 -44.49 -0.25
C LYS C 98 -19.99 -44.77 1.24
N ASN C 99 -19.14 -44.12 2.04
CA ASN C 99 -19.02 -44.48 3.45
C ASN C 99 -19.65 -43.48 4.42
N LEU C 100 -19.84 -42.23 3.96
CA LEU C 100 -20.32 -41.18 4.84
C LEU C 100 -21.71 -40.68 4.48
N GLU C 101 -22.27 -41.18 3.39
CA GLU C 101 -23.60 -40.75 2.93
C GLU C 101 -23.67 -39.22 2.75
N LEU C 102 -22.90 -38.73 1.80
CA LEU C 102 -22.82 -37.30 1.55
C LEU C 102 -24.16 -36.69 1.13
N THR C 103 -25.00 -37.47 0.44
CA THR C 103 -26.25 -36.95 -0.09
C THR C 103 -27.19 -36.53 1.03
N ASN C 104 -26.83 -36.86 2.27
CA ASN C 104 -27.54 -36.37 3.43
C ASN C 104 -27.14 -34.94 3.81
N TYR C 105 -25.97 -34.50 3.35
CA TYR C 105 -25.39 -33.23 3.80
C TYR C 105 -25.13 -32.26 2.63
N LEU C 106 -24.99 -32.80 1.43
CA LEU C 106 -24.72 -32.00 0.23
C LEU C 106 -25.70 -32.32 -0.90
N GLU C 107 -25.93 -31.32 -1.76
CA GLU C 107 -26.71 -31.52 -2.99
C GLU C 107 -25.95 -32.41 -3.97
N ASP C 108 -26.68 -33.09 -4.84
CA ASP C 108 -26.05 -34.00 -5.81
C ASP C 108 -25.02 -33.31 -6.71
N ILE C 109 -25.27 -32.06 -7.06
CA ILE C 109 -24.41 -31.33 -7.98
C ILE C 109 -23.12 -30.90 -7.28
N GLU C 110 -23.24 -30.62 -5.98
CA GLU C 110 -22.09 -30.27 -5.16
C GLU C 110 -21.12 -31.46 -5.05
N ILE C 111 -21.67 -32.66 -4.79
CA ILE C 111 -20.87 -33.87 -4.69
C ILE C 111 -20.24 -34.17 -6.05
N PHE C 112 -21.02 -33.98 -7.10
CA PHE C 112 -20.54 -34.21 -8.46
C PHE C 112 -19.39 -33.27 -8.77
N ALA C 113 -19.55 -32.00 -8.41
CA ALA C 113 -18.52 -30.99 -8.65
C ALA C 113 -17.25 -31.30 -7.86
N LEU C 114 -17.42 -31.82 -6.65
CA LEU C 114 -16.28 -32.21 -5.80
C LEU C 114 -15.44 -33.29 -6.47
N PHE C 115 -16.08 -34.30 -7.03
CA PHE C 115 -15.37 -35.42 -7.66
C PHE C 115 -14.66 -34.97 -8.94
N ILE C 116 -15.34 -34.16 -9.73
CA ILE C 116 -14.73 -33.63 -10.93
C ILE C 116 -13.56 -32.73 -10.57
N SER C 117 -13.75 -31.94 -9.51
CA SER C 117 -12.71 -31.04 -9.02
C SER C 117 -11.47 -31.82 -8.58
N CYS C 118 -11.69 -32.92 -7.86
CA CYS C 118 -10.56 -33.77 -7.45
C CYS C 118 -9.76 -34.23 -8.66
N MET C 119 -10.45 -34.60 -9.74
CA MET C 119 -9.76 -35.08 -10.93
C MET C 119 -8.85 -34.00 -11.53
N CYS C 120 -9.36 -32.78 -11.55
CA CYS C 120 -8.69 -31.66 -12.20
C CYS C 120 -7.76 -30.84 -11.31
N HIS C 121 -7.78 -31.08 -9.99
CA HIS C 121 -7.36 -30.04 -9.06
C HIS C 121 -5.87 -29.68 -9.06
N ASP C 122 -5.02 -30.54 -9.64
CA ASP C 122 -3.58 -30.28 -9.74
C ASP C 122 -3.10 -30.30 -11.22
N LEU C 123 -4.01 -30.01 -12.15
CA LEU C 123 -3.71 -30.11 -13.58
C LEU C 123 -2.49 -29.28 -13.98
N ASP C 124 -1.63 -29.90 -14.77
CA ASP C 124 -0.40 -29.31 -15.28
C ASP C 124 0.55 -28.86 -14.18
N HIS C 125 0.47 -29.49 -13.01
CA HIS C 125 1.39 -29.18 -11.90
C HIS C 125 2.82 -29.42 -12.36
N ARG C 126 3.75 -28.56 -11.94
CA ARG C 126 5.12 -28.63 -12.44
C ARG C 126 6.11 -29.02 -11.36
N GLY C 127 5.60 -29.52 -10.23
CA GLY C 127 6.45 -29.99 -9.17
C GLY C 127 7.02 -28.89 -8.31
N THR C 128 6.50 -27.67 -8.46
CA THR C 128 6.91 -26.54 -7.60
C THR C 128 5.69 -25.91 -6.94
N ASN C 129 5.90 -25.18 -5.85
CA ASN C 129 4.80 -24.52 -5.17
C ASN C 129 4.54 -23.11 -5.71
N ASN C 130 3.63 -22.38 -5.08
CA ASN C 130 3.26 -21.06 -5.56
C ASN C 130 4.38 -20.04 -5.44
N SER C 131 5.07 -20.03 -4.30
CA SER C 131 6.09 -18.99 -4.09
C SER C 131 7.16 -19.09 -5.16
N PHE C 132 7.50 -20.31 -5.55
CA PHE C 132 8.49 -20.54 -6.61
C PHE C 132 8.05 -19.96 -7.95
N GLN C 133 6.77 -20.08 -8.31
CA GLN C 133 6.32 -19.43 -9.53
C GLN C 133 6.62 -17.92 -9.49
N VAL C 134 6.33 -17.30 -8.34
CA VAL C 134 6.48 -15.86 -8.20
C VAL C 134 7.96 -15.48 -8.20
N ALA C 135 8.74 -16.24 -7.45
CA ALA C 135 10.17 -15.97 -7.32
C ALA C 135 10.89 -16.16 -8.64
N SER C 136 10.45 -17.14 -9.42
CA SER C 136 11.10 -17.44 -10.69
C SER C 136 10.49 -16.63 -11.84
N LYS C 137 9.50 -15.81 -11.51
CA LYS C 137 8.77 -14.97 -12.46
C LYS C 137 8.35 -15.77 -13.69
N SER C 138 7.73 -16.92 -13.44
CA SER C 138 7.14 -17.73 -14.49
C SER C 138 5.94 -17.02 -15.11
N VAL C 139 5.49 -17.53 -16.25
CA VAL C 139 4.28 -17.00 -16.87
C VAL C 139 3.08 -17.11 -15.96
N LEU C 140 3.01 -18.19 -15.18
CA LEU C 140 1.87 -18.40 -14.32
C LEU C 140 1.83 -17.30 -13.27
N ALA C 141 3.01 -16.92 -12.76
CA ALA C 141 3.13 -15.80 -11.83
C ALA C 141 2.68 -14.50 -12.49
N ALA C 142 3.13 -14.29 -13.73
CA ALA C 142 2.71 -13.08 -14.45
C ALA C 142 1.18 -13.00 -14.56
N LEU C 143 0.54 -14.15 -14.72
CA LEU C 143 -0.90 -14.19 -14.95
C LEU C 143 -1.69 -14.11 -13.67
N TYR C 144 -1.16 -14.69 -12.59
CA TYR C 144 -1.98 -14.98 -11.41
C TYR C 144 -1.44 -14.46 -10.08
N SER C 145 -0.20 -13.96 -10.04
CA SER C 145 0.44 -13.68 -8.75
C SER C 145 -0.32 -12.63 -7.93
N SER C 146 -0.92 -11.62 -8.57
CA SER C 146 -1.59 -10.57 -7.79
C SER C 146 -2.92 -11.04 -7.24
N GLU C 147 -3.42 -12.16 -7.74
CA GLU C 147 -4.69 -12.73 -7.27
C GLU C 147 -4.45 -13.79 -6.18
N GLY C 148 -3.24 -14.31 -6.12
CA GLY C 148 -2.89 -15.35 -5.16
C GLY C 148 -3.28 -16.72 -5.68
N SER C 149 -2.92 -17.75 -4.91
CA SER C 149 -3.13 -19.15 -5.30
C SER C 149 -2.75 -19.41 -6.75
N VAL C 150 -1.52 -19.07 -7.09
CA VAL C 150 -1.06 -19.10 -8.48
C VAL C 150 -1.29 -20.43 -9.20
N MET C 151 -0.85 -21.54 -8.62
CA MET C 151 -1.00 -22.82 -9.30
C MET C 151 -2.47 -23.27 -9.37
N GLU C 152 -3.22 -22.97 -8.32
CA GLU C 152 -4.60 -23.42 -8.24
C GLU C 152 -5.44 -22.66 -9.26
N ARG C 153 -5.14 -21.38 -9.51
CA ARG C 153 -5.82 -20.68 -10.60
C ARG C 153 -5.44 -21.30 -11.93
N HIS C 154 -4.18 -21.72 -12.08
CA HIS C 154 -3.76 -22.39 -13.29
C HIS C 154 -4.47 -23.74 -13.45
N HIS C 155 -4.62 -24.49 -12.35
CA HIS C 155 -5.30 -25.78 -12.44
C HIS C 155 -6.75 -25.59 -12.92
N PHE C 156 -7.43 -24.61 -12.36
CA PHE C 156 -8.80 -24.36 -12.78
C PHE C 156 -8.85 -23.94 -14.26
N ALA C 157 -7.91 -23.09 -14.66
CA ALA C 157 -7.89 -22.61 -16.03
C ALA C 157 -7.64 -23.75 -17.01
N GLN C 158 -6.84 -24.74 -16.58
CA GLN C 158 -6.61 -25.94 -17.39
C GLN C 158 -7.88 -26.76 -17.51
N ALA C 159 -8.60 -26.90 -16.40
CA ALA C 159 -9.86 -27.63 -16.41
C ALA C 159 -10.84 -26.97 -17.39
N ILE C 160 -10.90 -25.65 -17.35
CA ILE C 160 -11.74 -24.89 -18.27
C ILE C 160 -11.33 -25.14 -19.73
N ALA C 161 -10.02 -25.17 -19.98
CA ALA C 161 -9.51 -25.35 -21.34
C ALA C 161 -9.91 -26.73 -21.88
N ILE C 162 -9.96 -27.70 -20.97
CA ILE C 162 -10.33 -29.05 -21.35
C ILE C 162 -11.82 -29.10 -21.65
N LEU C 163 -12.64 -28.56 -20.74
CA LEU C 163 -14.08 -28.44 -21.01
C LEU C 163 -14.32 -27.72 -22.34
N ASN C 164 -13.45 -26.77 -22.66
CA ASN C 164 -13.59 -25.98 -23.89
C ASN C 164 -12.96 -26.66 -25.10
N THR C 165 -12.39 -27.85 -24.89
CA THR C 165 -11.85 -28.63 -25.99
C THR C 165 -12.97 -29.40 -26.68
N HIS C 166 -13.02 -29.34 -28.01
CA HIS C 166 -14.04 -30.03 -28.80
C HIS C 166 -14.28 -31.47 -28.36
N GLY C 167 -15.54 -31.78 -28.05
CA GLY C 167 -15.92 -33.12 -27.66
C GLY C 167 -15.64 -33.50 -26.22
N CYS C 168 -15.24 -32.52 -25.40
CA CYS C 168 -14.91 -32.81 -24.01
C CYS C 168 -15.80 -32.10 -23.00
N ASN C 169 -16.83 -31.39 -23.45
CA ASN C 169 -17.66 -30.69 -22.48
C ASN C 169 -18.78 -31.60 -21.97
N ILE C 170 -18.48 -32.28 -20.87
CA ILE C 170 -19.43 -33.19 -20.24
C ILE C 170 -20.64 -32.45 -19.67
N PHE C 171 -20.57 -31.12 -19.59
CA PHE C 171 -21.67 -30.33 -19.03
C PHE C 171 -22.51 -29.58 -20.07
N ASP C 172 -22.15 -29.64 -21.36
CA ASP C 172 -22.75 -28.70 -22.31
C ASP C 172 -24.25 -28.90 -22.56
N HIS C 173 -24.82 -30.01 -22.09
CA HIS C 173 -26.26 -30.24 -22.18
C HIS C 173 -27.00 -29.81 -20.91
N PHE C 174 -26.25 -29.42 -19.88
CA PHE C 174 -26.84 -29.01 -18.60
C PHE C 174 -27.73 -27.80 -18.75
N SER C 175 -28.62 -27.58 -17.78
CA SER C 175 -29.35 -26.33 -17.71
C SER C 175 -28.33 -25.24 -17.41
N ARG C 176 -28.65 -24.01 -17.79
CA ARG C 176 -27.78 -22.88 -17.49
C ARG C 176 -27.53 -22.82 -15.98
N LYS C 177 -28.59 -23.03 -15.21
CA LYS C 177 -28.46 -23.11 -13.76
C LYS C 177 -27.38 -24.12 -13.35
N ASP C 178 -27.59 -25.38 -13.72
CA ASP C 178 -26.65 -26.43 -13.36
C ASP C 178 -25.23 -26.22 -13.93
N TYR C 179 -25.15 -25.70 -15.16
CA TYR C 179 -23.86 -25.42 -15.79
C TYR C 179 -23.06 -24.39 -14.99
N GLN C 180 -23.71 -23.28 -14.69
CA GLN C 180 -23.07 -22.18 -13.99
C GLN C 180 -22.63 -22.62 -12.59
N ARG C 181 -23.48 -23.38 -11.93
CA ARG C 181 -23.21 -23.88 -10.58
C ARG C 181 -21.98 -24.78 -10.58
N MET C 182 -21.89 -25.65 -11.59
CA MET C 182 -20.74 -26.55 -11.72
C MET C 182 -19.44 -25.78 -11.87
N LEU C 183 -19.44 -24.81 -12.78
CA LEU C 183 -18.27 -23.96 -12.97
C LEU C 183 -17.91 -23.23 -11.69
N ASP C 184 -18.91 -22.64 -11.04
CA ASP C 184 -18.65 -21.88 -9.82
C ASP C 184 -18.11 -22.81 -8.73
N LEU C 185 -18.69 -24.01 -8.61
CA LEU C 185 -18.22 -24.97 -7.62
C LEU C 185 -16.80 -25.45 -7.89
N MET C 186 -16.51 -25.81 -9.12
CA MET C 186 -15.18 -26.24 -9.51
C MET C 186 -14.14 -25.16 -9.19
N ARG C 187 -14.50 -23.90 -9.43
CA ARG C 187 -13.57 -22.82 -9.13
C ARG C 187 -13.35 -22.76 -7.62
N ASP C 188 -14.44 -22.78 -6.85
CA ASP C 188 -14.34 -22.68 -5.41
C ASP C 188 -13.54 -23.86 -4.86
N ILE C 189 -13.84 -25.06 -5.34
CA ILE C 189 -13.23 -26.25 -4.77
C ILE C 189 -11.74 -26.36 -5.15
N ILE C 190 -11.42 -26.09 -6.41
CA ILE C 190 -10.03 -26.17 -6.81
C ILE C 190 -9.18 -25.09 -6.10
N LEU C 191 -9.73 -23.88 -5.94
CA LEU C 191 -9.03 -22.85 -5.17
C LEU C 191 -8.85 -23.25 -3.70
N ALA C 192 -9.82 -24.00 -3.17
CA ALA C 192 -9.72 -24.49 -1.79
C ALA C 192 -8.53 -25.43 -1.58
N THR C 193 -7.99 -25.99 -2.66
CA THR C 193 -6.88 -26.93 -2.54
C THR C 193 -5.55 -26.24 -2.21
N ASP C 194 -5.52 -24.91 -2.28
CA ASP C 194 -4.36 -24.16 -1.81
C ASP C 194 -4.33 -24.27 -0.30
N LEU C 195 -3.30 -24.90 0.27
CA LEU C 195 -3.25 -25.06 1.72
C LEU C 195 -3.33 -23.70 2.42
N ALA C 196 -2.88 -22.65 1.75
CA ALA C 196 -2.98 -21.31 2.32
C ALA C 196 -4.44 -20.97 2.59
N HIS C 197 -5.32 -21.40 1.69
CA HIS C 197 -6.75 -21.19 1.85
C HIS C 197 -7.28 -21.99 3.03
N HIS C 198 -6.87 -23.25 3.11
CA HIS C 198 -7.34 -24.11 4.18
C HIS C 198 -6.95 -23.54 5.55
N LEU C 199 -5.72 -23.07 5.67
CA LEU C 199 -5.24 -22.57 6.95
C LEU C 199 -5.97 -21.28 7.32
N ARG C 200 -6.40 -20.52 6.31
CA ARG C 200 -7.14 -19.29 6.57
C ARG C 200 -8.54 -19.60 7.08
N ILE C 201 -9.18 -20.61 6.50
CA ILE C 201 -10.56 -20.91 6.87
C ILE C 201 -10.69 -21.94 8.01
N PHE C 202 -9.56 -22.41 8.54
CA PHE C 202 -9.60 -23.43 9.58
C PHE C 202 -10.49 -23.05 10.77
N LYS C 203 -10.37 -21.81 11.25
CA LYS C 203 -11.20 -21.39 12.39
C LYS C 203 -12.69 -21.51 12.04
N ASP C 204 -13.06 -21.14 10.82
CA ASP C 204 -14.44 -21.26 10.36
C ASP C 204 -14.91 -22.70 10.35
N LEU C 205 -14.08 -23.59 9.80
CA LEU C 205 -14.36 -25.02 9.78
C LEU C 205 -14.60 -25.51 11.20
N GLN C 206 -13.70 -25.15 12.12
CA GLN C 206 -13.87 -25.46 13.54
C GLN C 206 -15.22 -25.03 14.04
N LYS C 207 -15.55 -23.77 13.75
CA LYS C 207 -16.81 -23.18 14.14
C LYS C 207 -18.01 -23.94 13.56
N MET C 208 -17.90 -24.45 12.34
CA MET C 208 -19.04 -25.14 11.76
C MET C 208 -19.25 -26.48 12.48
N ALA C 209 -18.15 -27.15 12.79
CA ALA C 209 -18.23 -28.42 13.53
C ALA C 209 -18.62 -28.27 14.98
N GLU C 210 -18.52 -27.08 15.55
CA GLU C 210 -18.96 -26.91 16.96
C GLU C 210 -20.47 -26.65 17.09
N VAL C 211 -21.05 -25.92 16.13
CA VAL C 211 -22.47 -25.58 16.19
C VAL C 211 -23.32 -26.71 15.62
N GLY C 212 -22.73 -27.49 14.73
CA GLY C 212 -23.44 -28.57 14.06
C GLY C 212 -23.71 -28.14 12.63
N TYR C 213 -23.35 -29.00 11.68
CA TYR C 213 -23.61 -28.76 10.27
C TYR C 213 -25.09 -28.46 10.02
N ASP C 214 -25.35 -27.36 9.33
CA ASP C 214 -26.70 -26.95 8.98
C ASP C 214 -26.94 -27.21 7.49
N ARG C 215 -27.68 -28.29 7.19
CA ARG C 215 -28.02 -28.67 5.83
C ARG C 215 -28.73 -27.55 5.06
N ASN C 216 -29.39 -26.66 5.80
CA ASN C 216 -30.10 -25.55 5.19
C ASN C 216 -29.27 -24.27 5.12
N ASN C 217 -28.00 -24.36 5.51
CA ASN C 217 -27.07 -23.22 5.44
C ASN C 217 -26.09 -23.38 4.28
N LYS C 218 -26.22 -22.51 3.28
CA LYS C 218 -25.39 -22.59 2.08
C LYS C 218 -23.91 -22.35 2.35
N GLN C 219 -23.57 -21.51 3.32
CA GLN C 219 -22.16 -21.31 3.64
C GLN C 219 -21.53 -22.60 4.16
N HIS C 220 -22.26 -23.30 5.02
CA HIS C 220 -21.77 -24.57 5.58
C HIS C 220 -21.47 -25.58 4.49
N HIS C 221 -22.34 -25.63 3.48
CA HIS C 221 -22.12 -26.43 2.28
C HIS C 221 -20.76 -26.08 1.68
N ARG C 222 -20.54 -24.78 1.47
CA ARG C 222 -19.30 -24.29 0.88
C ARG C 222 -18.09 -24.65 1.74
N LEU C 223 -18.24 -24.50 3.05
CA LEU C 223 -17.18 -24.85 3.98
C LEU C 223 -16.90 -26.36 3.97
N LEU C 224 -17.96 -27.17 4.00
CA LEU C 224 -17.83 -28.62 3.99
C LEU C 224 -17.12 -29.10 2.73
N LEU C 225 -17.52 -28.55 1.58
CA LEU C 225 -16.85 -28.88 0.31
C LEU C 225 -15.34 -28.59 0.37
N CYS C 226 -14.95 -27.51 1.04
CA CYS C 226 -13.52 -27.23 1.20
C CYS C 226 -12.89 -28.29 2.07
N LEU C 227 -13.51 -28.56 3.21
CA LEU C 227 -12.93 -29.53 4.14
C LEU C 227 -12.83 -30.91 3.48
N LEU C 228 -13.85 -31.30 2.73
CA LEU C 228 -13.84 -32.60 2.06
C LEU C 228 -12.74 -32.67 0.99
N MET C 229 -12.64 -31.62 0.17
CA MET C 229 -11.58 -31.53 -0.81
C MET C 229 -10.21 -31.74 -0.17
N THR C 230 -9.92 -30.99 0.88
CA THR C 230 -8.60 -31.10 1.50
C THR C 230 -8.40 -32.52 2.04
N SER C 231 -9.49 -33.12 2.55
CA SER C 231 -9.43 -34.50 3.06
C SER C 231 -9.05 -35.48 1.97
N CYS C 232 -9.49 -35.21 0.75
CA CYS C 232 -9.16 -36.08 -0.38
C CYS C 232 -7.72 -35.86 -0.79
N ASP C 233 -7.31 -34.59 -0.83
CA ASP C 233 -5.94 -34.21 -1.22
C ASP C 233 -4.88 -34.87 -0.34
N LEU C 234 -5.18 -35.00 0.95
CA LEU C 234 -4.22 -35.52 1.93
C LEU C 234 -4.44 -37.00 2.25
N SER C 235 -5.27 -37.67 1.45
CA SER C 235 -5.81 -38.96 1.85
C SER C 235 -4.78 -40.10 1.82
N ASP C 236 -3.61 -39.87 1.22
CA ASP C 236 -2.51 -40.85 1.32
C ASP C 236 -2.08 -41.12 2.77
N GLN C 237 -2.40 -40.20 3.68
CA GLN C 237 -2.06 -40.38 5.09
C GLN C 237 -3.05 -41.30 5.82
N THR C 238 -4.15 -41.67 5.16
CA THR C 238 -5.20 -42.49 5.81
C THR C 238 -5.11 -43.96 5.45
N LYS C 239 -4.06 -44.34 4.73
CA LYS C 239 -3.86 -45.72 4.34
C LYS C 239 -2.87 -46.37 5.32
N GLY C 240 -2.16 -47.40 4.87
CA GLY C 240 -1.22 -48.09 5.75
C GLY C 240 0.13 -47.39 5.83
N TRP C 241 1.07 -48.02 6.52
CA TRP C 241 2.41 -47.44 6.69
C TRP C 241 3.14 -47.27 5.37
N LYS C 242 3.12 -48.32 4.55
CA LYS C 242 3.84 -48.27 3.29
C LYS C 242 3.41 -47.11 2.39
N THR C 243 2.13 -46.74 2.45
CA THR C 243 1.66 -45.63 1.63
C THR C 243 2.28 -44.33 2.10
N THR C 244 2.17 -44.04 3.39
CA THR C 244 2.68 -42.77 3.91
C THR C 244 4.21 -42.69 3.75
N ARG C 245 4.89 -43.82 3.83
CA ARG C 245 6.34 -43.88 3.62
C ARG C 245 6.69 -43.57 2.16
N LYS C 246 6.01 -44.24 1.24
CA LYS C 246 6.24 -44.04 -0.18
C LYS C 246 5.91 -42.61 -0.60
N ILE C 247 4.80 -42.08 -0.12
CA ILE C 247 4.36 -40.77 -0.58
C ILE C 247 5.33 -39.70 -0.04
N ALA C 248 5.84 -39.91 1.17
CA ALA C 248 6.89 -39.04 1.73
C ALA C 248 8.09 -38.99 0.79
N GLU C 249 8.55 -40.17 0.40
CA GLU C 249 9.61 -40.27 -0.58
C GLU C 249 9.32 -39.39 -1.81
N LEU C 250 8.17 -39.60 -2.44
CA LEU C 250 7.79 -38.83 -3.62
C LEU C 250 7.74 -37.33 -3.35
N ILE C 251 7.15 -36.96 -2.21
CA ILE C 251 6.96 -35.56 -1.87
C ILE C 251 8.32 -34.87 -1.67
N TYR C 252 9.24 -35.54 -0.97
CA TYR C 252 10.48 -34.87 -0.65
C TYR C 252 11.44 -34.89 -1.84
N LYS C 253 11.35 -35.94 -2.66
CA LYS C 253 12.00 -35.93 -3.98
C LYS C 253 11.59 -34.66 -4.75
N GLU C 254 10.28 -34.44 -4.80
CA GLU C 254 9.74 -33.27 -5.50
C GLU C 254 10.23 -31.97 -4.85
N PHE C 255 10.03 -31.85 -3.53
CA PHE C 255 10.42 -30.64 -2.79
C PHE C 255 11.89 -30.30 -3.00
N PHE C 256 12.75 -31.32 -2.87
CA PHE C 256 14.18 -31.08 -2.90
C PHE C 256 14.67 -30.62 -4.28
N SER C 257 14.02 -31.10 -5.34
CA SER C 257 14.34 -30.58 -6.66
C SER C 257 14.02 -29.09 -6.74
N GLN C 258 12.90 -28.67 -6.15
CA GLN C 258 12.58 -27.24 -6.14
C GLN C 258 13.67 -26.48 -5.40
N GLY C 259 14.08 -26.99 -4.23
CA GLY C 259 15.12 -26.33 -3.47
C GLY C 259 16.40 -26.17 -4.27
N ASP C 260 16.72 -27.20 -5.04
CA ASP C 260 17.87 -27.18 -5.92
C ASP C 260 17.78 -26.03 -6.92
N LEU C 261 16.64 -25.91 -7.58
CA LEU C 261 16.40 -24.79 -8.47
C LEU C 261 16.59 -23.48 -7.70
N GLU C 262 15.96 -23.39 -6.53
CA GLU C 262 15.99 -22.16 -5.73
C GLU C 262 17.42 -21.73 -5.36
N LYS C 263 18.23 -22.69 -4.92
CA LYS C 263 19.64 -22.44 -4.65
C LYS C 263 20.38 -21.91 -5.87
N ALA C 264 20.16 -22.56 -7.01
CA ALA C 264 20.83 -22.16 -8.25
C ALA C 264 20.40 -20.77 -8.67
N MET C 265 19.18 -20.38 -8.28
CA MET C 265 18.69 -19.03 -8.54
C MET C 265 19.37 -18.00 -7.65
N GLY C 266 20.04 -18.46 -6.60
CA GLY C 266 20.70 -17.57 -5.67
C GLY C 266 19.84 -17.25 -4.47
N ASN C 267 18.78 -18.03 -4.25
CA ASN C 267 17.95 -17.82 -3.08
C ASN C 267 17.96 -19.03 -2.15
N ARG C 268 17.62 -18.80 -0.89
CA ARG C 268 17.65 -19.88 0.06
C ARG C 268 16.24 -20.45 0.20
N PRO C 269 16.09 -21.76 -0.09
CA PRO C 269 14.81 -22.46 -0.03
C PRO C 269 14.27 -22.52 1.38
N MET C 270 13.00 -22.89 1.53
CA MET C 270 12.53 -23.19 2.86
C MET C 270 13.24 -24.48 3.29
N GLU C 271 13.41 -24.66 4.60
CA GLU C 271 14.15 -25.80 5.13
C GLU C 271 13.64 -27.12 4.57
N MET C 272 12.32 -27.28 4.51
CA MET C 272 11.73 -28.54 4.06
C MET C 272 11.99 -28.85 2.58
N MET C 273 12.49 -27.88 1.83
CA MET C 273 12.85 -28.14 0.44
C MET C 273 14.35 -28.13 0.21
N ASP C 274 15.11 -28.06 1.30
CA ASP C 274 16.56 -28.05 1.24
C ASP C 274 17.10 -29.42 1.63
N ARG C 275 17.57 -30.20 0.66
CA ARG C 275 18.03 -31.56 0.95
C ARG C 275 19.25 -31.59 1.89
N GLU C 276 19.94 -30.45 2.02
CA GLU C 276 21.09 -30.37 2.91
C GLU C 276 20.69 -30.06 4.36
N LYS C 277 19.45 -29.57 4.57
CA LYS C 277 18.99 -29.20 5.90
C LYS C 277 17.75 -29.97 6.35
N ALA C 278 16.95 -30.45 5.41
CA ALA C 278 15.69 -31.10 5.76
C ALA C 278 15.91 -32.37 6.59
N TYR C 279 15.20 -32.45 7.72
CA TYR C 279 15.19 -33.65 8.55
C TYR C 279 13.81 -34.28 8.39
N ILE C 280 13.71 -35.27 7.51
CA ILE C 280 12.39 -35.73 7.05
C ILE C 280 11.44 -36.23 8.15
N PRO C 281 11.93 -37.02 9.13
CA PRO C 281 11.04 -37.47 10.21
C PRO C 281 10.31 -36.34 10.91
N GLU C 282 11.04 -35.28 11.24
CA GLU C 282 10.41 -34.19 11.98
C GLU C 282 9.45 -33.43 11.07
N LEU C 283 9.79 -33.36 9.78
CA LEU C 283 8.99 -32.59 8.82
C LEU C 283 7.69 -33.32 8.51
N GLN C 284 7.79 -34.63 8.31
CA GLN C 284 6.62 -35.45 8.07
C GLN C 284 5.74 -35.49 9.32
N ILE C 285 6.36 -35.65 10.49
CA ILE C 285 5.59 -35.70 11.73
C ILE C 285 4.88 -34.36 11.97
N SER C 286 5.56 -33.25 11.66
CA SER C 286 4.94 -31.94 11.78
C SER C 286 3.73 -31.82 10.84
N PHE C 287 3.92 -32.25 9.60
CA PHE C 287 2.86 -32.22 8.61
C PHE C 287 1.66 -33.00 9.09
N MET C 288 1.90 -34.18 9.66
CA MET C 288 0.80 -35.01 10.12
C MET C 288 0.12 -34.40 11.33
N GLU C 289 0.90 -33.93 12.28
CA GLU C 289 0.36 -33.42 13.54
C GLU C 289 -0.44 -32.14 13.38
N HIS C 290 0.03 -31.25 12.52
CA HIS C 290 -0.47 -29.88 12.52
C HIS C 290 -1.28 -29.53 11.28
N ILE C 291 -1.29 -30.43 10.31
CA ILE C 291 -2.11 -30.20 9.12
C ILE C 291 -3.08 -31.37 8.92
N ALA C 292 -2.56 -32.58 8.77
CA ALA C 292 -3.38 -33.74 8.42
C ALA C 292 -4.37 -34.11 9.51
N MET C 293 -3.86 -34.36 10.71
CA MET C 293 -4.69 -34.83 11.82
C MET C 293 -5.80 -33.82 12.22
N PRO C 294 -5.50 -32.51 12.25
CA PRO C 294 -6.62 -31.58 12.51
C PRO C 294 -7.74 -31.64 11.48
N ILE C 295 -7.40 -31.88 10.22
CA ILE C 295 -8.39 -32.03 9.17
C ILE C 295 -9.26 -33.27 9.41
N TYR C 296 -8.62 -34.40 9.68
CA TYR C 296 -9.38 -35.64 9.87
C TYR C 296 -10.14 -35.62 11.21
N LYS C 297 -9.67 -34.82 12.15
CA LYS C 297 -10.38 -34.64 13.43
C LYS C 297 -11.66 -33.82 13.24
N LEU C 298 -11.58 -32.75 12.47
CA LEU C 298 -12.77 -31.99 12.07
C LEU C 298 -13.77 -32.89 11.37
N LEU C 299 -13.28 -33.68 10.43
CA LEU C 299 -14.10 -34.60 9.66
C LEU C 299 -14.79 -35.62 10.57
N GLN C 300 -14.05 -36.10 11.55
CA GLN C 300 -14.61 -37.02 12.54
C GLN C 300 -15.70 -36.35 13.35
N ASP C 301 -15.47 -35.10 13.73
CA ASP C 301 -16.42 -34.37 14.54
C ASP C 301 -17.73 -34.10 13.79
N LEU C 302 -17.63 -34.05 12.45
CA LEU C 302 -18.79 -33.82 11.59
C LEU C 302 -19.43 -35.13 11.14
N PHE C 303 -18.60 -36.14 10.92
CA PHE C 303 -19.06 -37.48 10.53
C PHE C 303 -18.49 -38.54 11.46
N PRO C 304 -19.31 -39.05 12.38
CA PRO C 304 -18.87 -40.10 13.30
C PRO C 304 -18.16 -41.27 12.61
N LYS C 305 -18.61 -41.65 11.41
CA LYS C 305 -18.06 -42.78 10.67
C LYS C 305 -16.66 -42.52 10.12
N ALA C 306 -16.21 -41.27 10.14
CA ALA C 306 -14.87 -40.94 9.67
C ALA C 306 -13.84 -41.13 10.78
N ALA C 307 -14.31 -41.60 11.93
CA ALA C 307 -13.45 -41.79 13.10
C ALA C 307 -12.20 -42.59 12.74
N GLU C 308 -12.38 -43.66 11.95
CA GLU C 308 -11.27 -44.54 11.61
C GLU C 308 -10.20 -43.87 10.76
N LEU C 309 -10.56 -42.79 10.07
CA LEU C 309 -9.60 -42.07 9.23
C LEU C 309 -8.60 -41.32 10.11
N TYR C 310 -9.10 -40.55 11.06
CA TYR C 310 -8.26 -39.89 12.06
C TYR C 310 -7.41 -40.91 12.81
N GLU C 311 -8.04 -42.01 13.21
CA GLU C 311 -7.33 -43.05 13.95
C GLU C 311 -6.15 -43.58 13.15
N ARG C 312 -6.31 -43.75 11.84
CA ARG C 312 -5.21 -44.28 11.04
C ARG C 312 -4.12 -43.25 10.77
N VAL C 313 -4.49 -41.99 10.55
CA VAL C 313 -3.49 -40.95 10.42
C VAL C 313 -2.65 -40.89 11.69
N ALA C 314 -3.33 -40.85 12.84
CA ALA C 314 -2.65 -40.77 14.12
C ALA C 314 -1.78 -42.00 14.33
N SER C 315 -2.27 -43.16 13.88
CA SER C 315 -1.49 -44.39 13.96
C SER C 315 -0.21 -44.32 13.11
N ASN C 316 -0.32 -43.74 11.91
CA ASN C 316 0.83 -43.64 11.03
C ASN C 316 1.84 -42.66 11.59
N ARG C 317 1.36 -41.63 12.27
CA ARG C 317 2.26 -40.66 12.89
C ARG C 317 3.08 -41.34 13.98
N GLU C 318 2.42 -42.19 14.77
CA GLU C 318 3.14 -42.94 15.80
C GLU C 318 4.23 -43.76 15.14
N HIS C 319 3.93 -44.35 13.99
CA HIS C 319 4.90 -45.20 13.31
C HIS C 319 6.12 -44.39 12.87
N TRP C 320 5.88 -43.22 12.27
CA TRP C 320 6.99 -42.32 11.92
C TRP C 320 7.85 -42.03 13.15
N THR C 321 7.19 -41.75 14.26
CA THR C 321 7.88 -41.48 15.52
C THR C 321 8.76 -42.67 15.91
N LYS C 322 8.26 -43.87 15.62
CA LYS C 322 8.96 -45.07 16.04
C LYS C 322 10.09 -45.47 15.09
N VAL C 323 10.16 -44.83 13.92
CA VAL C 323 11.24 -45.15 12.99
C VAL C 323 12.16 -43.95 12.72
N SER C 324 11.90 -42.82 13.36
CA SER C 324 12.72 -41.62 13.19
C SER C 324 14.20 -41.90 13.46
N HIS C 325 14.46 -42.76 14.45
CA HIS C 325 15.83 -43.03 14.89
C HIS C 325 16.71 -43.53 13.74
N LYS C 326 16.08 -44.16 12.74
CA LYS C 326 16.81 -44.74 11.62
C LYS C 326 17.49 -43.69 10.76
N PHE C 327 17.08 -42.44 10.90
CA PHE C 327 17.69 -41.34 10.16
C PHE C 327 18.99 -40.88 10.84
N THR C 328 19.31 -41.51 11.96
CA THR C 328 20.60 -41.26 12.61
C THR C 328 21.41 -42.54 12.52
N ILE C 329 22.60 -42.44 11.94
CA ILE C 329 23.40 -43.61 11.71
C ILE C 329 24.07 -44.07 12.99
N ARG C 330 23.55 -45.16 13.52
CA ARG C 330 24.24 -45.89 14.57
C ARG C 330 25.08 -47.01 13.95
N GLY C 331 26.05 -47.53 14.69
CA GLY C 331 26.96 -48.48 14.08
C GLY C 331 27.72 -47.88 12.91
N LEU C 332 28.11 -48.72 11.97
CA LEU C 332 28.71 -48.24 10.73
C LEU C 332 27.61 -48.14 9.68
N PRO C 333 27.85 -47.33 8.63
CA PRO C 333 26.96 -47.39 7.45
C PRO C 333 26.95 -48.80 6.85
N SER C 334 25.97 -49.07 5.99
CA SER C 334 25.82 -50.38 5.36
C SER C 334 27.10 -50.88 4.71
N ASN C 335 27.87 -49.97 4.12
CA ASN C 335 29.13 -50.36 3.47
C ASN C 335 30.28 -50.58 4.46
N ASN C 336 29.99 -50.47 5.76
CA ASN C 336 31.00 -50.65 6.82
C ASN C 336 32.18 -49.69 6.70
N SER C 337 31.95 -48.54 6.09
CA SER C 337 33.00 -47.56 5.86
C SER C 337 32.64 -46.23 6.46
N LEU C 338 33.65 -45.54 6.99
CA LEU C 338 33.48 -44.19 7.50
C LEU C 338 33.90 -43.18 6.45
N ASP C 339 34.00 -43.65 5.21
CA ASP C 339 34.49 -42.81 4.12
C ASP C 339 33.65 -41.56 3.91
N PHE C 340 32.37 -41.63 4.20
CA PHE C 340 31.48 -40.48 3.97
C PHE C 340 31.84 -39.28 4.86
N LEU C 341 32.70 -39.48 5.86
CA LEU C 341 33.07 -38.37 6.74
C LEU C 341 34.07 -37.41 6.10
N ILE D 15 13.59 3.54 -38.77
CA ILE D 15 12.74 4.34 -37.90
C ILE D 15 12.87 5.81 -38.26
N GLN D 16 11.79 6.41 -38.73
CA GLN D 16 11.81 7.79 -39.20
C GLN D 16 11.47 8.78 -38.08
N PRO D 17 12.03 10.00 -38.18
CA PRO D 17 11.63 11.11 -37.32
C PRO D 17 10.14 11.38 -37.47
N VAL D 18 9.46 11.71 -36.37
CA VAL D 18 8.02 11.90 -36.40
C VAL D 18 7.66 13.13 -37.24
N ALA D 19 8.59 14.07 -37.38
CA ALA D 19 8.34 15.23 -38.23
C ALA D 19 8.20 14.78 -39.68
N ALA D 20 8.89 13.70 -40.02
CA ALA D 20 8.82 13.10 -41.35
C ALA D 20 7.51 12.33 -41.55
N ILE D 21 6.78 12.11 -40.48
CA ILE D 21 5.46 11.49 -40.58
C ILE D 21 4.42 12.54 -40.89
N ASP D 22 4.44 13.60 -40.08
CA ASP D 22 3.53 14.72 -40.26
C ASP D 22 4.00 15.94 -39.49
N SER D 23 3.75 17.10 -40.07
CA SER D 23 4.12 18.41 -39.51
C SER D 23 3.71 18.56 -38.05
N ASN D 24 2.46 18.24 -37.77
CA ASN D 24 1.90 18.45 -36.44
C ASN D 24 1.63 17.14 -35.73
N PHE D 25 2.51 16.16 -35.92
CA PHE D 25 2.34 14.83 -35.32
C PHE D 25 2.29 14.87 -33.79
N ALA D 26 2.94 15.88 -33.21
CA ALA D 26 2.98 15.99 -31.76
C ALA D 26 1.98 17.00 -31.22
N SER D 27 1.01 17.39 -32.04
CA SER D 27 0.01 18.36 -31.63
C SER D 27 -1.30 17.69 -31.24
N PHE D 28 -1.94 18.23 -30.21
CA PHE D 28 -3.29 17.84 -29.85
C PHE D 28 -4.30 17.96 -31.02
N THR D 29 -3.95 18.73 -32.05
CA THR D 29 -4.82 18.88 -33.22
C THR D 29 -4.67 17.74 -34.21
N TYR D 30 -3.61 16.95 -34.09
CA TYR D 30 -3.41 15.83 -35.01
C TYR D 30 -4.45 14.71 -34.76
N THR D 31 -5.01 14.17 -35.85
CA THR D 31 -5.94 13.04 -35.76
C THR D 31 -5.24 11.77 -36.24
N PRO D 32 -4.75 10.96 -35.30
CA PRO D 32 -3.91 9.81 -35.67
C PRO D 32 -4.62 8.81 -36.57
N ARG D 33 -5.94 8.79 -36.55
CA ARG D 33 -6.72 7.90 -37.39
C ARG D 33 -6.62 8.23 -38.88
N SER D 34 -5.99 9.36 -39.18
CA SER D 34 -5.77 9.80 -40.56
C SER D 34 -4.53 9.14 -41.14
N LEU D 35 -3.77 8.45 -40.28
CA LEU D 35 -2.60 7.75 -40.77
C LEU D 35 -3.04 6.41 -41.36
N PRO D 36 -2.50 6.07 -42.53
CA PRO D 36 -2.75 4.75 -43.14
C PRO D 36 -2.35 3.65 -42.17
N GLU D 37 -3.13 2.57 -42.11
CA GLU D 37 -2.95 1.53 -41.11
C GLU D 37 -1.64 0.78 -41.33
N ASP D 38 -1.17 0.74 -42.57
CA ASP D 38 0.10 0.08 -42.91
C ASP D 38 1.31 0.85 -42.40
N ASP D 39 1.08 2.06 -41.91
CA ASP D 39 2.15 2.90 -41.42
C ASP D 39 2.12 3.01 -39.89
N THR D 40 1.13 2.39 -39.27
CA THR D 40 0.93 2.59 -37.84
C THR D 40 2.05 1.98 -36.98
N SER D 41 2.51 0.78 -37.34
CA SER D 41 3.62 0.14 -36.63
C SER D 41 4.86 1.01 -36.60
N MET D 42 5.21 1.53 -37.77
CA MET D 42 6.32 2.46 -37.93
C MET D 42 6.15 3.65 -37.01
N ALA D 43 4.94 4.21 -37.00
CA ALA D 43 4.61 5.35 -36.15
C ALA D 43 4.83 5.02 -34.68
N ILE D 44 4.46 3.81 -34.27
CA ILE D 44 4.73 3.36 -32.91
C ILE D 44 6.21 3.44 -32.61
N LEU D 45 7.01 2.87 -33.49
CA LEU D 45 8.46 2.94 -33.35
C LEU D 45 8.94 4.38 -33.28
N SER D 46 8.42 5.22 -34.18
CA SER D 46 8.84 6.62 -34.27
C SER D 46 8.56 7.38 -32.98
N MET D 47 7.38 7.15 -32.41
CA MET D 47 7.04 7.74 -31.12
C MET D 47 7.96 7.27 -29.98
N LEU D 48 8.26 5.98 -29.97
CA LEU D 48 9.14 5.43 -28.94
C LEU D 48 10.55 5.99 -29.10
N GLN D 49 10.94 6.24 -30.35
CA GLN D 49 12.23 6.85 -30.62
C GLN D 49 12.23 8.33 -30.23
N ASP D 50 11.14 9.03 -30.52
CA ASP D 50 11.06 10.45 -30.24
C ASP D 50 11.03 10.74 -28.74
N MET D 51 10.42 9.83 -27.98
CA MET D 51 10.45 9.91 -26.52
C MET D 51 11.78 9.36 -25.99
N ASN D 52 12.56 8.80 -26.91
CA ASN D 52 13.88 8.23 -26.64
C ASN D 52 13.81 7.10 -25.61
N PHE D 53 12.76 6.30 -25.69
CA PHE D 53 12.63 5.13 -24.83
C PHE D 53 13.52 3.99 -25.30
N ILE D 54 13.73 3.88 -26.61
CA ILE D 54 14.48 2.77 -27.19
C ILE D 54 15.94 2.83 -26.76
N ASN D 55 16.55 4.01 -26.88
CA ASN D 55 17.92 4.21 -26.42
C ASN D 55 18.05 4.17 -24.91
N ASN D 56 17.22 4.96 -24.23
CA ASN D 56 17.33 5.10 -22.79
C ASN D 56 17.09 3.79 -22.03
N TYR D 57 16.23 2.93 -22.58
CA TYR D 57 15.98 1.65 -21.93
C TYR D 57 16.70 0.48 -22.58
N LYS D 58 17.54 0.79 -23.57
CA LYS D 58 18.34 -0.22 -24.27
C LYS D 58 17.48 -1.33 -24.87
N ILE D 59 16.31 -0.93 -25.36
CA ILE D 59 15.41 -1.87 -26.03
C ILE D 59 16.02 -2.39 -27.32
N ASP D 60 15.95 -3.71 -27.51
CA ASP D 60 16.39 -4.35 -28.74
C ASP D 60 15.37 -4.10 -29.85
N CYS D 61 15.78 -3.43 -30.92
CA CYS D 61 14.87 -3.05 -31.99
C CYS D 61 14.19 -4.23 -32.69
N PRO D 62 14.97 -5.29 -33.06
CA PRO D 62 14.26 -6.41 -33.70
C PRO D 62 13.19 -7.03 -32.81
N THR D 63 13.45 -7.13 -31.51
CA THR D 63 12.44 -7.61 -30.55
C THR D 63 11.27 -6.64 -30.52
N LEU D 64 11.57 -5.34 -30.44
CA LEU D 64 10.53 -4.31 -30.36
C LEU D 64 9.61 -4.33 -31.58
N ALA D 65 10.20 -4.49 -32.75
CA ALA D 65 9.43 -4.53 -33.98
C ALA D 65 8.56 -5.78 -33.99
N ARG D 66 9.12 -6.90 -33.53
CA ARG D 66 8.34 -8.12 -33.48
C ARG D 66 7.15 -7.95 -32.52
N PHE D 67 7.42 -7.39 -31.35
CA PHE D 67 6.38 -7.14 -30.33
C PHE D 67 5.26 -6.27 -30.89
N CYS D 68 5.66 -5.23 -31.61
CA CYS D 68 4.72 -4.25 -32.14
C CYS D 68 3.80 -4.87 -33.17
N LEU D 69 4.36 -5.78 -33.98
CA LEU D 69 3.56 -6.47 -34.98
C LEU D 69 2.65 -7.50 -34.35
N MET D 70 3.15 -8.20 -33.32
CA MET D 70 2.35 -9.17 -32.61
C MET D 70 1.15 -8.48 -31.98
N VAL D 71 1.37 -7.30 -31.41
CA VAL D 71 0.29 -6.58 -30.74
C VAL D 71 -0.75 -6.12 -31.77
N LYS D 72 -0.28 -5.49 -32.84
CA LYS D 72 -1.17 -5.05 -33.91
C LYS D 72 -2.04 -6.21 -34.42
N LYS D 73 -1.39 -7.35 -34.64
CA LYS D 73 -2.04 -8.57 -35.09
C LYS D 73 -3.03 -9.11 -34.05
N GLY D 74 -2.79 -8.78 -32.79
CA GLY D 74 -3.61 -9.26 -31.69
C GLY D 74 -4.96 -8.58 -31.54
N TYR D 75 -5.28 -7.68 -32.47
CA TYR D 75 -6.61 -7.07 -32.48
C TYR D 75 -7.46 -7.66 -33.56
N ARG D 76 -8.75 -7.82 -33.28
CA ARG D 76 -9.70 -8.24 -34.29
C ARG D 76 -10.24 -7.00 -35.00
N ASP D 77 -11.31 -7.16 -35.76
CA ASP D 77 -11.91 -6.04 -36.48
C ASP D 77 -13.40 -5.83 -36.17
N PRO D 78 -13.74 -5.53 -34.91
CA PRO D 78 -15.09 -5.01 -34.69
C PRO D 78 -15.09 -3.54 -35.12
N PRO D 79 -16.27 -2.91 -35.21
CA PRO D 79 -16.27 -1.55 -35.75
C PRO D 79 -15.33 -0.56 -35.03
N TYR D 80 -15.27 -0.63 -33.70
CA TYR D 80 -14.49 0.34 -32.94
C TYR D 80 -13.26 -0.27 -32.27
N HIS D 81 -13.42 -1.41 -31.61
CA HIS D 81 -12.34 -1.94 -30.75
C HIS D 81 -11.34 -2.77 -31.54
N ASN D 82 -10.57 -2.07 -32.37
CA ASN D 82 -9.64 -2.67 -33.31
C ASN D 82 -8.29 -2.00 -33.15
N TRP D 83 -7.34 -2.36 -34.00
CA TRP D 83 -5.99 -1.83 -33.85
C TRP D 83 -5.94 -0.30 -33.98
N MET D 84 -6.74 0.27 -34.90
CA MET D 84 -6.66 1.72 -35.08
C MET D 84 -7.10 2.45 -33.81
N HIS D 85 -7.90 1.80 -32.99
CA HIS D 85 -8.30 2.38 -31.69
C HIS D 85 -7.11 2.35 -30.74
N ALA D 86 -6.48 1.18 -30.60
CA ALA D 86 -5.29 1.03 -29.77
C ALA D 86 -4.14 1.93 -30.27
N PHE D 87 -3.96 1.99 -31.58
CA PHE D 87 -2.99 2.92 -32.13
C PHE D 87 -3.28 4.38 -31.75
N SER D 88 -4.51 4.84 -31.95
CA SER D 88 -4.83 6.24 -31.65
C SER D 88 -4.75 6.54 -30.15
N VAL D 89 -5.06 5.53 -29.34
CA VAL D 89 -4.99 5.67 -27.89
C VAL D 89 -3.52 5.83 -27.51
N SER D 90 -2.67 5.06 -28.17
CA SER D 90 -1.24 5.11 -27.93
C SER D 90 -0.65 6.45 -28.40
N HIS D 91 -1.17 6.98 -29.50
CA HIS D 91 -0.73 8.27 -29.97
C HIS D 91 -1.01 9.36 -28.94
N PHE D 92 -2.19 9.30 -28.33
CA PHE D 92 -2.57 10.29 -27.32
C PHE D 92 -1.64 10.25 -26.12
N CYS D 93 -1.28 9.05 -25.67
CA CYS D 93 -0.28 8.92 -24.61
C CYS D 93 0.99 9.69 -24.98
N TYR D 94 1.45 9.49 -26.21
CA TYR D 94 2.59 10.22 -26.73
C TYR D 94 2.35 11.73 -26.70
N LEU D 95 1.18 12.18 -27.15
CA LEU D 95 0.84 13.61 -27.07
C LEU D 95 0.90 14.15 -25.64
N LEU D 96 0.40 13.37 -24.68
CA LEU D 96 0.41 13.78 -23.28
C LEU D 96 1.86 13.98 -22.84
N TYR D 97 2.73 13.05 -23.24
CA TYR D 97 4.15 13.16 -22.94
C TYR D 97 4.76 14.41 -23.58
N LYS D 98 4.44 14.63 -24.86
CA LYS D 98 5.04 15.74 -25.60
C LYS D 98 4.53 17.09 -25.12
N ASN D 99 3.26 17.13 -24.71
CA ASN D 99 2.60 18.40 -24.43
C ASN D 99 2.44 18.75 -22.95
N LEU D 100 2.44 17.76 -22.09
CA LEU D 100 2.32 18.00 -20.66
C LEU D 100 3.63 17.61 -19.98
N GLU D 101 3.89 18.19 -18.82
CA GLU D 101 5.11 17.86 -18.08
C GLU D 101 4.91 16.61 -17.22
N LEU D 102 4.71 15.48 -17.90
CA LEU D 102 4.47 14.22 -17.21
C LEU D 102 5.62 13.80 -16.32
N THR D 103 6.85 14.12 -16.75
CA THR D 103 8.04 13.66 -16.06
C THR D 103 8.24 14.39 -14.74
N ASN D 104 7.51 15.49 -14.56
CA ASN D 104 7.47 16.19 -13.28
C ASN D 104 6.66 15.39 -12.26
N TYR D 105 5.72 14.56 -12.72
CA TYR D 105 4.84 13.82 -11.82
C TYR D 105 5.05 12.30 -11.87
N LEU D 106 5.50 11.80 -13.00
CA LEU D 106 5.64 10.37 -13.17
C LEU D 106 7.06 9.94 -13.44
N GLU D 107 7.38 8.72 -13.00
CA GLU D 107 8.67 8.10 -13.30
C GLU D 107 8.69 7.68 -14.77
N ASP D 108 9.89 7.62 -15.35
CA ASP D 108 10.02 7.29 -16.77
C ASP D 108 9.44 5.92 -17.08
N ILE D 109 9.65 4.97 -16.18
CA ILE D 109 9.22 3.60 -16.39
C ILE D 109 7.68 3.53 -16.31
N GLU D 110 7.09 4.45 -15.54
CA GLU D 110 5.64 4.53 -15.47
C GLU D 110 5.05 5.06 -16.77
N ILE D 111 5.73 6.01 -17.41
CA ILE D 111 5.25 6.58 -18.65
C ILE D 111 5.38 5.55 -19.78
N PHE D 112 6.48 4.81 -19.72
CA PHE D 112 6.78 3.74 -20.67
C PHE D 112 5.73 2.64 -20.56
N ALA D 113 5.46 2.21 -19.33
CA ALA D 113 4.42 1.21 -19.07
C ALA D 113 3.05 1.69 -19.55
N LEU D 114 2.76 2.98 -19.36
CA LEU D 114 1.49 3.55 -19.84
C LEU D 114 1.40 3.43 -21.35
N PHE D 115 2.47 3.79 -22.05
CA PHE D 115 2.43 3.75 -23.50
C PHE D 115 2.24 2.33 -24.00
N ILE D 116 3.05 1.40 -23.49
CA ILE D 116 2.92 0.00 -23.85
C ILE D 116 1.54 -0.57 -23.47
N SER D 117 1.03 -0.14 -22.32
CA SER D 117 -0.32 -0.56 -21.91
C SER D 117 -1.35 -0.05 -22.89
N CYS D 118 -1.19 1.19 -23.35
CA CYS D 118 -2.08 1.72 -24.38
C CYS D 118 -2.13 0.80 -25.60
N MET D 119 -0.96 0.38 -26.07
CA MET D 119 -0.85 -0.53 -27.20
C MET D 119 -1.64 -1.81 -26.98
N CYS D 120 -1.58 -2.33 -25.75
CA CYS D 120 -2.11 -3.64 -25.42
C CYS D 120 -3.54 -3.68 -24.84
N HIS D 121 -4.11 -2.53 -24.51
CA HIS D 121 -5.17 -2.54 -23.50
C HIS D 121 -6.52 -3.11 -23.94
N ASP D 122 -6.75 -3.27 -25.25
CA ASP D 122 -7.98 -3.86 -25.78
C ASP D 122 -7.66 -5.10 -26.63
N LEU D 123 -6.51 -5.72 -26.41
CA LEU D 123 -6.10 -6.89 -27.22
C LEU D 123 -7.19 -7.97 -27.30
N ASP D 124 -7.51 -8.37 -28.53
CA ASP D 124 -8.44 -9.45 -28.83
C ASP D 124 -9.88 -9.13 -28.39
N HIS D 125 -10.21 -7.84 -28.32
CA HIS D 125 -11.59 -7.43 -28.06
C HIS D 125 -12.51 -8.00 -29.13
N ARG D 126 -13.68 -8.51 -28.72
CA ARG D 126 -14.59 -9.13 -29.67
C ARG D 126 -15.78 -8.22 -30.00
N GLY D 127 -15.71 -6.96 -29.57
CA GLY D 127 -16.80 -6.03 -29.84
C GLY D 127 -17.98 -6.24 -28.91
N THR D 128 -17.73 -6.92 -27.78
CA THR D 128 -18.75 -7.13 -26.75
C THR D 128 -18.22 -6.77 -25.36
N ASN D 129 -19.07 -6.22 -24.50
CA ASN D 129 -18.61 -5.78 -23.19
C ASN D 129 -18.50 -6.94 -22.19
N ASN D 130 -18.33 -6.60 -20.91
CA ASN D 130 -18.09 -7.63 -19.92
C ASN D 130 -19.33 -8.43 -19.56
N SER D 131 -20.47 -7.78 -19.43
CA SER D 131 -21.65 -8.50 -18.98
C SER D 131 -22.08 -9.50 -20.04
N PHE D 132 -21.82 -9.17 -21.31
CA PHE D 132 -22.11 -10.09 -22.41
C PHE D 132 -21.31 -11.41 -22.30
N GLN D 133 -20.03 -11.31 -21.93
CA GLN D 133 -19.22 -12.52 -21.72
C GLN D 133 -19.87 -13.41 -20.67
N VAL D 134 -20.35 -12.78 -19.60
CA VAL D 134 -20.99 -13.52 -18.52
C VAL D 134 -22.30 -14.13 -19.00
N ALA D 135 -23.16 -13.29 -19.60
CA ALA D 135 -24.45 -13.74 -20.11
C ALA D 135 -24.33 -14.88 -21.12
N SER D 136 -23.36 -14.77 -22.04
CA SER D 136 -23.20 -15.79 -23.06
C SER D 136 -22.32 -16.95 -22.58
N LYS D 137 -21.94 -16.90 -21.30
CA LYS D 137 -21.08 -17.93 -20.69
C LYS D 137 -19.90 -18.32 -21.61
N SER D 138 -19.18 -17.30 -22.06
CA SER D 138 -17.99 -17.50 -22.88
C SER D 138 -16.86 -18.06 -22.02
N VAL D 139 -15.81 -18.57 -22.65
CA VAL D 139 -14.66 -19.07 -21.92
C VAL D 139 -13.97 -17.96 -21.11
N LEU D 140 -14.05 -16.72 -21.60
CA LEU D 140 -13.50 -15.60 -20.87
C LEU D 140 -14.25 -15.42 -19.54
N ALA D 141 -15.56 -15.58 -19.58
CA ALA D 141 -16.34 -15.48 -18.36
C ALA D 141 -15.98 -16.62 -17.43
N ALA D 142 -15.81 -17.82 -17.98
CA ALA D 142 -15.47 -18.99 -17.17
C ALA D 142 -14.16 -18.79 -16.40
N LEU D 143 -13.21 -18.09 -17.03
CA LEU D 143 -11.91 -17.83 -16.44
C LEU D 143 -11.90 -16.65 -15.47
N TYR D 144 -12.72 -15.63 -15.71
CA TYR D 144 -12.52 -14.33 -15.08
C TYR D 144 -13.73 -13.69 -14.35
N SER D 145 -14.93 -14.23 -14.56
CA SER D 145 -16.13 -13.55 -14.08
C SER D 145 -16.15 -13.35 -12.56
N SER D 146 -15.55 -14.28 -11.81
CA SER D 146 -15.50 -14.15 -10.36
C SER D 146 -14.67 -12.96 -9.93
N GLU D 147 -13.59 -12.68 -10.67
CA GLU D 147 -12.71 -11.57 -10.29
C GLU D 147 -13.13 -10.24 -10.92
N GLY D 148 -14.03 -10.28 -11.89
CA GLY D 148 -14.51 -9.06 -12.52
C GLY D 148 -13.62 -8.54 -13.63
N SER D 149 -14.06 -7.49 -14.33
CA SER D 149 -13.34 -6.90 -15.45
C SER D 149 -12.87 -7.96 -16.43
N VAL D 150 -13.82 -8.76 -16.90
CA VAL D 150 -13.53 -9.95 -17.71
C VAL D 150 -12.63 -9.66 -18.94
N MET D 151 -13.06 -8.73 -19.79
CA MET D 151 -12.29 -8.47 -21.01
C MET D 151 -10.89 -7.94 -20.68
N GLU D 152 -10.83 -7.10 -19.67
CA GLU D 152 -9.59 -6.41 -19.34
C GLU D 152 -8.58 -7.41 -18.78
N ARG D 153 -9.06 -8.38 -18.01
CA ARG D 153 -8.20 -9.46 -17.54
C ARG D 153 -7.73 -10.30 -18.74
N HIS D 154 -8.60 -10.45 -19.73
CA HIS D 154 -8.18 -11.11 -20.97
C HIS D 154 -7.14 -10.29 -21.75
N HIS D 155 -7.38 -8.98 -21.87
CA HIS D 155 -6.43 -8.11 -22.57
C HIS D 155 -5.03 -8.23 -21.94
N PHE D 156 -4.96 -8.14 -20.63
CA PHE D 156 -3.68 -8.28 -19.94
C PHE D 156 -3.05 -9.65 -20.21
N ALA D 157 -3.86 -10.70 -20.11
CA ALA D 157 -3.33 -12.06 -20.38
C ALA D 157 -2.74 -12.17 -21.78
N GLN D 158 -3.40 -11.53 -22.75
CA GLN D 158 -2.95 -11.56 -24.14
C GLN D 158 -1.62 -10.84 -24.29
N ALA D 159 -1.42 -9.80 -23.50
CA ALA D 159 -0.18 -9.05 -23.52
C ALA D 159 0.94 -9.92 -22.97
N ILE D 160 0.65 -10.57 -21.86
CA ILE D 160 1.58 -11.54 -21.28
C ILE D 160 1.93 -12.62 -22.31
N ALA D 161 0.92 -13.15 -22.98
CA ALA D 161 1.13 -14.19 -23.98
C ALA D 161 2.10 -13.70 -25.06
N ILE D 162 1.90 -12.47 -25.52
CA ILE D 162 2.80 -11.88 -26.51
C ILE D 162 4.21 -11.71 -25.92
N LEU D 163 4.30 -11.15 -24.73
CA LEU D 163 5.61 -11.03 -24.08
C LEU D 163 6.27 -12.41 -23.93
N ASN D 164 5.46 -13.44 -23.71
CA ASN D 164 5.98 -14.79 -23.46
C ASN D 164 6.36 -15.52 -24.76
N THR D 165 6.11 -14.87 -25.88
CA THR D 165 6.39 -15.45 -27.19
C THR D 165 7.87 -15.24 -27.56
N HIS D 166 8.52 -16.28 -28.05
CA HIS D 166 9.95 -16.23 -28.36
C HIS D 166 10.32 -15.05 -29.26
N GLY D 167 11.21 -14.20 -28.78
CA GLY D 167 11.69 -13.07 -29.55
C GLY D 167 10.85 -11.81 -29.42
N CYS D 168 9.89 -11.83 -28.50
CA CYS D 168 8.97 -10.70 -28.35
C CYS D 168 9.04 -10.01 -27.00
N ASN D 169 9.91 -10.48 -26.10
CA ASN D 169 9.92 -9.89 -24.77
C ASN D 169 10.81 -8.67 -24.73
N ILE D 170 10.24 -7.51 -25.05
CA ILE D 170 11.02 -6.27 -25.08
C ILE D 170 11.65 -5.91 -23.73
N PHE D 171 11.20 -6.55 -22.65
CA PHE D 171 11.67 -6.23 -21.31
C PHE D 171 12.68 -7.19 -20.69
N ASP D 172 13.11 -8.21 -21.41
CA ASP D 172 13.80 -9.33 -20.75
C ASP D 172 15.25 -9.03 -20.38
N HIS D 173 15.75 -7.87 -20.79
CA HIS D 173 17.06 -7.39 -20.37
C HIS D 173 16.97 -6.48 -19.14
N PHE D 174 15.76 -6.06 -18.76
CA PHE D 174 15.57 -5.26 -17.55
C PHE D 174 16.10 -6.02 -16.35
N SER D 175 16.49 -5.29 -15.30
CA SER D 175 16.73 -5.90 -14.00
C SER D 175 15.47 -6.64 -13.54
N ARG D 176 15.64 -7.62 -12.66
CA ARG D 176 14.48 -8.35 -12.15
C ARG D 176 13.49 -7.40 -11.48
N LYS D 177 14.02 -6.43 -10.74
CA LYS D 177 13.18 -5.39 -10.15
C LYS D 177 12.41 -4.63 -11.22
N ASP D 178 13.11 -4.14 -12.24
CA ASP D 178 12.47 -3.31 -13.25
C ASP D 178 11.50 -4.11 -14.09
N TYR D 179 11.84 -5.38 -14.34
CA TYR D 179 10.99 -6.28 -15.08
C TYR D 179 9.65 -6.45 -14.37
N GLN D 180 9.72 -6.70 -13.07
CA GLN D 180 8.52 -6.91 -12.26
C GLN D 180 7.67 -5.64 -12.22
N ARG D 181 8.35 -4.51 -12.11
CA ARG D 181 7.67 -3.21 -12.11
C ARG D 181 6.81 -3.05 -13.38
N MET D 182 7.35 -3.45 -14.52
CA MET D 182 6.65 -3.29 -15.79
C MET D 182 5.38 -4.15 -15.87
N LEU D 183 5.48 -5.40 -15.45
CA LEU D 183 4.33 -6.30 -15.45
C LEU D 183 3.24 -5.78 -14.52
N ASP D 184 3.64 -5.33 -13.34
CA ASP D 184 2.70 -4.82 -12.34
C ASP D 184 2.01 -3.56 -12.86
N LEU D 185 2.80 -2.67 -13.46
CA LEU D 185 2.25 -1.44 -14.00
C LEU D 185 1.27 -1.77 -15.12
N MET D 186 1.68 -2.63 -16.05
CA MET D 186 0.80 -3.01 -17.15
C MET D 186 -0.53 -3.63 -16.64
N ARG D 187 -0.46 -4.48 -15.62
CA ARG D 187 -1.65 -5.09 -15.04
C ARG D 187 -2.61 -4.04 -14.49
N ASP D 188 -2.06 -3.16 -13.66
CA ASP D 188 -2.82 -2.07 -13.04
C ASP D 188 -3.49 -1.18 -14.10
N ILE D 189 -2.70 -0.77 -15.07
CA ILE D 189 -3.17 0.21 -16.06
C ILE D 189 -4.22 -0.41 -16.98
N ILE D 190 -3.99 -1.64 -17.40
CA ILE D 190 -4.91 -2.31 -18.30
C ILE D 190 -6.20 -2.65 -17.56
N LEU D 191 -6.09 -3.10 -16.31
CA LEU D 191 -7.31 -3.35 -15.52
C LEU D 191 -8.08 -2.05 -15.31
N ALA D 192 -7.36 -0.94 -15.26
CA ALA D 192 -7.99 0.35 -15.01
C ALA D 192 -8.84 0.83 -16.18
N THR D 193 -8.68 0.20 -17.34
CA THR D 193 -9.47 0.59 -18.52
C THR D 193 -10.92 0.14 -18.44
N ASP D 194 -11.27 -0.67 -17.44
CA ASP D 194 -12.68 -1.04 -17.24
C ASP D 194 -13.40 0.19 -16.70
N LEU D 195 -14.34 0.77 -17.46
CA LEU D 195 -15.03 1.96 -16.97
C LEU D 195 -15.71 1.76 -15.60
N ALA D 196 -16.09 0.53 -15.28
CA ALA D 196 -16.62 0.25 -13.94
C ALA D 196 -15.57 0.57 -12.88
N HIS D 197 -14.31 0.26 -13.18
CA HIS D 197 -13.21 0.57 -12.26
C HIS D 197 -13.07 2.10 -12.13
N HIS D 198 -13.03 2.77 -13.27
CA HIS D 198 -12.97 4.23 -13.27
C HIS D 198 -14.07 4.85 -12.42
N LEU D 199 -15.31 4.44 -12.61
CA LEU D 199 -16.41 5.02 -11.84
C LEU D 199 -16.26 4.75 -10.35
N ARG D 200 -15.69 3.60 -10.00
CA ARG D 200 -15.47 3.25 -8.60
C ARG D 200 -14.39 4.14 -7.99
N ILE D 201 -13.34 4.44 -8.73
CA ILE D 201 -12.22 5.21 -8.17
C ILE D 201 -12.32 6.71 -8.42
N PHE D 202 -13.36 7.16 -9.12
CA PHE D 202 -13.43 8.58 -9.50
C PHE D 202 -13.32 9.47 -8.26
N LYS D 203 -13.95 9.05 -7.15
CA LYS D 203 -13.87 9.83 -5.92
C LYS D 203 -12.42 9.97 -5.40
N ASP D 204 -11.60 8.94 -5.57
CA ASP D 204 -10.19 8.99 -5.17
C ASP D 204 -9.39 9.94 -6.09
N LEU D 205 -9.69 9.89 -7.39
CA LEU D 205 -9.09 10.85 -8.33
C LEU D 205 -9.43 12.28 -7.91
N GLN D 206 -10.70 12.51 -7.58
CA GLN D 206 -11.16 13.83 -7.12
C GLN D 206 -10.39 14.24 -5.86
N LYS D 207 -10.25 13.32 -4.91
CA LYS D 207 -9.56 13.63 -3.66
C LYS D 207 -8.12 14.03 -3.93
N MET D 208 -7.47 13.32 -4.84
CA MET D 208 -6.08 13.63 -5.19
C MET D 208 -5.98 15.03 -5.78
N ALA D 209 -6.90 15.36 -6.68
CA ALA D 209 -6.91 16.69 -7.27
C ALA D 209 -7.15 17.76 -6.21
N GLU D 210 -7.95 17.43 -5.20
CA GLU D 210 -8.28 18.35 -4.11
C GLU D 210 -7.09 18.66 -3.21
N VAL D 211 -6.39 17.63 -2.78
CA VAL D 211 -5.28 17.85 -1.84
C VAL D 211 -4.03 18.25 -2.62
N GLY D 212 -4.04 18.00 -3.93
CA GLY D 212 -2.92 18.31 -4.78
C GLY D 212 -2.03 17.11 -4.93
N TYR D 213 -1.53 16.90 -6.15
CA TYR D 213 -0.68 15.76 -6.45
C TYR D 213 0.60 15.79 -5.61
N ASP D 214 0.92 14.64 -5.02
CA ASP D 214 2.09 14.44 -4.17
C ASP D 214 3.02 13.45 -4.87
N ARG D 215 4.10 13.96 -5.45
CA ARG D 215 5.09 13.15 -6.15
C ARG D 215 5.64 11.99 -5.34
N ASN D 216 5.60 12.08 -4.01
CA ASN D 216 6.16 11.04 -3.15
C ASN D 216 5.12 10.10 -2.57
N ASN D 217 3.92 10.16 -3.13
CA ASN D 217 2.82 9.29 -2.73
C ASN D 217 2.61 8.24 -3.82
N LYS D 218 2.95 6.99 -3.53
CA LYS D 218 2.84 5.95 -4.56
C LYS D 218 1.39 5.75 -5.02
N GLN D 219 0.44 6.06 -4.13
CA GLN D 219 -0.98 5.91 -4.49
C GLN D 219 -1.34 6.96 -5.54
N HIS D 220 -0.76 8.15 -5.40
CA HIS D 220 -1.05 9.22 -6.35
C HIS D 220 -0.53 8.84 -7.72
N HIS D 221 0.67 8.27 -7.79
CA HIS D 221 1.20 7.80 -9.07
C HIS D 221 0.22 6.82 -9.75
N ARG D 222 -0.26 5.85 -8.98
CA ARG D 222 -1.15 4.83 -9.53
C ARG D 222 -2.45 5.45 -10.01
N LEU D 223 -3.00 6.36 -9.21
CA LEU D 223 -4.23 7.04 -9.59
C LEU D 223 -4.05 7.88 -10.84
N LEU D 224 -2.93 8.60 -10.90
CA LEU D 224 -2.68 9.46 -12.06
C LEU D 224 -2.56 8.60 -13.33
N LEU D 225 -1.87 7.46 -13.19
CA LEU D 225 -1.74 6.51 -14.28
C LEU D 225 -3.12 6.01 -14.76
N CYS D 226 -4.03 5.78 -13.82
CA CYS D 226 -5.39 5.40 -14.21
C CYS D 226 -6.06 6.52 -15.00
N LEU D 227 -5.97 7.75 -14.49
CA LEU D 227 -6.60 8.91 -15.11
C LEU D 227 -6.08 9.12 -16.53
N LEU D 228 -4.77 9.04 -16.67
CA LEU D 228 -4.15 9.24 -17.97
C LEU D 228 -4.58 8.14 -18.91
N MET D 229 -4.61 6.90 -18.43
CA MET D 229 -5.04 5.79 -19.26
C MET D 229 -6.46 6.03 -19.75
N THR D 230 -7.35 6.44 -18.84
CA THR D 230 -8.72 6.67 -19.28
C THR D 230 -8.77 7.85 -20.24
N SER D 231 -7.94 8.88 -19.98
CA SER D 231 -7.86 10.05 -20.86
C SER D 231 -7.44 9.65 -22.26
N CYS D 232 -6.56 8.66 -22.35
CA CYS D 232 -6.13 8.14 -23.64
C CYS D 232 -7.24 7.35 -24.34
N ASP D 233 -7.92 6.46 -23.60
CA ASP D 233 -8.98 5.60 -24.12
C ASP D 233 -10.12 6.44 -24.75
N LEU D 234 -10.37 7.62 -24.19
CA LEU D 234 -11.49 8.45 -24.62
C LEU D 234 -11.07 9.63 -25.51
N SER D 235 -9.80 9.62 -25.93
CA SER D 235 -9.24 10.78 -26.62
C SER D 235 -9.85 11.11 -28.00
N ASP D 236 -10.62 10.21 -28.60
CA ASP D 236 -11.34 10.56 -29.85
C ASP D 236 -12.26 11.75 -29.61
N GLN D 237 -12.66 11.95 -28.35
CA GLN D 237 -13.57 13.04 -28.04
C GLN D 237 -12.88 14.42 -28.01
N THR D 238 -11.55 14.43 -28.04
CA THR D 238 -10.77 15.67 -27.99
C THR D 238 -10.30 16.18 -29.36
N LYS D 239 -10.73 15.53 -30.42
CA LYS D 239 -10.38 15.99 -31.76
C LYS D 239 -11.46 16.94 -32.26
N GLY D 240 -11.72 16.94 -33.57
CA GLY D 240 -12.75 17.78 -34.16
C GLY D 240 -14.10 17.08 -34.22
N TRP D 241 -15.10 17.73 -34.81
CA TRP D 241 -16.44 17.17 -34.90
C TRP D 241 -16.50 15.89 -35.73
N LYS D 242 -15.85 15.92 -36.89
CA LYS D 242 -15.77 14.78 -37.79
C LYS D 242 -15.38 13.51 -37.03
N THR D 243 -14.37 13.64 -36.19
CA THR D 243 -13.89 12.49 -35.43
C THR D 243 -14.94 11.99 -34.44
N THR D 244 -15.54 12.88 -33.66
CA THR D 244 -16.46 12.41 -32.63
C THR D 244 -17.68 11.80 -33.33
N ARG D 245 -18.04 12.34 -34.49
CA ARG D 245 -19.17 11.84 -35.26
C ARG D 245 -18.91 10.44 -35.80
N LYS D 246 -17.74 10.28 -36.43
CA LYS D 246 -17.32 9.00 -36.98
C LYS D 246 -17.20 7.91 -35.92
N ILE D 247 -16.69 8.29 -34.76
CA ILE D 247 -16.47 7.29 -33.69
C ILE D 247 -17.81 6.92 -33.07
N ALA D 248 -18.75 7.86 -33.07
CA ALA D 248 -20.13 7.52 -32.65
C ALA D 248 -20.71 6.45 -33.58
N GLU D 249 -20.53 6.62 -34.89
CA GLU D 249 -20.97 5.61 -35.86
C GLU D 249 -20.39 4.24 -35.54
N LEU D 250 -19.10 4.19 -35.26
CA LEU D 250 -18.40 2.91 -35.05
C LEU D 250 -18.83 2.29 -33.74
N ILE D 251 -18.87 3.10 -32.69
CA ILE D 251 -19.27 2.65 -31.37
C ILE D 251 -20.68 2.06 -31.39
N TYR D 252 -21.63 2.78 -31.98
CA TYR D 252 -22.99 2.31 -31.88
C TYR D 252 -23.19 1.11 -32.80
N LYS D 253 -22.49 1.09 -33.93
CA LYS D 253 -22.54 -0.07 -34.82
C LYS D 253 -22.16 -1.29 -33.98
N GLU D 254 -21.09 -1.14 -33.22
CA GLU D 254 -20.59 -2.22 -32.39
C GLU D 254 -21.58 -2.56 -31.28
N PHE D 255 -22.04 -1.55 -30.54
CA PHE D 255 -23.03 -1.73 -29.48
C PHE D 255 -24.28 -2.45 -29.99
N PHE D 256 -24.80 -1.96 -31.12
CA PHE D 256 -26.05 -2.50 -31.65
C PHE D 256 -25.90 -3.95 -32.11
N SER D 257 -24.72 -4.32 -32.60
CA SER D 257 -24.48 -5.71 -32.94
C SER D 257 -24.51 -6.60 -31.71
N GLN D 258 -24.02 -6.10 -30.58
CA GLN D 258 -24.16 -6.85 -29.34
C GLN D 258 -25.62 -6.97 -28.96
N GLY D 259 -26.35 -5.86 -29.02
CA GLY D 259 -27.75 -5.87 -28.67
C GLY D 259 -28.55 -6.86 -29.49
N ASP D 260 -28.30 -6.88 -30.80
CA ASP D 260 -28.91 -7.85 -31.69
C ASP D 260 -28.69 -9.29 -31.19
N LEU D 261 -27.45 -9.63 -30.88
CA LEU D 261 -27.13 -10.95 -30.34
C LEU D 261 -27.90 -11.25 -29.04
N GLU D 262 -27.89 -10.29 -28.13
CA GLU D 262 -28.58 -10.46 -26.86
C GLU D 262 -30.06 -10.78 -27.07
N LYS D 263 -30.72 -10.01 -27.93
CA LYS D 263 -32.14 -10.27 -28.21
C LYS D 263 -32.31 -11.68 -28.74
N ALA D 264 -31.43 -12.10 -29.66
CA ALA D 264 -31.49 -13.44 -30.23
C ALA D 264 -31.32 -14.51 -29.17
N MET D 265 -30.59 -14.19 -28.11
CA MET D 265 -30.39 -15.10 -26.98
C MET D 265 -31.59 -15.09 -26.04
N GLY D 266 -32.51 -14.16 -26.27
CA GLY D 266 -33.67 -14.01 -25.42
C GLY D 266 -33.36 -13.10 -24.24
N ASN D 267 -32.28 -12.34 -24.35
CA ASN D 267 -31.89 -11.39 -23.31
C ASN D 267 -32.28 -9.97 -23.71
N ARG D 268 -32.43 -9.09 -22.73
CA ARG D 268 -32.77 -7.71 -23.00
C ARG D 268 -31.52 -6.85 -22.92
N PRO D 269 -31.12 -6.25 -24.05
CA PRO D 269 -29.90 -5.44 -24.07
C PRO D 269 -30.11 -4.16 -23.29
N MET D 270 -29.01 -3.61 -22.80
CA MET D 270 -29.05 -2.29 -22.23
C MET D 270 -29.58 -1.34 -23.30
N GLU D 271 -30.09 -0.20 -22.87
CA GLU D 271 -30.68 0.75 -23.80
C GLU D 271 -29.73 1.14 -24.93
N MET D 272 -28.48 1.44 -24.59
CA MET D 272 -27.55 2.00 -25.56
C MET D 272 -27.08 0.98 -26.58
N MET D 273 -27.46 -0.29 -26.38
CA MET D 273 -27.08 -1.34 -27.33
C MET D 273 -28.30 -1.87 -28.06
N ASP D 274 -29.45 -1.29 -27.75
CA ASP D 274 -30.69 -1.67 -28.41
C ASP D 274 -31.00 -0.66 -29.50
N ARG D 275 -30.86 -1.06 -30.76
CA ARG D 275 -31.04 -0.14 -31.88
C ARG D 275 -32.48 0.40 -31.99
N GLU D 276 -33.42 -0.22 -31.29
CA GLU D 276 -34.81 0.25 -31.33
C GLU D 276 -35.09 1.28 -30.25
N LYS D 277 -34.19 1.38 -29.28
CA LYS D 277 -34.36 2.27 -28.14
C LYS D 277 -33.29 3.34 -28.05
N ALA D 278 -32.09 3.07 -28.54
CA ALA D 278 -30.98 4.00 -28.35
C ALA D 278 -31.21 5.29 -29.11
N TYR D 279 -31.20 6.41 -28.39
CA TYR D 279 -31.30 7.73 -28.98
C TYR D 279 -29.90 8.36 -28.91
N ILE D 280 -29.16 8.22 -30.00
CA ILE D 280 -27.72 8.52 -30.01
C ILE D 280 -27.32 9.93 -29.52
N PRO D 281 -28.05 11.01 -29.92
CA PRO D 281 -27.66 12.32 -29.39
C PRO D 281 -27.62 12.37 -27.86
N GLU D 282 -28.67 11.90 -27.20
CA GLU D 282 -28.73 12.02 -25.75
C GLU D 282 -27.70 11.07 -25.11
N LEU D 283 -27.52 9.90 -25.70
CA LEU D 283 -26.53 8.93 -25.21
C LEU D 283 -25.10 9.46 -25.39
N GLN D 284 -24.82 10.04 -26.56
CA GLN D 284 -23.50 10.61 -26.82
C GLN D 284 -23.24 11.80 -25.91
N ILE D 285 -24.24 12.66 -25.77
CA ILE D 285 -24.09 13.85 -24.93
C ILE D 285 -23.93 13.46 -23.45
N SER D 286 -24.66 12.43 -23.02
CA SER D 286 -24.50 11.97 -21.64
C SER D 286 -23.11 11.37 -21.40
N PHE D 287 -22.62 10.60 -22.36
CA PHE D 287 -21.27 10.06 -22.25
C PHE D 287 -20.24 11.18 -22.13
N MET D 288 -20.44 12.25 -22.90
CA MET D 288 -19.44 13.31 -22.96
C MET D 288 -19.49 14.14 -21.68
N GLU D 289 -20.70 14.49 -21.25
CA GLU D 289 -20.91 15.31 -20.06
C GLU D 289 -20.56 14.60 -18.76
N HIS D 290 -20.86 13.31 -18.66
CA HIS D 290 -20.79 12.66 -17.35
C HIS D 290 -19.66 11.65 -17.24
N ILE D 291 -19.05 11.31 -18.36
CA ILE D 291 -17.86 10.45 -18.31
C ILE D 291 -16.60 11.17 -18.85
N ALA D 292 -16.64 11.64 -20.09
CA ALA D 292 -15.46 12.24 -20.70
C ALA D 292 -15.08 13.59 -20.07
N MET D 293 -16.02 14.53 -20.00
CA MET D 293 -15.65 15.87 -19.50
C MET D 293 -15.10 15.87 -18.06
N PRO D 294 -15.69 15.08 -17.14
CA PRO D 294 -15.10 15.04 -15.79
C PRO D 294 -13.65 14.52 -15.76
N ILE D 295 -13.33 13.59 -16.66
CA ILE D 295 -11.96 13.09 -16.76
C ILE D 295 -11.03 14.21 -17.22
N TYR D 296 -11.41 14.93 -18.28
CA TYR D 296 -10.51 15.96 -18.79
C TYR D 296 -10.52 17.18 -17.88
N LYS D 297 -11.54 17.31 -17.05
CA LYS D 297 -11.58 18.38 -16.05
C LYS D 297 -10.54 18.11 -14.95
N LEU D 298 -10.50 16.86 -14.50
CA LEU D 298 -9.45 16.39 -13.59
C LEU D 298 -8.07 16.58 -14.21
N LEU D 299 -7.94 16.23 -15.48
CA LEU D 299 -6.67 16.32 -16.17
C LEU D 299 -6.22 17.78 -16.19
N GLN D 300 -7.14 18.69 -16.50
CA GLN D 300 -6.83 20.12 -16.48
C GLN D 300 -6.48 20.64 -15.08
N ASP D 301 -7.12 20.10 -14.04
CA ASP D 301 -6.78 20.48 -12.67
C ASP D 301 -5.34 20.13 -12.37
N LEU D 302 -4.92 18.96 -12.85
CA LEU D 302 -3.59 18.45 -12.53
C LEU D 302 -2.51 18.98 -13.47
N PHE D 303 -2.92 19.32 -14.70
CA PHE D 303 -2.02 19.84 -15.73
C PHE D 303 -2.69 21.03 -16.41
N PRO D 304 -2.31 22.25 -16.05
CA PRO D 304 -2.92 23.46 -16.63
C PRO D 304 -2.90 23.46 -18.16
N LYS D 305 -1.85 22.89 -18.75
CA LYS D 305 -1.72 22.84 -20.20
C LYS D 305 -2.72 21.88 -20.86
N ALA D 306 -3.49 21.15 -20.06
CA ALA D 306 -4.45 20.20 -20.61
C ALA D 306 -5.83 20.85 -20.83
N ALA D 307 -5.95 22.13 -20.48
CA ALA D 307 -7.22 22.84 -20.55
C ALA D 307 -7.87 22.80 -21.94
N GLU D 308 -7.07 22.88 -23.00
CA GLU D 308 -7.66 22.87 -24.34
C GLU D 308 -8.35 21.55 -24.66
N LEU D 309 -7.90 20.45 -24.05
CA LEU D 309 -8.55 19.16 -24.23
C LEU D 309 -9.95 19.17 -23.62
N TYR D 310 -10.07 19.67 -22.40
CA TYR D 310 -11.40 19.81 -21.79
C TYR D 310 -12.27 20.72 -22.66
N GLU D 311 -11.72 21.87 -23.03
CA GLU D 311 -12.49 22.82 -23.84
C GLU D 311 -12.96 22.21 -25.15
N ARG D 312 -12.13 21.37 -25.77
CA ARG D 312 -12.55 20.76 -27.04
C ARG D 312 -13.68 19.76 -26.82
N VAL D 313 -13.56 18.91 -25.82
CA VAL D 313 -14.66 17.96 -25.54
C VAL D 313 -15.96 18.71 -25.29
N ALA D 314 -15.87 19.78 -24.52
CA ALA D 314 -17.01 20.65 -24.27
C ALA D 314 -17.56 21.22 -25.58
N SER D 315 -16.66 21.65 -26.46
CA SER D 315 -17.07 22.20 -27.75
C SER D 315 -17.70 21.14 -28.64
N ASN D 316 -17.16 19.93 -28.62
CA ASN D 316 -17.73 18.84 -29.39
C ASN D 316 -19.10 18.42 -28.85
N ARG D 317 -19.30 18.57 -27.56
CA ARG D 317 -20.58 18.25 -26.95
C ARG D 317 -21.64 19.25 -27.36
N GLU D 318 -21.29 20.54 -27.32
CA GLU D 318 -22.26 21.54 -27.72
C GLU D 318 -22.61 21.34 -29.20
N HIS D 319 -21.67 20.82 -29.97
CA HIS D 319 -21.98 20.56 -31.37
C HIS D 319 -23.04 19.47 -31.51
N TRP D 320 -22.92 18.43 -30.69
CA TRP D 320 -23.91 17.37 -30.66
C TRP D 320 -25.27 17.92 -30.29
N THR D 321 -25.31 18.83 -29.31
CA THR D 321 -26.56 19.47 -28.91
C THR D 321 -27.20 20.20 -30.09
N LYS D 322 -26.39 20.87 -30.88
CA LYS D 322 -26.92 21.69 -31.98
C LYS D 322 -27.37 20.88 -33.19
N VAL D 323 -26.86 19.66 -33.35
CA VAL D 323 -27.32 18.80 -34.43
C VAL D 323 -28.31 17.74 -33.94
N SER D 324 -28.68 17.81 -32.66
CA SER D 324 -29.59 16.83 -32.09
C SER D 324 -30.94 16.79 -32.83
N HIS D 325 -31.47 17.97 -33.15
CA HIS D 325 -32.79 18.07 -33.75
C HIS D 325 -32.91 17.32 -35.07
N LYS D 326 -31.77 17.06 -35.71
CA LYS D 326 -31.75 16.42 -37.02
C LYS D 326 -32.21 14.96 -36.95
N PHE D 327 -32.19 14.40 -35.74
CA PHE D 327 -32.60 13.01 -35.52
C PHE D 327 -34.12 12.88 -35.49
N THR D 328 -34.80 14.02 -35.52
CA THR D 328 -36.26 14.06 -35.63
C THR D 328 -36.60 14.32 -37.10
N ILE D 329 -37.33 13.41 -37.74
CA ILE D 329 -37.66 13.59 -39.13
C ILE D 329 -38.81 14.57 -39.26
N ARG D 330 -38.48 15.77 -39.70
CA ARG D 330 -39.52 16.72 -40.07
C ARG D 330 -39.71 16.70 -41.57
N GLY D 331 -40.91 17.04 -42.01
CA GLY D 331 -41.27 16.88 -43.41
C GLY D 331 -41.17 15.41 -43.75
N LEU D 332 -40.80 15.12 -45.01
CA LEU D 332 -40.57 13.75 -45.44
C LEU D 332 -39.09 13.42 -45.28
N PRO D 333 -38.75 12.12 -45.24
CA PRO D 333 -37.34 11.72 -45.29
C PRO D 333 -36.70 12.16 -46.59
N SER D 334 -35.39 12.01 -46.73
CA SER D 334 -34.68 12.43 -47.92
C SER D 334 -35.26 11.81 -49.20
N ASN D 335 -35.69 10.55 -49.12
CA ASN D 335 -36.19 9.87 -50.30
C ASN D 335 -37.66 10.14 -50.60
N ASN D 336 -38.23 11.12 -49.89
CA ASN D 336 -39.62 11.51 -50.11
C ASN D 336 -40.63 10.40 -49.88
N SER D 337 -40.29 9.43 -49.04
CA SER D 337 -41.13 8.24 -48.91
C SER D 337 -41.47 7.90 -47.46
N LEU D 338 -42.69 7.42 -47.23
CA LEU D 338 -43.07 6.98 -45.90
C LEU D 338 -43.01 5.47 -45.73
N ASP D 339 -42.31 4.80 -46.64
CA ASP D 339 -42.24 3.34 -46.63
C ASP D 339 -41.56 2.80 -45.38
N PHE D 340 -40.76 3.63 -44.71
CA PHE D 340 -40.04 3.17 -43.53
C PHE D 340 -40.99 2.92 -42.35
N LEU D 341 -42.20 3.45 -42.44
CA LEU D 341 -43.23 3.22 -41.43
C LEU D 341 -43.73 1.78 -41.40
N ASP D 342 -43.49 1.04 -42.49
CA ASP D 342 -43.97 -0.34 -42.60
C ASP D 342 -42.97 -1.33 -42.00
C4 EOJ E . -5.17 34.72 10.52
C5 EOJ E . -6.46 34.77 9.73
C6 EOJ E . -8.27 33.86 11.79
C7 EOJ E . -7.69 35.25 11.84
C8 EOJ E . -6.38 35.22 12.60
C13 EOJ E . -4.87 36.79 4.04
C15 EOJ E . -4.11 35.19 5.67
C17 EOJ E . -6.34 36.09 5.80
C20 EOJ E . -2.50 36.71 2.77
C22 EOJ E . -5.54 34.48 7.47
C26 EOJ E . -1.16 34.14 4.94
C28 EOJ E . 0.23 33.20 6.66
C29 EOJ E . -0.46 32.01 6.60
C27 EOJ E . -0.11 34.26 5.84
C12 EOJ E . -6.10 36.85 4.67
C30 EOJ E . -1.50 31.88 5.70
C16 EOJ E . -5.34 35.27 6.27
C14 EOJ E . -3.91 35.95 4.54
C31 EOJ E . -1.85 32.94 4.89
C25 EOJ E . -1.51 35.23 4.04
C19 EOJ E . -3.55 37.55 2.30
C9 EOJ E . -6.02 32.89 11.89
C11 EOJ E . -7.42 35.71 10.42
C1 EOJ E . -7.07 33.40 9.70
C2 EOJ E . -7.32 32.91 11.11
C3 EOJ E . -5.41 34.27 11.93
C34 EOJ E . -3.29 38.37 1.08
N24 EOJ E . -0.66 35.61 3.09
N23 EOJ E . -1.27 36.56 2.30
N18 EOJ E . -4.69 37.59 2.90
N21 EOJ E . -2.68 35.92 3.87
N10 EOJ E . -6.16 35.27 8.41
O33 EOJ E . -5.14 33.34 7.60
CL3 EOJ E . -3.17 32.67 3.81
ZN ZN F . 3.97 31.12 3.56
MG MG G . 2.40 28.64 6.22
C4 EOJ H . 11.39 4.83 34.61
C5 EOJ H . 12.88 4.81 34.83
C6 EOJ H . 13.18 7.51 35.89
C7 EOJ H . 12.58 6.41 36.72
C8 EOJ H . 11.09 6.39 36.47
C13 EOJ H . 14.81 -0.98 33.14
C15 EOJ H . 13.42 0.79 32.29
C17 EOJ H . 14.92 1.22 34.09
C20 EOJ H . 13.76 -2.73 31.38
C22 EOJ H . 13.46 3.02 33.20
C26 EOJ H . 11.72 -0.23 29.78
C28 EOJ H . 9.70 0.92 29.26
C29 EOJ H . 10.39 1.90 28.61
C27 EOJ H . 10.35 -0.15 29.85
C12 EOJ H . 15.35 -0.10 34.05
C30 EOJ H . 11.77 1.83 28.52
C16 EOJ H . 13.97 1.65 33.20
C14 EOJ H . 13.85 -0.51 32.27
C31 EOJ H . 12.42 0.78 29.11
C25 EOJ H . 12.41 -1.36 30.35
C19 EOJ H . 14.76 -3.15 32.31
C9 EOJ H . 11.45 7.27 34.19
C11 EOJ H . 13.16 5.08 36.29
C1 EOJ H . 13.51 5.92 34.02
C2 EOJ H . 12.95 7.27 34.42
C3 EOJ H . 10.81 6.17 35.01
C34 EOJ H . 15.21 -4.57 32.28
N24 EOJ H . 12.29 -2.55 29.81
N23 EOJ H . 13.13 -3.42 30.47
N18 EOJ H . 15.26 -2.30 33.16
N21 EOJ H . 13.33 -1.42 31.37
N10 EOJ H . 13.38 3.50 34.50
O33 EOJ H . 13.09 3.58 32.18
CL3 EOJ H . 14.14 0.73 28.97
ZN ZN I . 9.06 -1.46 24.28
MG MG J . 8.93 2.48 24.23
C4 EOJ K . 1.91 -25.66 4.40
C5 EOJ K . 3.26 -26.26 4.77
C6 EOJ K . 4.45 -23.92 6.05
C7 EOJ K . 3.36 -24.71 6.73
C8 EOJ K . 2.03 -24.13 6.34
C13 EOJ K . 3.68 -32.29 3.15
C15 EOJ K . 2.61 -30.31 2.30
C17 EOJ K . 4.40 -30.15 3.91
C20 EOJ K . 2.09 -33.87 1.67
C22 EOJ K . 3.34 -28.10 3.10
C26 EOJ K . 0.35 -31.20 0.02
C28 EOJ K . -1.53 -29.86 -0.56
C29 EOJ K . -0.73 -29.04 -1.32
C27 EOJ K . -1.01 -30.95 0.10
C12 EOJ K . 4.51 -31.52 3.93
C30 EOJ K . 0.63 -29.28 -1.43
C16 EOJ K . 3.45 -29.56 3.09
C14 EOJ K . 2.74 -31.68 2.34
C31 EOJ K . 1.14 -30.37 -0.74
C25 EOJ K . 0.92 -32.36 0.65
C19 EOJ K . 3.08 -34.43 2.53
C9 EOJ K . 2.91 -23.43 4.17
C11 EOJ K . 3.43 -26.15 6.27
C1 EOJ K . 4.34 -25.43 4.10
C2 EOJ K . 4.27 -23.99 4.56
C3 EOJ K . 1.83 -24.22 4.85
C34 EOJ K . 3.19 -35.91 2.55
N24 EOJ K . 0.51 -33.54 0.26
N23 EOJ K . 1.24 -34.50 0.90
N18 EOJ K . 3.85 -33.68 3.24
N21 EOJ K . 1.93 -32.52 1.57
N10 EOJ K . 3.36 -27.64 4.39
O33 EOJ K . 3.16 -27.44 2.08
CL3 EOJ K . 2.82 -30.70 -0.85
ZN ZN L . -3.31 -32.39 -4.84
MG MG M . -2.51 -28.54 -5.52
C4 EOJ N . -22.38 2.16 -19.73
C5 EOJ N . -21.50 3.35 -19.47
C6 EOJ N . -21.86 3.51 -16.58
C7 EOJ N . -21.00 2.44 -17.23
C8 EOJ N . -21.89 1.24 -17.50
C13 EOJ N . -19.62 5.53 -25.05
C15 EOJ N . -18.74 4.00 -23.38
C17 EOJ N . -21.05 4.68 -23.37
C20 EOJ N . -17.19 5.71 -26.21
C22 EOJ N . -20.25 3.15 -21.64
C26 EOJ N . -15.61 3.34 -24.03
C28 EOJ N . -14.08 2.61 -22.37
C29 EOJ N . -14.61 1.34 -22.42
C27 EOJ N . -14.56 3.61 -23.18
C12 EOJ N . -20.86 5.46 -24.47
C30 EOJ N . -15.65 1.06 -23.27
C16 EOJ N . -20.00 3.97 -22.84
C14 EOJ N . -18.58 4.80 -24.50
C31 EOJ N . -16.14 2.07 -24.07
C25 EOJ N . -16.09 4.37 -24.92
C19 EOJ N . -18.31 6.44 -26.73
C9 EOJ N . -23.83 2.74 -17.82
C11 EOJ N . -20.40 2.96 -18.52
C1 EOJ N . -22.32 4.43 -18.79
C2 EOJ N . -22.95 3.92 -17.51
C3 EOJ N . -23.00 1.64 -18.46
C34 EOJ N . -18.08 7.29 -27.93
N24 EOJ N . -15.26 4.84 -25.83
N23 EOJ N . -15.96 5.71 -26.64
N18 EOJ N . -19.47 6.34 -26.17
N21 EOJ N . -17.33 4.91 -25.12
N10 EOJ N . -21.02 3.87 -20.75
O33 EOJ N . -19.78 2.04 -21.54
CL3 EOJ N . -17.43 1.71 -25.14
ZN ZN O . -9.96 1.07 -25.45
MG MG P . -11.22 -1.81 -23.13
#